data_2L9W
#
_entry.id   2L9W
#
_entity_poly.entity_id   1
_entity_poly.type   'polypeptide(L)'
_entity_poly.pdbx_seq_one_letter_code
;MFLERNEVKRLLASRNSKELETLICLFPLSDKVSPSLICQFLQEEIHINEKDIRKILLVSDFNGAIIIFRDSKFAAKMLM
ILNGSQFQGKVIRSGTINDMKRYYNNQQNHWHHHHHH
;
_entity_poly.pdbx_strand_id   A
#
# COMPACT_ATOMS: atom_id res chain seq x y z
N PHE A 2 -3.95 17.47 -4.91
CA PHE A 2 -5.11 17.17 -4.06
C PHE A 2 -4.73 17.35 -2.58
N LEU A 3 -5.19 16.44 -1.73
CA LEU A 3 -4.90 16.54 -0.31
C LEU A 3 -4.36 15.21 0.21
N GLU A 4 -3.92 14.36 -0.71
CA GLU A 4 -3.41 13.05 -0.36
C GLU A 4 -2.07 13.16 0.36
N ARG A 5 -1.18 13.94 -0.22
CA ARG A 5 0.16 14.15 0.31
C ARG A 5 0.17 14.57 1.78
N ASN A 6 -0.89 15.25 2.20
CA ASN A 6 -0.97 15.74 3.56
C ASN A 6 -1.18 14.56 4.49
N GLU A 7 -1.98 13.62 4.03
CA GLU A 7 -2.29 12.44 4.80
C GLU A 7 -1.19 11.38 4.62
N VAL A 8 -0.56 11.30 3.44
CA VAL A 8 0.52 10.32 3.27
C VAL A 8 1.64 10.67 4.24
N LYS A 9 1.82 11.98 4.46
CA LYS A 9 2.84 12.45 5.38
C LYS A 9 2.40 12.21 6.82
N ARG A 10 1.19 12.66 7.15
CA ARG A 10 0.62 12.48 8.48
C ARG A 10 0.48 11.01 8.84
N LEU A 11 0.35 10.16 7.83
CA LEU A 11 0.20 8.74 8.04
C LEU A 11 1.57 8.12 8.21
N LEU A 12 2.54 8.68 7.49
CA LEU A 12 3.93 8.24 7.56
C LEU A 12 4.46 8.40 8.98
N ALA A 13 4.05 9.51 9.60
CA ALA A 13 4.51 9.85 10.93
C ALA A 13 3.56 9.37 12.04
N SER A 14 2.30 9.09 11.71
CA SER A 14 1.31 8.66 12.71
C SER A 14 1.90 7.63 13.68
N ARG A 15 1.72 7.88 14.97
CA ARG A 15 2.25 7.02 16.00
C ARG A 15 1.20 5.99 16.44
N ASN A 16 -0.05 6.25 16.09
CA ASN A 16 -1.14 5.34 16.43
C ASN A 16 -0.99 4.02 15.67
N SER A 17 -0.68 2.95 16.39
CA SER A 17 -0.49 1.65 15.76
C SER A 17 -1.83 1.01 15.41
N LYS A 18 -2.92 1.66 15.80
CA LYS A 18 -4.25 1.15 15.47
C LYS A 18 -4.47 1.43 13.97
N GLU A 19 -3.72 2.42 13.51
CA GLU A 19 -3.78 2.81 12.13
C GLU A 19 -3.00 1.79 11.32
N LEU A 20 -1.72 1.59 11.65
CA LEU A 20 -0.86 0.66 10.96
C LEU A 20 -1.39 -0.78 11.01
N GLU A 21 -2.43 -1.04 11.82
CA GLU A 21 -3.02 -2.37 11.84
C GLU A 21 -4.13 -2.40 10.81
N THR A 22 -5.09 -1.47 10.91
CA THR A 22 -6.17 -1.37 9.91
C THR A 22 -5.70 -0.71 8.62
N LEU A 23 -4.43 -0.87 8.30
CA LEU A 23 -3.87 -0.29 7.10
C LEU A 23 -2.46 -0.76 6.89
N ILE A 24 -2.03 -0.72 5.64
CA ILE A 24 -0.71 -1.13 5.25
C ILE A 24 -0.35 -0.42 3.95
N CYS A 25 0.90 -0.48 3.59
CA CYS A 25 1.37 0.10 2.35
C CYS A 25 1.69 -1.04 1.41
N LEU A 26 0.92 -1.11 0.32
CA LEU A 26 1.10 -2.16 -0.67
C LEU A 26 2.32 -1.83 -1.50
N PHE A 27 3.19 -2.82 -1.71
CA PHE A 27 4.40 -2.59 -2.47
C PHE A 27 4.54 -3.50 -3.71
N PRO A 28 3.55 -3.46 -4.62
CA PRO A 28 3.63 -4.18 -5.87
C PRO A 28 3.76 -3.23 -7.06
N LEU A 29 4.25 -2.04 -6.78
CA LEU A 29 4.39 -1.02 -7.81
C LEU A 29 5.79 -1.09 -8.37
N SER A 30 5.89 -1.65 -9.55
CA SER A 30 7.16 -1.84 -10.20
C SER A 30 7.49 -0.65 -11.10
N ASP A 31 8.61 -0.73 -11.79
CA ASP A 31 9.05 0.33 -12.69
C ASP A 31 8.12 0.41 -13.90
N LYS A 32 7.16 -0.50 -13.95
CA LYS A 32 6.19 -0.57 -15.03
C LYS A 32 4.78 -0.32 -14.50
N VAL A 33 4.66 0.02 -13.22
CA VAL A 33 3.37 0.24 -12.60
C VAL A 33 3.38 1.52 -11.77
N SER A 34 2.68 2.53 -12.28
CA SER A 34 2.61 3.84 -11.63
C SER A 34 1.27 4.11 -10.91
N PRO A 35 1.22 5.20 -10.09
CA PRO A 35 0.08 5.66 -9.26
C PRO A 35 -1.35 5.37 -9.79
N SER A 36 -1.70 5.81 -10.99
CA SER A 36 -3.05 5.57 -11.50
C SER A 36 -3.30 4.09 -11.69
N LEU A 37 -2.35 3.45 -12.36
CA LEU A 37 -2.37 2.02 -12.61
C LEU A 37 -2.56 1.25 -11.30
N ILE A 38 -2.12 1.87 -10.19
CA ILE A 38 -2.22 1.26 -8.89
C ILE A 38 -3.67 1.04 -8.50
N CYS A 39 -4.40 2.12 -8.57
CA CYS A 39 -5.77 2.13 -8.16
C CYS A 39 -6.60 1.23 -9.06
N GLN A 40 -6.39 1.33 -10.37
CA GLN A 40 -7.09 0.45 -11.30
C GLN A 40 -6.91 -0.99 -10.85
N PHE A 41 -5.66 -1.40 -10.78
CA PHE A 41 -5.20 -2.71 -10.33
C PHE A 41 -5.72 -3.04 -8.92
N LEU A 42 -5.98 -2.03 -8.10
CA LEU A 42 -6.44 -2.28 -6.76
C LEU A 42 -7.90 -2.70 -6.80
N GLN A 43 -8.67 -1.95 -7.56
CA GLN A 43 -10.08 -2.24 -7.74
C GLN A 43 -10.18 -3.43 -8.68
N GLU A 44 -9.08 -3.65 -9.40
CA GLU A 44 -8.96 -4.73 -10.35
C GLU A 44 -8.79 -6.09 -9.65
N GLU A 45 -7.87 -6.14 -8.68
CA GLU A 45 -7.55 -7.37 -7.97
C GLU A 45 -8.08 -7.40 -6.53
N ILE A 46 -7.85 -6.32 -5.78
CA ILE A 46 -8.26 -6.21 -4.37
C ILE A 46 -9.74 -5.92 -4.25
N HIS A 47 -10.39 -5.64 -5.38
CA HIS A 47 -11.83 -5.33 -5.41
C HIS A 47 -12.13 -4.14 -4.52
N ILE A 48 -11.15 -3.26 -4.42
CA ILE A 48 -11.26 -2.08 -3.59
C ILE A 48 -12.27 -1.09 -4.15
N ASN A 49 -13.09 -0.61 -3.25
CA ASN A 49 -14.10 0.39 -3.57
C ASN A 49 -14.26 1.31 -2.36
N GLU A 50 -15.35 2.07 -2.32
CA GLU A 50 -15.60 2.98 -1.21
C GLU A 50 -16.14 2.20 -0.01
N LYS A 51 -16.47 0.94 -0.27
CA LYS A 51 -17.02 0.06 0.76
C LYS A 51 -15.91 -0.66 1.53
N ASP A 52 -15.05 -1.42 0.84
CA ASP A 52 -13.99 -2.19 1.50
C ASP A 52 -12.82 -1.33 1.89
N ILE A 53 -12.72 -0.19 1.24
CA ILE A 53 -11.64 0.72 1.50
C ILE A 53 -12.16 1.92 2.26
N ARG A 54 -11.49 2.25 3.35
CA ARG A 54 -11.89 3.40 4.12
C ARG A 54 -11.37 4.62 3.38
N LYS A 55 -10.19 4.42 2.78
CA LYS A 55 -9.51 5.45 2.00
C LYS A 55 -8.25 4.85 1.41
N ILE A 56 -7.90 5.33 0.24
CA ILE A 56 -6.73 4.86 -0.47
C ILE A 56 -5.93 6.04 -1.01
N LEU A 57 -4.62 6.04 -0.81
CA LEU A 57 -3.78 7.12 -1.29
C LEU A 57 -2.55 6.53 -1.99
N LEU A 58 -2.11 7.17 -3.06
CA LEU A 58 -0.97 6.68 -3.83
C LEU A 58 0.33 7.25 -3.26
N VAL A 59 1.27 6.37 -2.96
CA VAL A 59 2.54 6.75 -2.37
C VAL A 59 3.70 6.53 -3.37
N SER A 60 3.96 7.52 -4.24
CA SER A 60 4.98 7.38 -5.29
C SER A 60 6.39 7.90 -4.95
N ASP A 61 6.78 7.95 -3.68
CA ASP A 61 8.14 8.44 -3.33
C ASP A 61 8.93 7.31 -2.68
N PHE A 62 8.38 6.11 -2.85
CA PHE A 62 8.87 4.84 -2.29
C PHE A 62 7.91 3.76 -2.73
N ASN A 63 7.43 3.95 -3.94
CA ASN A 63 6.42 3.11 -4.58
C ASN A 63 5.61 2.23 -3.67
N GLY A 64 4.63 2.82 -3.03
CA GLY A 64 3.71 2.06 -2.23
C GLY A 64 2.32 2.61 -2.34
N ALA A 65 1.37 1.94 -1.74
CA ALA A 65 0.00 2.40 -1.76
C ALA A 65 -0.59 2.23 -0.37
N ILE A 66 -0.99 3.34 0.25
CA ILE A 66 -1.54 3.24 1.58
C ILE A 66 -3.02 2.92 1.49
N ILE A 67 -3.39 1.83 2.13
CA ILE A 67 -4.75 1.32 2.10
C ILE A 67 -5.20 0.87 3.47
N ILE A 68 -6.35 1.40 3.84
CA ILE A 68 -7.02 1.03 5.06
C ILE A 68 -8.24 0.21 4.63
N PHE A 69 -8.18 -1.13 4.67
CA PHE A 69 -9.39 -1.89 4.36
C PHE A 69 -10.39 -1.61 5.49
N ARG A 70 -11.34 -2.47 5.74
CA ARG A 70 -12.31 -2.13 6.77
C ARG A 70 -11.88 -2.50 8.20
N ASP A 71 -11.01 -3.48 8.36
CA ASP A 71 -10.59 -3.82 9.73
C ASP A 71 -9.16 -4.37 9.78
N SER A 72 -8.52 -4.10 10.90
CA SER A 72 -7.14 -4.48 11.19
C SER A 72 -6.83 -5.95 10.91
N LYS A 73 -7.75 -6.85 11.22
CA LYS A 73 -7.52 -8.27 10.98
C LYS A 73 -7.34 -8.59 9.50
N PHE A 74 -8.11 -7.92 8.65
CA PHE A 74 -8.07 -8.19 7.22
C PHE A 74 -6.91 -7.50 6.53
N ALA A 75 -6.55 -6.31 7.01
CA ALA A 75 -5.45 -5.56 6.43
C ALA A 75 -4.15 -6.36 6.50
N ALA A 76 -3.89 -6.94 7.66
CA ALA A 76 -2.66 -7.69 7.83
C ALA A 76 -2.81 -9.09 7.25
N LYS A 77 -4.00 -9.66 7.40
CA LYS A 77 -4.28 -10.99 6.89
C LYS A 77 -4.20 -10.99 5.36
N MET A 78 -4.65 -9.90 4.73
CA MET A 78 -4.64 -9.86 3.28
C MET A 78 -3.23 -9.57 2.83
N LEU A 79 -2.52 -8.70 3.57
CA LEU A 79 -1.11 -8.44 3.31
C LEU A 79 -0.37 -9.76 3.14
N MET A 80 -0.57 -10.66 4.08
CA MET A 80 0.10 -11.96 4.06
C MET A 80 -0.38 -12.88 2.92
N ILE A 81 -1.68 -12.90 2.64
CA ILE A 81 -2.20 -13.80 1.60
C ILE A 81 -2.03 -13.25 0.17
N LEU A 82 -2.00 -11.94 0.04
CA LEU A 82 -1.89 -11.32 -1.28
C LEU A 82 -0.45 -11.12 -1.74
N ASN A 83 0.38 -10.64 -0.84
CA ASN A 83 1.77 -10.33 -1.18
C ASN A 83 2.65 -11.55 -1.41
N GLY A 84 3.94 -11.31 -1.63
CA GLY A 84 4.88 -12.37 -1.95
C GLY A 84 4.54 -12.99 -3.29
N SER A 85 3.86 -12.21 -4.11
CA SER A 85 3.43 -12.67 -5.44
C SER A 85 4.41 -12.27 -6.54
N GLN A 86 4.02 -12.62 -7.76
CA GLN A 86 4.82 -12.34 -8.94
C GLN A 86 4.01 -11.48 -9.89
N PHE A 87 4.50 -10.30 -10.18
CA PHE A 87 3.79 -9.40 -11.07
C PHE A 87 4.77 -8.47 -11.80
N GLN A 88 4.54 -8.32 -13.10
CA GLN A 88 5.35 -7.48 -13.97
C GLN A 88 6.79 -7.98 -14.07
N GLY A 89 6.98 -9.27 -13.86
CA GLY A 89 8.30 -9.86 -13.93
C GLY A 89 9.08 -9.71 -12.64
N LYS A 90 8.41 -9.23 -11.60
CA LYS A 90 9.05 -9.03 -10.30
C LYS A 90 8.21 -9.64 -9.20
N VAL A 91 8.76 -9.71 -8.00
CA VAL A 91 8.03 -10.23 -6.87
C VAL A 91 7.43 -9.07 -6.12
N ILE A 92 6.13 -9.07 -5.93
CA ILE A 92 5.48 -7.99 -5.26
C ILE A 92 5.19 -8.36 -3.81
N ARG A 93 5.38 -7.38 -2.92
CA ARG A 93 5.23 -7.61 -1.49
C ARG A 93 4.63 -6.40 -0.80
N SER A 94 4.42 -6.47 0.50
CA SER A 94 3.87 -5.33 1.20
C SER A 94 4.38 -5.25 2.63
N GLY A 95 3.95 -4.18 3.29
CA GLY A 95 4.32 -3.91 4.65
C GLY A 95 3.60 -2.67 5.04
N THR A 96 4.04 -1.96 6.05
CA THR A 96 3.37 -0.73 6.36
C THR A 96 4.25 0.46 5.97
N ILE A 97 4.34 1.45 6.81
CA ILE A 97 5.11 2.64 6.48
C ILE A 97 6.61 2.44 6.61
N ASN A 98 7.04 1.67 7.59
CA ASN A 98 8.47 1.45 7.79
C ASN A 98 9.01 0.37 6.85
N ASP A 99 8.25 -0.70 6.72
CA ASP A 99 8.65 -1.80 5.86
C ASP A 99 8.69 -1.35 4.40
N MET A 100 7.92 -0.31 4.07
CA MET A 100 7.90 0.20 2.71
C MET A 100 9.15 1.04 2.50
N LYS A 101 9.58 1.68 3.58
CA LYS A 101 10.79 2.49 3.57
C LYS A 101 12.00 1.58 3.36
N ARG A 102 11.93 0.38 3.92
CA ARG A 102 12.99 -0.59 3.75
C ARG A 102 13.04 -1.03 2.30
N TYR A 103 11.87 -1.40 1.81
CA TYR A 103 11.71 -1.82 0.44
C TYR A 103 12.15 -0.71 -0.48
N TYR A 104 11.88 0.52 -0.05
CA TYR A 104 12.27 1.70 -0.79
C TYR A 104 13.78 1.70 -0.99
N ASN A 105 14.51 1.47 0.09
CA ASN A 105 15.98 1.39 0.01
C ASN A 105 16.33 0.37 -1.07
N ASN A 106 15.72 -0.81 -0.95
CA ASN A 106 15.88 -1.88 -1.94
C ASN A 106 15.57 -1.39 -3.36
N GLN A 107 14.67 -0.43 -3.48
CA GLN A 107 14.25 0.13 -4.76
C GLN A 107 15.26 1.14 -5.30
N GLN A 108 15.58 2.15 -4.50
CA GLN A 108 16.50 3.21 -4.91
C GLN A 108 17.93 2.71 -5.07
N ASN A 109 18.29 1.61 -4.44
CA ASN A 109 19.66 1.13 -4.56
C ASN A 109 19.76 0.03 -5.61
N PHE A 2 -7.39 15.51 2.52
CA PHE A 2 -7.98 15.16 1.21
C PHE A 2 -6.88 14.93 0.17
N LEU A 3 -5.81 15.72 0.23
CA LEU A 3 -4.72 15.60 -0.73
C LEU A 3 -3.91 14.33 -0.44
N GLU A 4 -3.90 13.42 -1.42
CA GLU A 4 -3.19 12.15 -1.29
C GLU A 4 -1.80 12.30 -0.68
N ARG A 5 -0.94 13.09 -1.32
CA ARG A 5 0.44 13.25 -0.87
C ARG A 5 0.54 13.84 0.54
N ASN A 6 -0.45 14.64 0.93
CA ASN A 6 -0.43 15.24 2.25
C ASN A 6 -0.77 14.19 3.29
N GLU A 7 -1.77 13.39 2.95
CA GLU A 7 -2.22 12.32 3.82
C GLU A 7 -1.19 11.19 3.81
N VAL A 8 -0.52 10.98 2.68
CA VAL A 8 0.52 9.95 2.60
C VAL A 8 1.68 10.35 3.51
N LYS A 9 1.94 11.66 3.56
CA LYS A 9 3.02 12.18 4.39
C LYS A 9 2.61 12.11 5.86
N ARG A 10 1.44 12.69 6.16
CA ARG A 10 0.89 12.65 7.52
C ARG A 10 0.83 11.20 8.02
N LEU A 11 0.58 10.27 7.11
CA LEU A 11 0.47 8.86 7.43
C LEU A 11 1.86 8.24 7.56
N LEU A 12 2.81 8.82 6.83
CA LEU A 12 4.20 8.39 6.85
C LEU A 12 4.76 8.52 8.25
N ALA A 13 4.48 9.67 8.85
CA ALA A 13 4.96 9.99 10.18
C ALA A 13 4.05 9.51 11.30
N SER A 14 2.74 9.35 11.02
CA SER A 14 1.78 8.92 12.01
C SER A 14 2.36 7.86 12.95
N ARG A 15 2.29 8.10 14.24
CA ARG A 15 2.85 7.18 15.22
C ARG A 15 1.79 6.24 15.76
N ASN A 16 0.53 6.66 15.63
CA ASN A 16 -0.60 5.86 16.08
C ASN A 16 -0.56 4.51 15.39
N SER A 17 -0.26 3.46 16.14
CA SER A 17 -0.16 2.14 15.56
C SER A 17 -1.54 1.50 15.39
N LYS A 18 -2.60 2.14 15.88
CA LYS A 18 -3.95 1.64 15.66
C LYS A 18 -4.35 2.04 14.24
N GLU A 19 -3.72 3.11 13.81
CA GLU A 19 -3.90 3.64 12.48
C GLU A 19 -3.29 2.64 11.51
N LEU A 20 -2.01 2.38 11.76
CA LEU A 20 -1.23 1.46 10.99
C LEU A 20 -1.58 0.02 11.30
N GLU A 21 -2.50 -0.15 12.23
CA GLU A 21 -2.99 -1.48 12.54
C GLU A 21 -4.06 -1.75 11.50
N THR A 22 -5.06 -0.86 11.40
CA THR A 22 -6.05 -0.98 10.36
C THR A 22 -5.40 -1.01 8.99
N LEU A 23 -4.60 -0.01 8.65
CA LEU A 23 -3.97 0.01 7.35
C LEU A 23 -2.60 -0.62 7.29
N ILE A 24 -2.09 -0.60 6.06
CA ILE A 24 -0.80 -1.15 5.68
C ILE A 24 -0.38 -0.49 4.37
N CYS A 25 0.78 -0.84 3.84
CA CYS A 25 1.28 -0.24 2.64
C CYS A 25 1.64 -1.34 1.68
N LEU A 26 0.88 -1.43 0.63
CA LEU A 26 1.13 -2.42 -0.38
C LEU A 26 2.26 -1.90 -1.23
N PHE A 27 3.26 -2.73 -1.49
CA PHE A 27 4.39 -2.33 -2.31
C PHE A 27 4.44 -3.17 -3.58
N PRO A 28 3.40 -3.05 -4.45
CA PRO A 28 3.33 -3.79 -5.67
C PRO A 28 3.44 -2.93 -6.91
N LEU A 29 4.56 -2.25 -7.07
CA LEU A 29 4.74 -1.45 -8.26
C LEU A 29 6.21 -1.39 -8.69
N SER A 30 6.35 -1.63 -9.97
CA SER A 30 7.64 -1.65 -10.66
C SER A 30 8.20 -0.25 -10.85
N ASP A 31 9.33 -0.15 -11.53
CA ASP A 31 9.94 1.13 -11.82
C ASP A 31 9.29 1.75 -13.07
N LYS A 32 8.41 0.98 -13.70
CA LYS A 32 7.73 1.38 -14.92
C LYS A 32 6.21 1.42 -14.74
N VAL A 33 5.76 1.76 -13.55
CA VAL A 33 4.36 1.79 -13.23
C VAL A 33 3.73 3.17 -13.36
N SER A 34 2.43 3.20 -13.10
CA SER A 34 1.65 4.42 -13.14
C SER A 34 0.64 4.42 -11.99
N PRO A 35 0.58 5.54 -11.22
CA PRO A 35 -0.31 5.70 -10.06
C PRO A 35 -1.75 5.21 -10.26
N SER A 36 -2.42 5.70 -11.29
CA SER A 36 -3.81 5.33 -11.55
C SER A 36 -3.95 3.86 -11.94
N LEU A 37 -2.96 3.33 -12.66
CA LEU A 37 -2.98 1.93 -13.09
C LEU A 37 -3.08 1.02 -11.89
N ILE A 38 -2.46 1.46 -10.80
CA ILE A 38 -2.44 0.72 -9.55
C ILE A 38 -3.84 0.50 -9.05
N CYS A 39 -4.57 1.60 -8.92
CA CYS A 39 -5.90 1.58 -8.39
C CYS A 39 -6.83 0.75 -9.25
N GLN A 40 -6.74 0.90 -10.58
CA GLN A 40 -7.55 0.11 -11.48
C GLN A 40 -7.37 -1.37 -11.13
N PHE A 41 -6.11 -1.81 -11.18
CA PHE A 41 -5.68 -3.16 -10.85
C PHE A 41 -6.02 -3.53 -9.41
N LEU A 42 -6.16 -2.54 -8.54
CA LEU A 42 -6.46 -2.82 -7.15
C LEU A 42 -7.93 -3.14 -7.02
N GLN A 43 -8.74 -2.34 -7.69
CA GLN A 43 -10.18 -2.54 -7.70
C GLN A 43 -10.44 -3.72 -8.62
N GLU A 44 -9.46 -3.96 -9.48
CA GLU A 44 -9.50 -5.03 -10.45
C GLU A 44 -9.37 -6.39 -9.76
N GLU A 45 -8.42 -6.47 -8.82
CA GLU A 45 -8.12 -7.72 -8.12
C GLU A 45 -8.63 -7.75 -6.67
N ILE A 46 -8.40 -6.66 -5.93
CA ILE A 46 -8.80 -6.54 -4.52
C ILE A 46 -10.30 -6.27 -4.39
N HIS A 47 -10.94 -5.95 -5.52
CA HIS A 47 -12.38 -5.66 -5.56
C HIS A 47 -12.70 -4.50 -4.61
N ILE A 48 -11.71 -3.63 -4.41
CA ILE A 48 -11.86 -2.49 -3.53
C ILE A 48 -12.96 -1.57 -4.02
N ASN A 49 -13.80 -1.21 -3.09
CA ASN A 49 -14.94 -0.33 -3.31
C ASN A 49 -15.13 0.55 -2.10
N GLU A 50 -16.20 1.33 -2.08
CA GLU A 50 -16.49 2.22 -0.96
C GLU A 50 -16.84 1.40 0.29
N LYS A 51 -17.24 0.15 0.08
CA LYS A 51 -17.61 -0.72 1.17
C LYS A 51 -16.47 -1.67 1.56
N ASP A 52 -15.32 -1.54 0.90
CA ASP A 52 -14.16 -2.38 1.21
C ASP A 52 -12.96 -1.58 1.67
N ILE A 53 -12.72 -0.47 0.99
CA ILE A 53 -11.60 0.39 1.31
C ILE A 53 -12.09 1.60 2.10
N ARG A 54 -11.38 1.93 3.15
CA ARG A 54 -11.74 3.07 3.95
C ARG A 54 -11.19 4.31 3.25
N LYS A 55 -10.06 4.11 2.57
CA LYS A 55 -9.38 5.14 1.78
C LYS A 55 -8.11 4.57 1.17
N ILE A 56 -7.71 5.13 0.05
CA ILE A 56 -6.53 4.66 -0.66
C ILE A 56 -5.73 5.83 -1.21
N LEU A 57 -4.40 5.77 -1.09
CA LEU A 57 -3.54 6.84 -1.58
C LEU A 57 -2.28 6.25 -2.19
N LEU A 58 -1.75 6.90 -3.23
CA LEU A 58 -0.55 6.43 -3.89
C LEU A 58 0.65 7.00 -3.16
N VAL A 59 1.56 6.13 -2.82
CA VAL A 59 2.75 6.48 -2.07
C VAL A 59 4.00 6.41 -2.95
N SER A 60 4.26 7.46 -3.72
CA SER A 60 5.39 7.45 -4.66
C SER A 60 6.69 8.00 -4.06
N ASP A 61 6.83 7.93 -2.75
CA ASP A 61 8.06 8.42 -2.10
C ASP A 61 9.01 7.24 -1.85
N PHE A 62 8.65 6.10 -2.47
CA PHE A 62 9.41 4.84 -2.35
C PHE A 62 8.84 3.81 -3.29
N ASN A 63 7.51 3.92 -3.46
CA ASN A 63 6.67 3.07 -4.35
C ASN A 63 5.70 2.20 -3.61
N GLY A 64 4.94 2.77 -2.73
CA GLY A 64 3.97 2.00 -2.03
C GLY A 64 2.57 2.52 -2.27
N ALA A 65 1.62 1.87 -1.66
CA ALA A 65 0.23 2.25 -1.75
C ALA A 65 -0.39 2.11 -0.37
N ILE A 66 -0.74 3.24 0.23
CA ILE A 66 -1.31 3.20 1.56
C ILE A 66 -2.79 2.95 1.47
N ILE A 67 -3.22 1.88 2.13
CA ILE A 67 -4.60 1.46 2.12
C ILE A 67 -5.05 1.01 3.48
N ILE A 68 -6.17 1.56 3.86
CA ILE A 68 -6.84 1.17 5.06
C ILE A 68 -8.04 0.34 4.65
N PHE A 69 -7.93 -0.99 4.52
CA PHE A 69 -9.14 -1.75 4.22
C PHE A 69 -10.07 -1.52 5.44
N ARG A 70 -11.21 -2.15 5.48
CA ARG A 70 -12.16 -1.87 6.57
C ARG A 70 -11.65 -2.08 8.00
N ASP A 71 -10.79 -3.07 8.24
CA ASP A 71 -10.33 -3.31 9.60
C ASP A 71 -8.97 -3.96 9.67
N SER A 72 -8.40 -3.91 10.86
CA SER A 72 -7.08 -4.45 11.15
C SER A 72 -6.93 -5.92 10.77
N LYS A 73 -7.88 -6.77 11.17
CA LYS A 73 -7.83 -8.20 10.89
C LYS A 73 -7.77 -8.53 9.41
N PHE A 74 -8.64 -7.90 8.64
CA PHE A 74 -8.73 -8.18 7.22
C PHE A 74 -7.53 -7.62 6.48
N ALA A 75 -7.16 -6.41 6.85
CA ALA A 75 -6.05 -5.72 6.25
C ALA A 75 -4.73 -6.48 6.41
N ALA A 76 -4.46 -6.88 7.66
CA ALA A 76 -3.21 -7.55 7.98
C ALA A 76 -3.22 -8.96 7.40
N LYS A 77 -4.39 -9.58 7.43
CA LYS A 77 -4.57 -10.93 6.92
C LYS A 77 -4.38 -10.96 5.41
N MET A 78 -4.93 -9.97 4.73
CA MET A 78 -4.86 -9.96 3.28
C MET A 78 -3.53 -9.37 2.85
N LEU A 79 -2.88 -8.67 3.76
CA LEU A 79 -1.59 -8.09 3.48
C LEU A 79 -0.59 -9.22 3.37
N MET A 80 -0.54 -10.06 4.40
CA MET A 80 0.37 -11.19 4.43
C MET A 80 -0.02 -12.24 3.38
N ILE A 81 -1.31 -12.31 3.05
CA ILE A 81 -1.76 -13.28 2.06
C ILE A 81 -1.66 -12.76 0.62
N LEU A 82 -1.85 -11.47 0.42
CA LEU A 82 -1.83 -10.91 -0.93
C LEU A 82 -0.50 -10.30 -1.36
N ASN A 83 0.04 -9.31 -0.64
CA ASN A 83 1.26 -8.69 -1.13
C ASN A 83 2.55 -9.42 -0.77
N GLY A 84 3.10 -10.00 -1.81
CA GLY A 84 4.36 -10.78 -1.79
C GLY A 84 4.44 -11.79 -2.95
N SER A 85 3.62 -11.61 -3.98
CA SER A 85 3.55 -12.50 -5.13
C SER A 85 4.34 -11.97 -6.32
N GLN A 86 3.80 -12.13 -7.52
CA GLN A 86 4.46 -11.68 -8.72
C GLN A 86 3.47 -11.06 -9.70
N PHE A 87 3.87 -9.95 -10.29
CA PHE A 87 3.06 -9.23 -11.27
C PHE A 87 3.96 -8.32 -12.09
N GLN A 88 3.71 -8.27 -13.41
CA GLN A 88 4.50 -7.43 -14.31
C GLN A 88 5.95 -7.92 -14.39
N GLY A 89 6.16 -9.18 -14.03
CA GLY A 89 7.49 -9.76 -14.08
C GLY A 89 8.30 -9.48 -12.84
N LYS A 90 7.72 -8.79 -11.88
CA LYS A 90 8.40 -8.46 -10.63
C LYS A 90 7.61 -9.00 -9.46
N VAL A 91 8.20 -8.98 -8.27
CA VAL A 91 7.52 -9.46 -7.08
C VAL A 91 6.82 -8.29 -6.42
N ILE A 92 5.54 -8.46 -6.21
CA ILE A 92 4.77 -7.44 -5.55
C ILE A 92 4.69 -7.88 -4.10
N ARG A 93 5.16 -7.04 -3.19
CA ARG A 93 5.22 -7.42 -1.77
C ARG A 93 4.69 -6.30 -0.90
N SER A 94 4.53 -6.51 0.40
CA SER A 94 4.00 -5.44 1.22
C SER A 94 4.44 -5.50 2.64
N GLY A 95 3.91 -4.54 3.35
CA GLY A 95 4.18 -4.38 4.72
C GLY A 95 3.60 -3.07 5.14
N THR A 96 4.15 -2.38 6.09
CA THR A 96 3.60 -1.08 6.42
C THR A 96 4.58 0.03 6.08
N ILE A 97 4.73 1.01 6.94
CA ILE A 97 5.60 2.15 6.67
C ILE A 97 7.05 1.78 6.76
N ASN A 98 7.42 1.10 7.83
CA ASN A 98 8.81 0.78 8.01
C ASN A 98 9.24 -0.27 7.01
N ASP A 99 8.37 -1.25 6.84
CA ASP A 99 8.60 -2.34 5.92
C ASP A 99 8.82 -1.83 4.50
N MET A 100 8.12 -0.74 4.14
CA MET A 100 8.27 -0.19 2.80
C MET A 100 9.52 0.66 2.74
N LYS A 101 9.89 1.26 3.87
CA LYS A 101 11.11 2.06 3.94
C LYS A 101 12.31 1.16 3.74
N ARG A 102 12.17 -0.09 4.16
CA ARG A 102 13.24 -1.06 3.98
C ARG A 102 13.34 -1.43 2.54
N TYR A 103 12.20 -1.83 1.98
CA TYR A 103 12.14 -2.18 0.56
C TYR A 103 12.72 -1.02 -0.24
N TYR A 104 12.38 0.18 0.20
CA TYR A 104 12.86 1.39 -0.42
C TYR A 104 14.37 1.48 -0.37
N ASN A 105 14.97 1.12 0.76
CA ASN A 105 16.43 1.14 0.84
C ASN A 105 16.97 0.21 -0.26
N ASN A 106 16.38 -0.99 -0.32
CA ASN A 106 16.69 -1.96 -1.37
C ASN A 106 16.48 -1.37 -2.77
N GLN A 107 15.58 -0.39 -2.86
CA GLN A 107 15.28 0.27 -4.13
C GLN A 107 16.32 1.34 -4.45
N GLN A 108 16.67 2.13 -3.45
CA GLN A 108 17.65 3.22 -3.60
C GLN A 108 19.06 2.70 -3.83
N ASN A 109 19.36 1.49 -3.38
CA ASN A 109 20.71 0.96 -3.57
C ASN A 109 20.75 -0.02 -4.74
N PHE A 2 -7.86 15.75 3.43
CA PHE A 2 -8.45 15.48 2.10
C PHE A 2 -7.36 15.33 1.03
N LEU A 3 -6.38 16.22 1.06
CA LEU A 3 -5.28 16.20 0.11
C LEU A 3 -4.35 15.01 0.38
N GLU A 4 -4.16 14.17 -0.64
CA GLU A 4 -3.31 12.98 -0.53
C GLU A 4 -1.95 13.30 0.08
N ARG A 5 -1.25 14.30 -0.46
CA ARG A 5 0.08 14.65 0.03
C ARG A 5 0.08 14.94 1.54
N ASN A 6 -0.98 15.58 2.02
CA ASN A 6 -1.09 15.95 3.41
C ASN A 6 -1.36 14.72 4.26
N GLU A 7 -2.20 13.84 3.73
CA GLU A 7 -2.56 12.62 4.41
C GLU A 7 -1.44 11.59 4.33
N VAL A 8 -0.72 11.50 3.21
CA VAL A 8 0.37 10.52 3.14
C VAL A 8 1.44 10.94 4.14
N LYS A 9 1.68 12.25 4.22
CA LYS A 9 2.67 12.77 5.15
C LYS A 9 2.24 12.46 6.60
N ARG A 10 1.06 12.95 6.95
CA ARG A 10 0.49 12.74 8.28
C ARG A 10 0.36 11.25 8.64
N LEU A 11 0.14 10.41 7.64
CA LEU A 11 -0.04 8.97 7.86
C LEU A 11 1.32 8.30 8.00
N LEU A 12 2.29 8.86 7.30
CA LEU A 12 3.65 8.35 7.29
C LEU A 12 4.30 8.49 8.67
N ALA A 13 4.13 9.67 9.25
CA ALA A 13 4.72 9.97 10.54
C ALA A 13 3.86 9.57 11.73
N SER A 14 2.53 9.50 11.56
CA SER A 14 1.64 9.12 12.67
C SER A 14 2.23 7.99 13.49
N ARG A 15 2.22 8.19 14.78
CA ARG A 15 2.78 7.25 15.71
C ARG A 15 1.70 6.36 16.30
N ASN A 16 0.48 6.52 15.79
CA ASN A 16 -0.64 5.72 16.23
C ASN A 16 -0.58 4.37 15.55
N SER A 17 -0.23 3.32 16.29
CA SER A 17 -0.12 2.01 15.69
C SER A 17 -1.49 1.45 15.34
N LYS A 18 -2.54 2.17 15.72
CA LYS A 18 -3.89 1.75 15.38
C LYS A 18 -4.10 2.09 13.90
N GLU A 19 -3.28 3.03 13.43
CA GLU A 19 -3.30 3.48 12.05
C GLU A 19 -2.57 2.46 11.20
N LEU A 20 -1.32 2.16 11.58
CA LEU A 20 -0.50 1.21 10.90
C LEU A 20 -1.10 -0.19 11.00
N GLU A 21 -2.08 -0.36 11.90
CA GLU A 21 -2.73 -1.64 12.03
C GLU A 21 -3.86 -1.75 11.03
N THR A 22 -4.86 -0.83 11.08
CA THR A 22 -5.94 -0.88 10.10
C THR A 22 -5.41 -0.92 8.68
N LEU A 23 -4.61 0.06 8.29
CA LEU A 23 -4.05 0.07 6.96
C LEU A 23 -2.65 -0.52 6.87
N ILE A 24 -2.16 -0.50 5.62
CA ILE A 24 -0.85 -0.98 5.24
C ILE A 24 -0.49 -0.27 3.93
N CYS A 25 0.70 -0.50 3.42
CA CYS A 25 1.16 0.11 2.20
C CYS A 25 1.50 -0.98 1.19
N LEU A 26 0.76 -1.02 0.10
CA LEU A 26 0.96 -2.02 -0.94
C LEU A 26 2.20 -1.64 -1.72
N PHE A 27 3.08 -2.60 -1.95
CA PHE A 27 4.32 -2.34 -2.66
C PHE A 27 4.41 -3.08 -4.01
N PRO A 28 3.53 -2.75 -4.97
CA PRO A 28 3.61 -3.34 -6.29
C PRO A 28 3.81 -2.34 -7.43
N LEU A 29 4.45 -1.22 -7.16
CA LEU A 29 4.68 -0.25 -8.23
C LEU A 29 6.15 0.12 -8.36
N SER A 30 6.57 -0.03 -9.59
CA SER A 30 7.93 0.19 -10.03
C SER A 30 7.95 1.04 -11.30
N ASP A 31 9.13 1.25 -11.87
CA ASP A 31 9.27 2.04 -13.09
C ASP A 31 8.37 1.51 -14.21
N LYS A 32 8.27 0.19 -14.31
CA LYS A 32 7.44 -0.47 -15.32
C LYS A 32 5.96 -0.38 -14.97
N VAL A 33 5.68 0.07 -13.77
CA VAL A 33 4.32 0.10 -13.30
C VAL A 33 3.76 1.52 -13.17
N SER A 34 2.63 1.71 -13.80
CA SER A 34 1.91 2.98 -13.83
C SER A 34 0.99 3.13 -12.62
N PRO A 35 1.02 4.32 -11.98
CA PRO A 35 0.20 4.63 -10.80
C PRO A 35 -1.28 4.24 -10.93
N SER A 36 -1.92 4.63 -12.02
CA SER A 36 -3.33 4.32 -12.23
C SER A 36 -3.55 2.82 -12.37
N LEU A 37 -2.59 2.15 -13.02
CA LEU A 37 -2.64 0.70 -13.20
C LEU A 37 -2.81 0.00 -11.85
N ILE A 38 -2.23 0.62 -10.83
CA ILE A 38 -2.27 0.10 -9.48
C ILE A 38 -3.69 -0.06 -9.02
N CYS A 39 -4.41 1.06 -9.03
CA CYS A 39 -5.77 1.10 -8.56
C CYS A 39 -6.64 0.16 -9.36
N GLN A 40 -6.42 0.11 -10.67
CA GLN A 40 -7.16 -0.81 -11.52
C GLN A 40 -7.07 -2.21 -10.91
N PHE A 41 -5.84 -2.69 -10.78
CA PHE A 41 -5.48 -3.98 -10.20
C PHE A 41 -6.01 -4.13 -8.77
N LEU A 42 -6.15 -3.03 -8.04
CA LEU A 42 -6.62 -3.08 -6.69
C LEU A 42 -8.09 -3.44 -6.68
N GLN A 43 -8.84 -2.70 -7.49
CA GLN A 43 -10.26 -2.92 -7.64
C GLN A 43 -10.48 -4.14 -8.52
N GLU A 44 -9.43 -4.50 -9.24
CA GLU A 44 -9.42 -5.63 -10.15
C GLU A 44 -9.35 -6.96 -9.39
N GLU A 45 -8.40 -7.06 -8.47
CA GLU A 45 -8.18 -8.28 -7.70
C GLU A 45 -8.67 -8.18 -6.25
N ILE A 46 -8.40 -7.04 -5.62
CA ILE A 46 -8.78 -6.78 -4.22
C ILE A 46 -10.22 -6.28 -4.18
N HIS A 47 -10.75 -5.98 -5.37
CA HIS A 47 -12.12 -5.48 -5.51
C HIS A 47 -12.33 -4.29 -4.60
N ILE A 48 -11.28 -3.51 -4.44
CA ILE A 48 -11.30 -2.33 -3.60
C ILE A 48 -12.25 -1.29 -4.16
N ASN A 49 -13.08 -0.80 -3.28
CA ASN A 49 -14.05 0.23 -3.61
C ASN A 49 -14.24 1.14 -2.41
N GLU A 50 -15.26 1.97 -2.44
CA GLU A 50 -15.53 2.90 -1.35
C GLU A 50 -16.16 2.19 -0.15
N LYS A 51 -16.64 0.97 -0.37
CA LYS A 51 -17.27 0.20 0.70
C LYS A 51 -16.30 -0.78 1.34
N ASP A 52 -15.08 -0.85 0.80
CA ASP A 52 -14.05 -1.75 1.35
C ASP A 52 -12.87 -0.93 1.86
N ILE A 53 -12.48 0.04 1.07
CA ILE A 53 -11.36 0.89 1.39
C ILE A 53 -11.84 2.16 2.08
N ARG A 54 -11.14 2.53 3.15
CA ARG A 54 -11.47 3.75 3.87
C ARG A 54 -10.91 4.92 3.07
N LYS A 55 -9.69 4.72 2.58
CA LYS A 55 -8.96 5.70 1.78
C LYS A 55 -7.78 5.02 1.10
N ILE A 56 -7.45 5.50 -0.09
CA ILE A 56 -6.36 4.95 -0.87
C ILE A 56 -5.52 6.08 -1.44
N LEU A 57 -4.25 6.13 -1.08
CA LEU A 57 -3.34 7.17 -1.54
C LEU A 57 -2.07 6.54 -2.11
N LEU A 58 -1.46 7.17 -3.11
CA LEU A 58 -0.24 6.63 -3.71
C LEU A 58 0.98 7.21 -3.01
N VAL A 59 1.96 6.35 -2.75
CA VAL A 59 3.18 6.74 -2.04
C VAL A 59 4.43 6.61 -2.94
N SER A 60 4.84 7.70 -3.60
CA SER A 60 5.98 7.65 -4.52
C SER A 60 7.34 8.04 -3.90
N ASP A 61 7.49 7.91 -2.59
CA ASP A 61 8.77 8.27 -1.93
C ASP A 61 9.43 7.01 -1.38
N PHE A 62 8.83 5.90 -1.75
CA PHE A 62 9.25 4.54 -1.34
C PHE A 62 8.72 3.57 -2.36
N ASN A 63 7.53 3.92 -2.85
CA ASN A 63 6.81 3.24 -3.90
C ASN A 63 5.79 2.27 -3.35
N GLY A 64 4.70 2.79 -2.88
CA GLY A 64 3.64 1.94 -2.44
C GLY A 64 2.31 2.62 -2.53
N ALA A 65 1.35 2.07 -1.84
CA ALA A 65 0.02 2.64 -1.81
C ALA A 65 -0.57 2.40 -0.44
N ILE A 66 -0.89 3.47 0.26
CA ILE A 66 -1.45 3.34 1.58
C ILE A 66 -2.93 3.06 1.45
N ILE A 67 -3.33 1.91 1.98
CA ILE A 67 -4.69 1.41 1.88
C ILE A 67 -5.20 0.99 3.24
N ILE A 68 -6.32 1.57 3.63
CA ILE A 68 -6.99 1.19 4.84
C ILE A 68 -8.20 0.35 4.47
N PHE A 69 -8.16 -0.99 4.52
CA PHE A 69 -9.42 -1.69 4.27
C PHE A 69 -10.30 -1.35 5.47
N ARG A 70 -11.48 -1.90 5.60
CA ARG A 70 -12.32 -1.47 6.71
C ARG A 70 -11.80 -1.86 8.09
N ASP A 71 -10.80 -2.74 8.17
CA ASP A 71 -10.25 -3.11 9.47
C ASP A 71 -8.86 -3.72 9.36
N SER A 72 -8.15 -3.60 10.47
CA SER A 72 -6.79 -4.06 10.63
C SER A 72 -6.61 -5.57 10.47
N LYS A 73 -7.58 -6.38 10.88
CA LYS A 73 -7.47 -7.84 10.77
C LYS A 73 -7.24 -8.31 9.34
N PHE A 74 -8.01 -7.75 8.41
CA PHE A 74 -7.95 -8.18 7.02
C PHE A 74 -6.78 -7.52 6.31
N ALA A 75 -6.39 -6.36 6.80
CA ALA A 75 -5.28 -5.62 6.23
C ALA A 75 -3.98 -6.40 6.36
N ALA A 76 -3.76 -6.91 7.57
CA ALA A 76 -2.54 -7.64 7.85
C ALA A 76 -2.65 -9.05 7.28
N LYS A 77 -3.87 -9.60 7.39
CA LYS A 77 -4.15 -10.93 6.89
C LYS A 77 -3.99 -10.99 5.38
N MET A 78 -4.41 -9.95 4.68
CA MET A 78 -4.33 -9.97 3.22
C MET A 78 -2.92 -9.60 2.80
N LEU A 79 -2.26 -8.76 3.59
CA LEU A 79 -0.87 -8.40 3.33
C LEU A 79 -0.05 -9.69 3.22
N MET A 80 -0.18 -10.54 4.23
CA MET A 80 0.55 -11.80 4.30
C MET A 80 0.07 -12.85 3.28
N ILE A 81 -1.23 -12.93 3.03
CA ILE A 81 -1.74 -13.95 2.10
C ILE A 81 -1.64 -13.52 0.63
N LEU A 82 -1.89 -12.27 0.35
CA LEU A 82 -1.88 -11.79 -1.02
C LEU A 82 -0.56 -11.15 -1.44
N ASN A 83 0.03 -10.30 -0.60
CA ASN A 83 1.23 -9.61 -1.00
C ASN A 83 2.51 -10.44 -0.91
N GLY A 84 3.00 -10.72 -2.09
CA GLY A 84 4.24 -11.46 -2.30
C GLY A 84 4.15 -12.34 -3.55
N SER A 85 3.37 -11.89 -4.52
CA SER A 85 3.13 -12.66 -5.74
C SER A 85 4.03 -12.23 -6.89
N GLN A 86 3.59 -12.54 -8.10
CA GLN A 86 4.33 -12.22 -9.30
C GLN A 86 3.40 -11.64 -10.35
N PHE A 87 3.57 -10.36 -10.64
CA PHE A 87 2.75 -9.66 -11.61
C PHE A 87 3.64 -8.71 -12.40
N GLN A 88 3.39 -8.59 -13.71
CA GLN A 88 4.19 -7.71 -14.57
C GLN A 88 5.62 -8.24 -14.68
N GLY A 89 5.78 -9.51 -14.36
CA GLY A 89 7.09 -10.13 -14.42
C GLY A 89 7.92 -9.83 -13.19
N LYS A 90 7.33 -9.11 -12.24
CA LYS A 90 8.01 -8.74 -11.01
C LYS A 90 7.26 -9.29 -9.80
N VAL A 91 7.87 -9.22 -8.63
CA VAL A 91 7.25 -9.69 -7.41
C VAL A 91 6.57 -8.54 -6.70
N ILE A 92 5.29 -8.69 -6.43
CA ILE A 92 4.53 -7.64 -5.74
C ILE A 92 4.40 -8.02 -4.28
N ARG A 93 4.78 -7.08 -3.40
CA ARG A 93 4.78 -7.31 -1.95
C ARG A 93 4.10 -6.15 -1.22
N SER A 94 3.99 -6.23 0.12
CA SER A 94 3.42 -5.12 0.87
C SER A 94 3.96 -5.15 2.29
N GLY A 95 3.64 -4.09 3.03
CA GLY A 95 4.08 -3.95 4.42
C GLY A 95 3.49 -2.68 4.96
N THR A 96 4.06 -2.10 5.99
CA THR A 96 3.53 -0.84 6.47
C THR A 96 4.56 0.28 6.29
N ILE A 97 4.60 1.27 7.18
CA ILE A 97 5.51 2.40 6.99
C ILE A 97 6.95 2.01 7.14
N ASN A 98 7.25 1.15 8.10
CA ASN A 98 8.63 0.78 8.30
C ASN A 98 9.07 -0.17 7.20
N ASP A 99 8.14 -1.02 6.78
CA ASP A 99 8.41 -1.99 5.73
C ASP A 99 8.54 -1.31 4.39
N MET A 100 7.89 -0.16 4.21
CA MET A 100 7.98 0.57 2.95
C MET A 100 9.33 1.26 2.90
N LYS A 101 9.78 1.66 4.09
CA LYS A 101 11.08 2.29 4.27
C LYS A 101 12.17 1.29 3.95
N ARG A 102 12.00 0.05 4.40
CA ARG A 102 12.97 -0.99 4.14
C ARG A 102 12.96 -1.37 2.68
N TYR A 103 11.78 -1.63 2.18
CA TYR A 103 11.62 -1.97 0.80
C TYR A 103 12.24 -0.88 -0.05
N TYR A 104 12.19 0.34 0.51
CA TYR A 104 12.74 1.52 -0.13
C TYR A 104 14.26 1.48 -0.19
N ASN A 105 14.95 1.13 0.91
CA ASN A 105 16.42 1.05 0.85
C ASN A 105 16.76 0.06 -0.25
N ASN A 106 16.07 -1.07 -0.25
CA ASN A 106 16.24 -2.09 -1.30
C ASN A 106 15.95 -1.49 -2.68
N GLN A 107 15.01 -0.55 -2.74
CA GLN A 107 14.64 0.13 -3.99
C GLN A 107 15.76 1.02 -4.49
N GLN A 108 16.19 1.94 -3.63
CA GLN A 108 17.24 2.89 -3.97
C GLN A 108 18.57 2.20 -4.29
N ASN A 109 18.96 1.22 -3.50
CA ASN A 109 20.23 0.56 -3.76
C ASN A 109 20.03 -0.92 -4.08
N PHE A 2 -8.45 18.23 0.18
CA PHE A 2 -7.03 17.98 0.53
C PHE A 2 -6.34 17.17 -0.57
N LEU A 3 -5.05 16.93 -0.41
CA LEU A 3 -4.29 16.16 -1.39
C LEU A 3 -3.77 14.87 -0.79
N GLU A 4 -3.20 14.02 -1.64
CA GLU A 4 -2.68 12.73 -1.22
C GLU A 4 -1.42 12.87 -0.38
N ARG A 5 -0.42 13.59 -0.90
CA ARG A 5 0.86 13.75 -0.23
C ARG A 5 0.71 14.33 1.18
N ASN A 6 -0.39 15.02 1.43
CA ASN A 6 -0.60 15.64 2.73
C ASN A 6 -0.95 14.57 3.73
N GLU A 7 -1.86 13.70 3.34
CA GLU A 7 -2.28 12.62 4.20
C GLU A 7 -1.22 11.53 4.20
N VAL A 8 -0.57 11.28 3.06
CA VAL A 8 0.47 10.26 3.02
C VAL A 8 1.59 10.64 3.99
N LYS A 9 1.82 11.95 4.14
CA LYS A 9 2.84 12.44 5.05
C LYS A 9 2.34 12.21 6.49
N ARG A 10 1.15 12.74 6.77
CA ARG A 10 0.53 12.62 8.09
C ARG A 10 0.28 11.16 8.49
N LEU A 11 0.09 10.31 7.50
CA LEU A 11 -0.20 8.89 7.74
C LEU A 11 1.10 8.13 7.95
N LEU A 12 2.16 8.57 7.28
CA LEU A 12 3.44 7.92 7.41
C LEU A 12 4.01 8.16 8.79
N ALA A 13 3.77 9.37 9.26
CA ALA A 13 4.27 9.82 10.55
C ALA A 13 3.32 9.45 11.69
N SER A 14 2.03 9.24 11.38
CA SER A 14 1.01 8.89 12.37
C SER A 14 1.55 8.01 13.49
N ARG A 15 1.19 8.35 14.70
CA ARG A 15 1.63 7.65 15.88
C ARG A 15 0.55 6.68 16.37
N ASN A 16 -0.50 6.53 15.58
CA ASN A 16 -1.58 5.63 15.93
C ASN A 16 -1.42 4.32 15.20
N SER A 17 -1.00 3.28 15.92
CA SER A 17 -0.79 1.97 15.31
C SER A 17 -2.13 1.28 15.02
N LYS A 18 -3.23 1.89 15.45
CA LYS A 18 -4.56 1.33 15.16
C LYS A 18 -4.82 1.55 13.68
N GLU A 19 -4.14 2.55 13.17
CA GLU A 19 -4.22 2.91 11.78
C GLU A 19 -3.37 1.91 11.00
N LEU A 20 -2.09 1.84 11.36
CA LEU A 20 -1.12 0.96 10.71
C LEU A 20 -1.43 -0.51 10.92
N GLU A 21 -2.48 -0.77 11.67
CA GLU A 21 -2.97 -2.12 11.85
C GLU A 21 -4.09 -2.32 10.81
N THR A 22 -5.10 -1.43 10.83
CA THR A 22 -6.18 -1.44 9.83
C THR A 22 -5.71 -0.82 8.50
N LEU A 23 -4.40 -0.81 8.31
CA LEU A 23 -3.79 -0.19 7.12
C LEU A 23 -2.38 -0.70 6.91
N ILE A 24 -1.98 -0.74 5.64
CA ILE A 24 -0.67 -1.23 5.23
C ILE A 24 -0.30 -0.56 3.91
N CYS A 25 0.87 -0.87 3.39
CA CYS A 25 1.35 -0.32 2.16
C CYS A 25 1.73 -1.45 1.23
N LEU A 26 1.07 -1.50 0.09
CA LEU A 26 1.34 -2.52 -0.90
C LEU A 26 2.47 -2.04 -1.78
N PHE A 27 3.44 -2.91 -2.05
CA PHE A 27 4.59 -2.55 -2.87
C PHE A 27 4.64 -3.32 -4.16
N PRO A 28 3.74 -3.03 -5.12
CA PRO A 28 3.74 -3.69 -6.39
C PRO A 28 3.95 -2.79 -7.61
N LEU A 29 4.31 -1.54 -7.44
CA LEU A 29 4.51 -0.73 -8.62
C LEU A 29 5.99 -0.62 -8.98
N SER A 30 6.30 -1.39 -10.01
CA SER A 30 7.63 -1.47 -10.60
C SER A 30 7.99 -0.13 -11.26
N ASP A 31 9.13 -0.08 -11.93
CA ASP A 31 9.56 1.13 -12.63
C ASP A 31 8.81 1.30 -13.96
N LYS A 32 7.93 0.33 -14.24
CA LYS A 32 7.14 0.31 -15.48
C LYS A 32 5.66 0.42 -15.20
N VAL A 33 5.27 1.13 -14.15
CA VAL A 33 3.85 1.19 -13.82
C VAL A 33 3.31 2.60 -13.59
N SER A 34 2.05 2.62 -13.21
CA SER A 34 1.30 3.84 -12.97
C SER A 34 0.59 3.77 -11.61
N PRO A 35 0.49 4.90 -10.90
CA PRO A 35 -0.17 4.99 -9.59
C PRO A 35 -1.65 4.61 -9.65
N SER A 36 -2.36 5.27 -10.54
CA SER A 36 -3.79 5.07 -10.75
C SER A 36 -4.10 3.63 -11.15
N LEU A 37 -3.27 3.09 -12.03
CA LEU A 37 -3.43 1.71 -12.51
C LEU A 37 -3.51 0.74 -11.35
N ILE A 38 -2.84 1.14 -10.26
CA ILE A 38 -2.78 0.32 -9.07
C ILE A 38 -4.15 0.23 -8.42
N CYS A 39 -4.82 1.35 -8.39
CA CYS A 39 -6.12 1.47 -7.79
C CYS A 39 -7.13 0.67 -8.58
N GLN A 40 -7.12 0.85 -9.91
CA GLN A 40 -8.02 0.07 -10.77
C GLN A 40 -7.85 -1.41 -10.46
N PHE A 41 -6.62 -1.90 -10.59
CA PHE A 41 -6.24 -3.27 -10.31
C PHE A 41 -6.55 -3.65 -8.87
N LEU A 42 -6.60 -2.68 -7.97
CA LEU A 42 -6.90 -2.99 -6.59
C LEU A 42 -8.38 -3.35 -6.53
N GLN A 43 -9.15 -2.63 -7.33
CA GLN A 43 -10.57 -2.87 -7.46
C GLN A 43 -10.77 -4.08 -8.36
N GLU A 44 -9.76 -4.32 -9.20
CA GLU A 44 -9.79 -5.43 -10.13
C GLU A 44 -9.72 -6.77 -9.38
N GLU A 45 -8.82 -6.82 -8.39
CA GLU A 45 -8.57 -8.03 -7.63
C GLU A 45 -9.12 -8.00 -6.20
N ILE A 46 -8.96 -6.86 -5.53
CA ILE A 46 -9.42 -6.68 -4.14
C ILE A 46 -10.85 -6.17 -4.12
N HIS A 47 -11.34 -5.79 -5.30
CA HIS A 47 -12.69 -5.25 -5.48
C HIS A 47 -12.93 -4.09 -4.52
N ILE A 48 -11.89 -3.30 -4.31
CA ILE A 48 -11.96 -2.15 -3.43
C ILE A 48 -12.94 -1.10 -3.96
N ASN A 49 -13.71 -0.55 -3.05
CA ASN A 49 -14.69 0.47 -3.37
C ASN A 49 -14.71 1.49 -2.25
N GLU A 50 -15.66 2.41 -2.25
CA GLU A 50 -15.71 3.46 -1.23
C GLU A 50 -16.23 2.93 0.12
N LYS A 51 -16.75 1.71 0.13
CA LYS A 51 -17.26 1.12 1.38
C LYS A 51 -16.24 0.16 2.00
N ASP A 52 -15.57 -0.65 1.17
CA ASP A 52 -14.60 -1.64 1.63
C ASP A 52 -13.23 -1.03 1.89
N ILE A 53 -13.06 0.21 1.45
CA ILE A 53 -11.81 0.93 1.65
C ILE A 53 -12.12 2.19 2.46
N ARG A 54 -11.32 2.47 3.45
CA ARG A 54 -11.53 3.67 4.26
C ARG A 54 -10.93 4.87 3.55
N LYS A 55 -9.72 4.66 3.04
CA LYS A 55 -8.97 5.68 2.31
C LYS A 55 -7.77 5.01 1.68
N ILE A 56 -7.49 5.38 0.45
CA ILE A 56 -6.40 4.79 -0.30
C ILE A 56 -5.61 5.86 -1.06
N LEU A 57 -4.32 5.96 -0.76
CA LEU A 57 -3.46 6.95 -1.41
C LEU A 57 -2.21 6.29 -1.98
N LEU A 58 -1.61 6.90 -3.00
CA LEU A 58 -0.41 6.36 -3.63
C LEU A 58 0.84 6.99 -3.03
N VAL A 59 1.82 6.15 -2.76
CA VAL A 59 3.08 6.57 -2.16
C VAL A 59 4.25 6.42 -3.14
N SER A 60 4.63 7.50 -3.84
CA SER A 60 5.69 7.43 -4.84
C SER A 60 7.11 7.81 -4.34
N ASP A 61 7.38 7.75 -3.04
CA ASP A 61 8.73 8.11 -2.55
C ASP A 61 9.38 6.89 -1.89
N PHE A 62 8.72 5.78 -2.09
CA PHE A 62 9.06 4.46 -1.53
C PHE A 62 8.11 3.49 -2.18
N ASN A 63 7.85 3.78 -3.44
CA ASN A 63 6.91 3.07 -4.30
C ASN A 63 5.99 2.08 -3.62
N GLY A 64 4.92 2.60 -3.04
CA GLY A 64 3.93 1.74 -2.45
C GLY A 64 2.57 2.38 -2.52
N ALA A 65 1.60 1.77 -1.85
CA ALA A 65 0.26 2.30 -1.82
C ALA A 65 -0.37 2.05 -0.46
N ILE A 66 -0.75 3.12 0.22
CA ILE A 66 -1.34 3.00 1.54
C ILE A 66 -2.83 2.74 1.43
N ILE A 67 -3.26 1.66 2.05
CA ILE A 67 -4.64 1.21 2.04
C ILE A 67 -5.09 0.82 3.42
N ILE A 68 -6.20 1.42 3.78
CA ILE A 68 -6.87 1.14 5.01
C ILE A 68 -8.18 0.46 4.62
N PHE A 69 -8.18 -0.88 4.47
CA PHE A 69 -9.42 -1.58 4.08
C PHE A 69 -10.54 -1.18 5.01
N ARG A 70 -10.55 -1.77 6.18
CA ARG A 70 -11.58 -1.46 7.18
C ARG A 70 -11.12 -1.82 8.58
N ASP A 71 -10.21 -2.80 8.70
CA ASP A 71 -9.72 -3.17 10.04
C ASP A 71 -8.39 -3.94 9.96
N SER A 72 -7.78 -4.04 11.14
CA SER A 72 -6.49 -4.66 11.35
C SER A 72 -6.38 -6.05 10.73
N LYS A 73 -7.34 -6.90 11.05
CA LYS A 73 -7.32 -8.30 10.61
C LYS A 73 -7.26 -8.47 9.10
N PHE A 74 -8.03 -7.67 8.38
CA PHE A 74 -8.11 -7.83 6.92
C PHE A 74 -6.88 -7.25 6.23
N ALA A 75 -6.36 -6.17 6.78
CA ALA A 75 -5.19 -5.51 6.21
C ALA A 75 -3.95 -6.38 6.32
N ALA A 76 -3.76 -7.01 7.47
CA ALA A 76 -2.57 -7.82 7.66
C ALA A 76 -2.73 -9.17 7.00
N LYS A 77 -3.95 -9.69 7.05
CA LYS A 77 -4.25 -10.98 6.46
C LYS A 77 -4.12 -10.91 4.94
N MET A 78 -4.54 -9.80 4.34
CA MET A 78 -4.47 -9.71 2.89
C MET A 78 -3.05 -9.41 2.49
N LEU A 79 -2.35 -8.65 3.32
CA LEU A 79 -0.94 -8.34 3.09
C LEU A 79 -0.17 -9.65 2.90
N MET A 80 -0.27 -10.54 3.87
CA MET A 80 0.44 -11.81 3.83
C MET A 80 -0.03 -12.72 2.70
N ILE A 81 -1.32 -12.71 2.41
CA ILE A 81 -1.86 -13.58 1.35
C ILE A 81 -1.69 -12.97 -0.05
N LEU A 82 -1.65 -11.66 -0.15
CA LEU A 82 -1.58 -11.03 -1.46
C LEU A 82 -0.25 -10.35 -1.79
N ASN A 83 0.24 -9.39 -1.01
CA ASN A 83 1.47 -8.73 -1.42
C ASN A 83 2.77 -9.43 -1.01
N GLY A 84 3.28 -10.16 -2.01
CA GLY A 84 4.55 -10.91 -1.92
C GLY A 84 4.70 -11.95 -3.03
N SER A 85 3.95 -11.78 -4.13
CA SER A 85 3.97 -12.73 -5.24
C SER A 85 4.88 -12.29 -6.39
N GLN A 86 4.50 -12.66 -7.62
CA GLN A 86 5.27 -12.35 -8.81
C GLN A 86 4.40 -11.76 -9.90
N PHE A 87 4.81 -10.62 -10.44
CA PHE A 87 4.06 -9.96 -11.51
C PHE A 87 5.00 -9.09 -12.35
N GLN A 88 4.83 -9.17 -13.67
CA GLN A 88 5.64 -8.38 -14.62
C GLN A 88 7.14 -8.73 -14.52
N GLY A 89 7.43 -9.92 -13.99
CA GLY A 89 8.81 -10.34 -13.85
C GLY A 89 9.46 -9.70 -12.64
N LYS A 90 8.67 -9.56 -11.60
CA LYS A 90 9.10 -8.92 -10.38
C LYS A 90 8.32 -9.49 -9.20
N VAL A 91 8.86 -9.39 -8.00
CA VAL A 91 8.16 -9.84 -6.84
C VAL A 91 7.45 -8.65 -6.23
N ILE A 92 6.13 -8.71 -6.17
CA ILE A 92 5.38 -7.64 -5.58
C ILE A 92 5.10 -8.06 -4.17
N ARG A 93 5.48 -7.20 -3.21
CA ARG A 93 5.38 -7.56 -1.78
C ARG A 93 4.78 -6.43 -0.98
N SER A 94 4.57 -6.62 0.33
CA SER A 94 3.99 -5.54 1.11
C SER A 94 4.43 -5.54 2.54
N GLY A 95 3.91 -4.55 3.21
CA GLY A 95 4.22 -4.33 4.58
C GLY A 95 3.58 -3.05 5.02
N THR A 96 4.11 -2.40 6.02
CA THR A 96 3.52 -1.14 6.41
C THR A 96 4.50 0.00 6.16
N ILE A 97 4.63 0.91 7.11
CA ILE A 97 5.49 2.07 6.94
C ILE A 97 6.97 1.74 7.14
N ASN A 98 7.31 0.86 8.05
CA ASN A 98 8.70 0.54 8.29
C ASN A 98 9.19 -0.40 7.20
N ASP A 99 8.31 -1.30 6.79
CA ASP A 99 8.61 -2.24 5.74
C ASP A 99 8.70 -1.48 4.43
N MET A 100 8.07 -0.31 4.40
CA MET A 100 8.10 0.55 3.23
C MET A 100 9.46 1.20 3.14
N LYS A 101 9.96 1.61 4.30
CA LYS A 101 11.27 2.20 4.46
C LYS A 101 12.36 1.21 4.06
N ARG A 102 12.18 -0.05 4.42
CA ARG A 102 13.16 -1.07 4.06
C ARG A 102 13.13 -1.36 2.58
N TYR A 103 11.93 -1.62 2.10
CA TYR A 103 11.74 -1.91 0.70
C TYR A 103 12.31 -0.79 -0.13
N TYR A 104 12.02 0.44 0.31
CA TYR A 104 12.51 1.63 -0.36
C TYR A 104 14.02 1.62 -0.43
N ASN A 105 14.66 1.26 0.67
CA ASN A 105 16.11 1.17 0.70
C ASN A 105 16.57 0.33 -0.48
N ASN A 106 16.01 -0.88 -0.59
CA ASN A 106 16.32 -1.78 -1.70
C ASN A 106 15.91 -1.17 -3.06
N GLN A 107 14.94 -0.26 -3.03
CA GLN A 107 14.47 0.40 -4.25
C GLN A 107 15.51 1.39 -4.77
N GLN A 108 15.89 2.33 -3.93
CA GLN A 108 16.86 3.35 -4.32
C GLN A 108 18.23 2.73 -4.64
N ASN A 109 18.61 1.66 -3.95
CA ASN A 109 19.90 1.04 -4.24
C ASN A 109 19.81 -0.48 -4.09
N PHE A 2 -8.01 14.20 4.28
CA PHE A 2 -7.26 15.38 3.79
C PHE A 2 -6.72 15.12 2.39
N LEU A 3 -5.80 15.95 1.94
CA LEU A 3 -5.20 15.78 0.63
C LEU A 3 -4.17 14.67 0.71
N GLU A 4 -4.08 13.85 -0.35
CA GLU A 4 -3.13 12.74 -0.40
C GLU A 4 -1.77 13.10 0.19
N ARG A 5 -1.11 14.09 -0.41
CA ARG A 5 0.22 14.51 0.05
C ARG A 5 0.26 14.78 1.55
N ASN A 6 -0.79 15.41 2.08
CA ASN A 6 -0.83 15.78 3.47
C ASN A 6 -1.12 14.57 4.35
N GLU A 7 -1.96 13.68 3.86
CA GLU A 7 -2.31 12.49 4.60
C GLU A 7 -1.21 11.45 4.48
N VAL A 8 -0.51 11.43 3.34
CA VAL A 8 0.59 10.47 3.19
C VAL A 8 1.71 10.88 4.14
N LYS A 9 1.90 12.20 4.28
CA LYS A 9 2.91 12.73 5.17
C LYS A 9 2.55 12.37 6.62
N ARG A 10 1.32 12.73 7.01
CA ARG A 10 0.81 12.43 8.34
C ARG A 10 0.99 10.94 8.62
N LEU A 11 0.31 10.11 7.82
CA LEU A 11 0.42 8.66 7.92
C LEU A 11 1.87 8.17 8.02
N LEU A 12 2.76 8.80 7.26
CA LEU A 12 4.16 8.45 7.25
C LEU A 12 4.79 8.58 8.63
N ALA A 13 4.53 9.69 9.29
CA ALA A 13 5.11 9.95 10.61
C ALA A 13 4.22 9.50 11.76
N SER A 14 2.97 9.16 11.49
CA SER A 14 2.04 8.76 12.54
C SER A 14 2.63 7.69 13.44
N ARG A 15 2.53 7.92 14.73
CA ARG A 15 3.06 7.00 15.72
C ARG A 15 1.96 6.03 16.16
N ASN A 16 0.72 6.39 15.86
CA ASN A 16 -0.43 5.56 16.20
C ASN A 16 -0.33 4.22 15.48
N SER A 17 0.11 3.19 16.20
CA SER A 17 0.28 1.88 15.62
C SER A 17 -1.05 1.18 15.37
N LYS A 18 -2.15 1.78 15.81
CA LYS A 18 -3.47 1.19 15.57
C LYS A 18 -3.82 1.40 14.11
N GLU A 19 -3.24 2.47 13.58
CA GLU A 19 -3.40 2.86 12.20
C GLU A 19 -2.70 1.83 11.33
N LEU A 20 -1.41 1.63 11.60
CA LEU A 20 -0.58 0.69 10.90
C LEU A 20 -1.16 -0.73 10.97
N GLU A 21 -2.19 -0.93 11.80
CA GLU A 21 -2.86 -2.20 11.89
C GLU A 21 -3.99 -2.22 10.86
N THR A 22 -4.94 -1.29 11.02
CA THR A 22 -6.08 -1.16 10.09
C THR A 22 -5.65 -0.63 8.71
N LEU A 23 -4.39 -0.72 8.42
CA LEU A 23 -3.88 -0.19 7.17
C LEU A 23 -2.49 -0.65 6.91
N ILE A 24 -2.15 -0.68 5.65
CA ILE A 24 -0.85 -1.13 5.20
C ILE A 24 -0.58 -0.49 3.84
N CYS A 25 0.60 -0.71 3.29
CA CYS A 25 1.01 -0.15 2.02
C CYS A 25 1.41 -1.24 1.05
N LEU A 26 0.63 -1.38 -0.02
CA LEU A 26 0.88 -2.39 -1.05
C LEU A 26 2.03 -1.94 -1.94
N PHE A 27 2.98 -2.82 -2.20
CA PHE A 27 4.12 -2.49 -3.06
C PHE A 27 4.19 -3.44 -4.25
N PRO A 28 3.24 -3.35 -5.19
CA PRO A 28 3.25 -4.17 -6.36
C PRO A 28 3.37 -3.40 -7.66
N LEU A 29 4.02 -2.26 -7.64
CA LEU A 29 4.19 -1.51 -8.86
C LEU A 29 5.67 -1.35 -9.22
N SER A 30 5.94 -1.95 -10.35
CA SER A 30 7.25 -2.03 -10.99
C SER A 30 7.84 -0.67 -11.39
N ASP A 31 8.94 -0.70 -12.13
CA ASP A 31 9.53 0.53 -12.65
C ASP A 31 8.84 0.92 -13.96
N LYS A 32 7.89 0.08 -14.38
CA LYS A 32 7.13 0.26 -15.63
C LYS A 32 5.61 0.34 -15.39
N VAL A 33 5.21 0.89 -14.26
CA VAL A 33 3.80 0.94 -13.89
C VAL A 33 3.16 2.31 -14.11
N SER A 34 1.89 2.38 -13.78
CA SER A 34 1.08 3.59 -13.93
C SER A 34 0.14 3.77 -12.75
N PRO A 35 0.08 4.99 -12.21
CA PRO A 35 -0.79 5.36 -11.07
C PRO A 35 -2.24 4.86 -11.21
N SER A 36 -2.88 5.24 -12.31
CA SER A 36 -4.27 4.86 -12.56
C SER A 36 -4.41 3.34 -12.64
N LEU A 37 -3.45 2.72 -13.32
CA LEU A 37 -3.44 1.26 -13.49
C LEU A 37 -3.46 0.56 -12.15
N ILE A 38 -2.81 1.17 -11.17
CA ILE A 38 -2.69 0.60 -9.84
C ILE A 38 -4.06 0.46 -9.19
N CYS A 39 -4.86 1.50 -9.30
CA CYS A 39 -6.17 1.53 -8.72
C CYS A 39 -7.08 0.54 -9.43
N GLN A 40 -7.02 0.53 -10.75
CA GLN A 40 -7.80 -0.41 -11.55
C GLN A 40 -7.56 -1.82 -11.02
N PHE A 41 -6.29 -2.20 -11.02
CA PHE A 41 -5.79 -3.48 -10.53
C PHE A 41 -6.11 -3.70 -9.06
N LEU A 42 -6.23 -2.61 -8.29
CA LEU A 42 -6.52 -2.75 -6.87
C LEU A 42 -7.98 -3.17 -6.72
N GLN A 43 -8.81 -2.52 -7.52
CA GLN A 43 -10.24 -2.81 -7.53
C GLN A 43 -10.46 -4.06 -8.37
N GLU A 44 -9.48 -4.33 -9.23
CA GLU A 44 -9.51 -5.47 -10.10
C GLU A 44 -9.27 -6.77 -9.34
N GLU A 45 -8.34 -6.73 -8.40
CA GLU A 45 -7.97 -7.90 -7.61
C GLU A 45 -8.55 -7.86 -6.19
N ILE A 46 -8.42 -6.72 -5.53
CA ILE A 46 -8.90 -6.56 -4.16
C ILE A 46 -10.37 -6.18 -4.16
N HIS A 47 -10.86 -5.83 -5.34
CA HIS A 47 -12.27 -5.42 -5.52
C HIS A 47 -12.62 -4.28 -4.57
N ILE A 48 -11.65 -3.40 -4.36
CA ILE A 48 -11.81 -2.25 -3.49
C ILE A 48 -12.83 -1.28 -4.09
N ASN A 49 -13.60 -0.67 -3.21
CA ASN A 49 -14.62 0.30 -3.60
C ASN A 49 -14.62 1.44 -2.60
N GLU A 50 -15.56 2.36 -2.73
CA GLU A 50 -15.64 3.53 -1.83
C GLU A 50 -16.03 3.16 -0.39
N LYS A 51 -16.53 1.95 -0.18
CA LYS A 51 -16.95 1.52 1.16
C LYS A 51 -15.90 0.64 1.84
N ASP A 52 -15.28 -0.24 1.07
CA ASP A 52 -14.29 -1.18 1.61
C ASP A 52 -12.93 -0.54 1.73
N ILE A 53 -12.83 0.72 1.37
CA ILE A 53 -11.60 1.47 1.45
C ILE A 53 -11.88 2.80 2.14
N ARG A 54 -11.00 3.21 3.05
CA ARG A 54 -11.18 4.46 3.74
C ARG A 54 -10.86 5.60 2.77
N LYS A 55 -9.58 5.64 2.40
CA LYS A 55 -9.00 6.60 1.48
C LYS A 55 -7.77 5.96 0.88
N ILE A 56 -7.64 6.06 -0.42
CA ILE A 56 -6.56 5.40 -1.13
C ILE A 56 -5.51 6.40 -1.63
N LEU A 57 -4.35 6.40 -1.00
CA LEU A 57 -3.29 7.31 -1.41
C LEU A 57 -2.17 6.55 -2.12
N LEU A 58 -1.73 7.06 -3.27
CA LEU A 58 -0.65 6.43 -4.02
C LEU A 58 0.67 6.99 -3.54
N VAL A 59 1.64 6.13 -3.30
CA VAL A 59 2.93 6.56 -2.80
C VAL A 59 4.09 6.27 -3.76
N SER A 60 4.57 7.29 -4.44
CA SER A 60 5.68 7.12 -5.39
C SER A 60 7.06 7.45 -4.79
N ASP A 61 7.25 7.23 -3.50
CA ASP A 61 8.56 7.50 -2.88
C ASP A 61 9.05 6.26 -2.12
N PHE A 62 8.25 5.22 -2.23
CA PHE A 62 8.45 3.90 -1.60
C PHE A 62 7.57 2.94 -2.37
N ASN A 63 7.39 3.32 -3.62
CA ASN A 63 6.54 2.67 -4.61
C ASN A 63 5.42 1.80 -4.06
N GLY A 64 4.30 2.40 -3.74
CA GLY A 64 3.20 1.60 -3.31
C GLY A 64 1.90 2.37 -3.20
N ALA A 65 1.00 1.84 -2.40
CA ALA A 65 -0.30 2.44 -2.17
C ALA A 65 -0.72 2.22 -0.73
N ILE A 66 -0.86 3.32 0.00
CA ILE A 66 -1.24 3.24 1.42
C ILE A 66 -2.76 3.39 1.60
N ILE A 67 -3.37 2.35 2.16
CA ILE A 67 -4.81 2.31 2.39
C ILE A 67 -5.19 1.48 3.59
N ILE A 68 -6.31 1.90 4.14
CA ILE A 68 -6.99 1.22 5.20
C ILE A 68 -8.15 0.50 4.55
N PHE A 69 -8.15 -0.82 4.47
CA PHE A 69 -9.32 -1.48 3.93
C PHE A 69 -10.48 -1.05 4.81
N ARG A 70 -10.51 -1.54 6.04
CA ARG A 70 -11.55 -1.18 6.99
C ARG A 70 -11.21 -1.69 8.38
N ASP A 71 -10.48 -2.80 8.46
CA ASP A 71 -10.10 -3.33 9.78
C ASP A 71 -8.72 -3.96 9.76
N SER A 72 -8.07 -3.84 10.91
CA SER A 72 -6.73 -4.31 11.16
C SER A 72 -6.50 -5.78 10.84
N LYS A 73 -7.44 -6.66 11.19
CA LYS A 73 -7.28 -8.08 10.94
C LYS A 73 -7.18 -8.42 9.47
N PHE A 74 -7.96 -7.73 8.65
CA PHE A 74 -8.01 -8.02 7.23
C PHE A 74 -6.82 -7.42 6.49
N ALA A 75 -6.40 -6.23 6.91
CA ALA A 75 -5.28 -5.57 6.26
C ALA A 75 -4.01 -6.39 6.36
N ALA A 76 -3.80 -6.98 7.54
CA ALA A 76 -2.59 -7.75 7.75
C ALA A 76 -2.75 -9.15 7.16
N LYS A 77 -3.97 -9.69 7.30
CA LYS A 77 -4.26 -11.02 6.79
C LYS A 77 -4.17 -11.04 5.26
N MET A 78 -4.59 -9.96 4.61
CA MET A 78 -4.57 -9.94 3.16
C MET A 78 -3.16 -9.67 2.70
N LEU A 79 -2.47 -8.77 3.41
CA LEU A 79 -1.08 -8.47 3.13
C LEU A 79 -0.29 -9.78 3.00
N MET A 80 -0.32 -10.58 4.06
CA MET A 80 0.42 -11.83 4.11
C MET A 80 -0.06 -12.88 3.11
N ILE A 81 -1.37 -13.03 2.93
CA ILE A 81 -1.88 -14.06 2.02
C ILE A 81 -1.77 -13.67 0.55
N LEU A 82 -1.98 -12.41 0.25
CA LEU A 82 -1.97 -11.96 -1.14
C LEU A 82 -0.64 -11.37 -1.60
N ASN A 83 -0.14 -10.36 -0.90
CA ASN A 83 1.07 -9.68 -1.37
C ASN A 83 2.39 -10.35 -1.00
N GLY A 84 3.04 -10.84 -2.04
CA GLY A 84 4.36 -11.46 -1.96
C GLY A 84 4.60 -12.46 -3.08
N SER A 85 3.93 -12.24 -4.22
CA SER A 85 4.02 -13.13 -5.36
C SER A 85 5.00 -12.64 -6.42
N GLN A 86 4.72 -12.97 -7.68
CA GLN A 86 5.57 -12.61 -8.79
C GLN A 86 4.74 -12.20 -10.00
N PHE A 87 4.87 -10.94 -10.37
CA PHE A 87 4.15 -10.39 -11.51
C PHE A 87 5.05 -9.45 -12.28
N GLN A 88 4.95 -9.49 -13.61
CA GLN A 88 5.75 -8.63 -14.48
C GLN A 88 7.24 -8.95 -14.34
N GLY A 89 7.52 -10.14 -13.81
CA GLY A 89 8.89 -10.60 -13.63
C GLY A 89 9.50 -10.12 -12.33
N LYS A 90 8.71 -9.47 -11.50
CA LYS A 90 9.17 -8.96 -10.22
C LYS A 90 8.31 -9.50 -9.09
N VAL A 91 8.80 -9.43 -7.86
CA VAL A 91 8.04 -9.90 -6.73
C VAL A 91 7.17 -8.76 -6.22
N ILE A 92 5.86 -8.98 -6.21
CA ILE A 92 4.97 -7.95 -5.72
C ILE A 92 4.62 -8.33 -4.30
N ARG A 93 4.81 -7.39 -3.38
CA ARG A 93 4.62 -7.66 -1.96
C ARG A 93 4.12 -6.43 -1.24
N SER A 94 3.88 -6.55 0.06
CA SER A 94 3.41 -5.40 0.79
C SER A 94 3.98 -5.37 2.20
N GLY A 95 3.65 -4.31 2.89
CA GLY A 95 4.11 -4.09 4.25
C GLY A 95 3.38 -2.88 4.75
N THR A 96 3.82 -2.27 5.83
CA THR A 96 3.16 -1.06 6.28
C THR A 96 4.01 0.17 5.99
N ILE A 97 3.99 1.18 6.87
CA ILE A 97 4.74 2.41 6.64
C ILE A 97 6.23 2.26 6.90
N ASN A 98 6.63 1.63 7.99
CA ASN A 98 8.05 1.46 8.26
C ASN A 98 8.60 0.49 7.23
N ASP A 99 7.74 -0.41 6.81
CA ASP A 99 8.06 -1.41 5.82
C ASP A 99 8.26 -0.76 4.46
N MET A 100 7.61 0.38 4.25
CA MET A 100 7.72 1.08 2.97
C MET A 100 9.03 1.83 2.95
N LYS A 101 9.41 2.31 4.13
CA LYS A 101 10.66 3.03 4.32
C LYS A 101 11.85 2.08 4.18
N ARG A 102 11.69 0.86 4.67
CA ARG A 102 12.75 -0.14 4.57
C ARG A 102 12.91 -0.59 3.14
N TYR A 103 11.80 -1.03 2.58
CA TYR A 103 11.76 -1.48 1.21
C TYR A 103 12.35 -0.40 0.32
N TYR A 104 11.98 0.84 0.63
CA TYR A 104 12.46 1.99 -0.10
C TYR A 104 13.98 2.10 0.01
N ASN A 105 14.53 1.83 1.19
CA ASN A 105 15.97 1.87 1.36
C ASN A 105 16.59 0.94 0.32
N ASN A 106 16.09 -0.30 0.27
CA ASN A 106 16.54 -1.27 -0.73
C ASN A 106 16.26 -0.78 -2.16
N GLN A 107 15.24 0.05 -2.31
CA GLN A 107 14.88 0.59 -3.62
C GLN A 107 15.93 1.57 -4.11
N GLN A 108 16.31 2.51 -3.27
CA GLN A 108 17.31 3.49 -3.62
C GLN A 108 18.71 2.92 -3.69
N ASN A 109 19.02 1.90 -2.89
CA ASN A 109 20.38 1.37 -2.92
C ASN A 109 20.39 -0.03 -3.54
N PHE A 2 -7.16 14.89 -4.89
CA PHE A 2 -5.79 15.24 -5.35
C PHE A 2 -5.00 15.92 -4.22
N LEU A 3 -5.14 15.40 -3.01
CA LEU A 3 -4.43 15.94 -1.86
C LEU A 3 -3.87 14.78 -1.05
N GLU A 4 -3.81 13.64 -1.72
CA GLU A 4 -3.34 12.40 -1.15
C GLU A 4 -1.94 12.52 -0.55
N ARG A 5 -1.04 13.18 -1.25
CA ARG A 5 0.36 13.31 -0.82
C ARG A 5 0.49 13.92 0.58
N ASN A 6 -0.48 14.76 0.94
CA ASN A 6 -0.45 15.43 2.24
C ASN A 6 -0.87 14.45 3.31
N GLU A 7 -1.98 13.75 3.05
CA GLU A 7 -2.48 12.77 4.00
C GLU A 7 -1.53 11.59 4.10
N VAL A 8 -0.90 11.20 2.99
CA VAL A 8 0.08 10.11 3.00
C VAL A 8 1.18 10.47 3.98
N LYS A 9 1.79 11.64 3.78
CA LYS A 9 2.83 12.13 4.68
C LYS A 9 2.40 11.99 6.15
N ARG A 10 1.26 12.62 6.48
CA ARG A 10 0.73 12.57 7.84
C ARG A 10 0.37 11.15 8.30
N LEU A 11 0.07 10.29 7.35
CA LEU A 11 -0.29 8.90 7.64
C LEU A 11 0.94 8.05 7.88
N LEU A 12 2.05 8.44 7.28
CA LEU A 12 3.27 7.67 7.42
C LEU A 12 3.97 8.05 8.71
N ALA A 13 3.80 9.31 9.10
CA ALA A 13 4.40 9.83 10.31
C ALA A 13 3.54 9.48 11.53
N SER A 14 2.22 9.40 11.31
CA SER A 14 1.23 9.07 12.35
C SER A 14 1.80 8.15 13.43
N ARG A 15 1.53 8.48 14.68
CA ARG A 15 2.04 7.72 15.80
C ARG A 15 1.06 6.63 16.20
N ASN A 16 -0.20 6.82 15.83
CA ASN A 16 -1.24 5.83 16.13
C ASN A 16 -0.95 4.53 15.41
N SER A 17 -0.40 3.55 16.12
CA SER A 17 -0.07 2.27 15.52
C SER A 17 -1.32 1.42 15.31
N LYS A 18 -2.47 1.88 15.83
CA LYS A 18 -3.72 1.16 15.62
C LYS A 18 -4.14 1.38 14.17
N GLU A 19 -3.56 2.44 13.63
CA GLU A 19 -3.76 2.85 12.25
C GLU A 19 -2.96 1.90 11.39
N LEU A 20 -1.65 1.78 11.68
CA LEU A 20 -0.78 0.90 10.94
C LEU A 20 -1.23 -0.56 11.06
N GLU A 21 -2.30 -0.79 11.83
CA GLU A 21 -2.89 -2.10 11.94
C GLU A 21 -4.01 -2.18 10.92
N THR A 22 -5.01 -1.30 11.08
CA THR A 22 -6.14 -1.19 10.12
C THR A 22 -5.68 -0.66 8.76
N LEU A 23 -4.41 -0.82 8.47
CA LEU A 23 -3.83 -0.34 7.24
C LEU A 23 -2.43 -0.82 7.08
N ILE A 24 -1.96 -0.75 5.84
CA ILE A 24 -0.61 -1.16 5.49
C ILE A 24 -0.25 -0.44 4.21
N CYS A 25 1.00 -0.55 3.82
CA CYS A 25 1.47 0.04 2.59
C CYS A 25 1.76 -1.08 1.62
N LEU A 26 0.99 -1.14 0.56
CA LEU A 26 1.16 -2.15 -0.44
C LEU A 26 2.36 -1.80 -1.30
N PHE A 27 3.22 -2.77 -1.51
CA PHE A 27 4.41 -2.55 -2.31
C PHE A 27 4.41 -3.41 -3.57
N PRO A 28 3.46 -3.18 -4.50
CA PRO A 28 3.39 -3.88 -5.74
C PRO A 28 3.50 -2.97 -6.95
N LEU A 29 4.40 -2.01 -6.90
CA LEU A 29 4.57 -1.13 -8.01
C LEU A 29 6.05 -0.97 -8.37
N SER A 30 6.28 -1.23 -9.63
CA SER A 30 7.59 -1.18 -10.24
C SER A 30 8.09 0.26 -10.41
N ASP A 31 9.27 0.43 -10.96
CA ASP A 31 9.81 1.76 -11.22
C ASP A 31 9.26 2.30 -12.54
N LYS A 32 8.46 1.47 -13.21
CA LYS A 32 7.87 1.81 -14.51
C LYS A 32 6.34 1.79 -14.44
N VAL A 33 5.79 2.14 -13.29
CA VAL A 33 4.37 2.12 -13.10
C VAL A 33 3.74 3.49 -13.28
N SER A 34 2.45 3.53 -12.99
CA SER A 34 1.66 4.75 -13.06
C SER A 34 0.71 4.78 -11.85
N PRO A 35 0.59 5.95 -11.19
CA PRO A 35 -0.25 6.13 -10.00
C PRO A 35 -1.68 5.61 -10.15
N SER A 36 -2.36 6.07 -11.20
CA SER A 36 -3.74 5.67 -11.46
C SER A 36 -3.87 4.19 -11.78
N LEU A 37 -2.88 3.65 -12.48
CA LEU A 37 -2.86 2.23 -12.86
C LEU A 37 -2.94 1.37 -11.61
N ILE A 38 -2.36 1.87 -10.53
CA ILE A 38 -2.35 1.18 -9.26
C ILE A 38 -3.75 0.88 -8.79
N CYS A 39 -4.54 1.93 -8.76
CA CYS A 39 -5.90 1.86 -8.29
C CYS A 39 -6.75 0.97 -9.19
N GLN A 40 -6.60 1.13 -10.51
CA GLN A 40 -7.33 0.27 -11.44
C GLN A 40 -7.11 -1.20 -11.09
N PHE A 41 -5.84 -1.55 -10.92
CA PHE A 41 -5.36 -2.88 -10.56
C PHE A 41 -5.73 -3.22 -9.11
N LEU A 42 -5.94 -2.22 -8.27
CA LEU A 42 -6.29 -2.49 -6.90
C LEU A 42 -7.75 -2.90 -6.84
N GLN A 43 -8.53 -2.20 -7.64
CA GLN A 43 -9.95 -2.50 -7.78
C GLN A 43 -10.07 -3.71 -8.69
N GLU A 44 -8.99 -3.94 -9.43
CA GLU A 44 -8.89 -5.04 -10.35
C GLU A 44 -8.70 -6.36 -9.62
N GLU A 45 -7.76 -6.38 -8.68
CA GLU A 45 -7.40 -7.58 -7.92
C GLU A 45 -7.94 -7.60 -6.48
N ILE A 46 -7.76 -6.51 -5.74
CA ILE A 46 -8.22 -6.41 -4.34
C ILE A 46 -9.69 -6.03 -4.32
N HIS A 47 -10.20 -5.69 -5.51
CA HIS A 47 -11.60 -5.29 -5.68
C HIS A 47 -11.93 -4.16 -4.72
N ILE A 48 -10.93 -3.29 -4.53
CA ILE A 48 -11.07 -2.17 -3.64
C ILE A 48 -12.14 -1.21 -4.12
N ASN A 49 -12.97 -0.87 -3.18
CA ASN A 49 -14.08 0.04 -3.38
C ASN A 49 -14.24 0.83 -2.10
N GLU A 50 -15.34 1.56 -1.96
CA GLU A 50 -15.57 2.33 -0.75
C GLU A 50 -16.09 1.42 0.35
N LYS A 51 -16.44 0.19 -0.03
CA LYS A 51 -16.95 -0.80 0.90
C LYS A 51 -15.84 -1.71 1.40
N ASP A 52 -14.63 -1.58 0.83
CA ASP A 52 -13.52 -2.41 1.23
C ASP A 52 -12.42 -1.60 1.88
N ILE A 53 -12.39 -0.31 1.57
CA ILE A 53 -11.35 0.58 2.05
C ILE A 53 -11.93 1.79 2.75
N ARG A 54 -11.23 2.27 3.75
CA ARG A 54 -11.64 3.48 4.42
C ARG A 54 -11.20 4.65 3.54
N LYS A 55 -10.00 4.48 2.98
CA LYS A 55 -9.37 5.44 2.08
C LYS A 55 -8.08 4.85 1.52
N ILE A 56 -7.79 5.18 0.27
CA ILE A 56 -6.63 4.65 -0.42
C ILE A 56 -5.81 5.80 -1.02
N LEU A 57 -4.50 5.82 -0.74
CA LEU A 57 -3.64 6.89 -1.24
C LEU A 57 -2.36 6.33 -1.87
N LEU A 58 -1.77 7.07 -2.81
CA LEU A 58 -0.54 6.65 -3.48
C LEU A 58 0.68 7.19 -2.77
N VAL A 59 1.64 6.32 -2.55
CA VAL A 59 2.88 6.66 -1.85
C VAL A 59 4.11 6.49 -2.77
N SER A 60 4.49 7.56 -3.47
CA SER A 60 5.59 7.50 -4.44
C SER A 60 7.01 7.87 -3.94
N ASP A 61 7.35 7.57 -2.68
CA ASP A 61 8.71 7.87 -2.18
C ASP A 61 9.31 6.65 -1.48
N PHE A 62 8.62 5.54 -1.68
CA PHE A 62 8.92 4.22 -1.10
C PHE A 62 8.00 3.24 -1.78
N ASN A 63 7.73 3.57 -3.03
CA ASN A 63 6.80 2.88 -3.91
C ASN A 63 5.76 2.03 -3.22
N GLY A 64 4.92 2.65 -2.44
CA GLY A 64 3.90 1.89 -1.79
C GLY A 64 2.53 2.50 -1.97
N ALA A 65 1.54 1.89 -1.35
CA ALA A 65 0.18 2.36 -1.42
C ALA A 65 -0.47 2.23 -0.05
N ILE A 66 -0.92 3.34 0.50
CA ILE A 66 -1.55 3.31 1.82
C ILE A 66 -3.00 2.91 1.65
N ILE A 67 -3.36 1.83 2.34
CA ILE A 67 -4.69 1.26 2.27
C ILE A 67 -5.16 0.81 3.64
N ILE A 68 -6.31 1.33 4.00
CA ILE A 68 -6.98 0.94 5.21
C ILE A 68 -8.17 0.07 4.80
N PHE A 69 -8.08 -1.26 4.75
CA PHE A 69 -9.30 -2.03 4.47
C PHE A 69 -10.25 -1.78 5.67
N ARG A 70 -11.22 -2.62 5.87
CA ARG A 70 -12.18 -2.38 6.95
C ARG A 70 -11.76 -2.86 8.34
N ASP A 71 -10.49 -3.25 8.49
CA ASP A 71 -10.00 -3.71 9.82
C ASP A 71 -8.56 -4.17 9.86
N SER A 72 -7.99 -3.92 11.03
CA SER A 72 -6.63 -4.26 11.38
C SER A 72 -6.32 -5.74 11.16
N LYS A 73 -7.19 -6.62 11.62
CA LYS A 73 -7.01 -8.06 11.46
C LYS A 73 -6.96 -8.43 9.98
N PHE A 74 -7.85 -7.82 9.22
CA PHE A 74 -7.99 -8.12 7.82
C PHE A 74 -6.86 -7.50 7.01
N ALA A 75 -6.43 -6.31 7.42
CA ALA A 75 -5.34 -5.61 6.74
C ALA A 75 -4.06 -6.43 6.74
N ALA A 76 -3.80 -7.12 7.85
CA ALA A 76 -2.58 -7.90 7.96
C ALA A 76 -2.77 -9.25 7.28
N LYS A 77 -3.95 -9.81 7.47
CA LYS A 77 -4.31 -11.11 6.89
C LYS A 77 -4.37 -11.02 5.39
N MET A 78 -4.76 -9.85 4.95
CA MET A 78 -4.89 -9.59 3.51
C MET A 78 -3.52 -9.30 2.96
N LEU A 79 -2.69 -8.61 3.74
CA LEU A 79 -1.30 -8.37 3.37
C LEU A 79 -0.71 -9.74 2.99
N MET A 80 -0.94 -10.72 3.84
CA MET A 80 -0.43 -12.07 3.62
C MET A 80 -1.07 -12.77 2.41
N ILE A 81 -2.39 -12.66 2.24
CA ILE A 81 -3.08 -13.33 1.13
C ILE A 81 -2.92 -12.64 -0.22
N LEU A 82 -3.02 -11.33 -0.24
CA LEU A 82 -2.92 -10.58 -1.48
C LEU A 82 -1.48 -10.47 -1.95
N ASN A 83 -0.58 -10.14 -1.03
CA ASN A 83 0.82 -9.98 -1.39
C ASN A 83 1.53 -11.30 -1.61
N GLY A 84 2.81 -11.25 -1.99
CA GLY A 84 3.53 -12.46 -2.31
C GLY A 84 3.04 -12.97 -3.65
N SER A 85 2.76 -12.00 -4.51
CA SER A 85 2.21 -12.28 -5.83
C SER A 85 3.28 -12.15 -6.93
N GLN A 86 2.91 -12.51 -8.15
CA GLN A 86 3.80 -12.41 -9.30
C GLN A 86 3.18 -11.48 -10.33
N PHE A 87 3.77 -10.31 -10.52
CA PHE A 87 3.23 -9.34 -11.46
C PHE A 87 4.33 -8.46 -12.06
N GLN A 88 4.21 -8.21 -13.36
CA GLN A 88 5.17 -7.37 -14.11
C GLN A 88 6.57 -7.96 -14.09
N GLY A 89 6.66 -9.28 -14.01
CA GLY A 89 7.95 -9.95 -14.01
C GLY A 89 8.66 -9.89 -12.67
N LYS A 90 7.99 -9.41 -11.64
CA LYS A 90 8.59 -9.29 -10.32
C LYS A 90 7.58 -9.70 -9.25
N VAL A 91 8.06 -10.15 -8.11
CA VAL A 91 7.16 -10.51 -7.04
C VAL A 91 6.82 -9.28 -6.23
N ILE A 92 5.54 -9.07 -5.99
CA ILE A 92 5.10 -7.94 -5.23
C ILE A 92 4.79 -8.36 -3.80
N ARG A 93 4.98 -7.43 -2.87
CA ARG A 93 4.81 -7.73 -1.44
C ARG A 93 4.33 -6.49 -0.70
N SER A 94 4.10 -6.59 0.60
CA SER A 94 3.63 -5.42 1.34
C SER A 94 4.22 -5.37 2.73
N GLY A 95 3.88 -4.30 3.42
CA GLY A 95 4.33 -4.08 4.78
C GLY A 95 3.75 -2.80 5.26
N THR A 96 4.32 -2.19 6.26
CA THR A 96 3.79 -0.91 6.69
C THR A 96 4.83 0.19 6.57
N ILE A 97 4.89 1.07 7.54
CA ILE A 97 5.78 2.21 7.46
C ILE A 97 7.25 1.83 7.55
N ASN A 98 7.57 0.76 8.27
CA ASN A 98 8.97 0.38 8.43
C ASN A 98 9.43 -0.48 7.25
N ASP A 99 8.58 -1.43 6.90
CA ASP A 99 8.86 -2.36 5.82
C ASP A 99 8.96 -1.64 4.47
N MET A 100 8.26 -0.53 4.33
CA MET A 100 8.28 0.22 3.07
C MET A 100 9.59 0.99 2.99
N LYS A 101 10.07 1.41 4.15
CA LYS A 101 11.35 2.11 4.27
C LYS A 101 12.46 1.17 3.84
N ARG A 102 12.36 -0.09 4.23
CA ARG A 102 13.37 -1.07 3.80
C ARG A 102 13.27 -1.31 2.30
N TYR A 103 12.04 -1.52 1.87
CA TYR A 103 11.76 -1.76 0.48
C TYR A 103 12.26 -0.59 -0.35
N TYR A 104 12.09 0.61 0.22
CA TYR A 104 12.53 1.85 -0.41
C TYR A 104 14.03 1.82 -0.62
N ASN A 105 14.76 1.42 0.41
CA ASN A 105 16.21 1.32 0.32
C ASN A 105 16.56 0.51 -0.92
N ASN A 106 15.94 -0.66 -1.03
CA ASN A 106 16.13 -1.53 -2.19
C ASN A 106 15.68 -0.82 -3.50
N GLN A 107 14.71 0.08 -3.39
CA GLN A 107 14.20 0.81 -4.55
C GLN A 107 15.21 1.81 -5.05
N GLN A 108 15.58 2.74 -4.18
CA GLN A 108 16.53 3.77 -4.53
C GLN A 108 17.85 3.20 -5.02
N ASN A 109 18.29 2.08 -4.44
CA ASN A 109 19.54 1.47 -4.86
C ASN A 109 19.28 0.36 -5.86
N PHE A 2 -6.12 17.11 3.48
CA PHE A 2 -7.05 16.78 2.38
C PHE A 2 -6.28 16.43 1.09
N LEU A 3 -4.97 16.63 1.12
CA LEU A 3 -4.13 16.34 -0.04
C LEU A 3 -3.45 14.99 0.17
N GLU A 4 -3.53 14.10 -0.82
CA GLU A 4 -2.92 12.77 -0.72
C GLU A 4 -1.48 12.80 -0.26
N ARG A 5 -0.63 13.58 -0.92
CA ARG A 5 0.79 13.63 -0.57
C ARG A 5 0.97 14.08 0.87
N ASN A 6 0.04 14.91 1.33
CA ASN A 6 0.09 15.43 2.68
C ASN A 6 -0.35 14.36 3.66
N GLU A 7 -1.46 13.71 3.33
CA GLU A 7 -1.99 12.65 4.18
C GLU A 7 -1.03 11.47 4.19
N VAL A 8 -0.50 11.09 3.03
CA VAL A 8 0.45 9.98 2.96
C VAL A 8 1.64 10.27 3.87
N LYS A 9 2.21 11.47 3.70
CA LYS A 9 3.34 11.89 4.53
C LYS A 9 2.97 11.80 6.02
N ARG A 10 1.93 12.53 6.42
CA ARG A 10 1.46 12.52 7.81
C ARG A 10 1.05 11.13 8.28
N LEU A 11 0.60 10.29 7.36
CA LEU A 11 0.18 8.93 7.67
C LEU A 11 1.38 8.04 7.86
N LEU A 12 2.51 8.42 7.26
CA LEU A 12 3.70 7.62 7.38
C LEU A 12 4.41 7.93 8.69
N ALA A 13 4.34 9.21 9.04
CA ALA A 13 4.97 9.72 10.26
C ALA A 13 4.13 9.39 11.50
N SER A 14 2.80 9.49 11.35
CA SER A 14 1.84 9.20 12.43
C SER A 14 2.32 8.07 13.32
N ARG A 15 2.13 8.25 14.61
CA ARG A 15 2.57 7.29 15.58
C ARG A 15 1.41 6.39 15.98
N ASN A 16 0.21 6.80 15.61
CA ASN A 16 -0.99 6.03 15.91
C ASN A 16 -0.94 4.72 15.15
N SER A 17 -0.47 3.67 15.80
CA SER A 17 -0.35 2.37 15.16
C SER A 17 -1.72 1.72 15.00
N LYS A 18 -2.76 2.30 15.57
CA LYS A 18 -4.11 1.78 15.39
C LYS A 18 -4.51 2.06 13.95
N GLU A 19 -3.88 3.08 13.40
CA GLU A 19 -4.08 3.50 12.04
C GLU A 19 -3.30 2.56 11.14
N LEU A 20 -2.02 2.38 11.45
CA LEU A 20 -1.17 1.52 10.68
C LEU A 20 -1.47 0.06 10.95
N GLU A 21 -2.42 -0.16 11.84
CA GLU A 21 -2.89 -1.50 12.13
C GLU A 21 -4.01 -1.75 11.14
N THR A 22 -5.04 -0.88 11.13
CA THR A 22 -6.08 -1.00 10.11
C THR A 22 -5.48 -0.99 8.72
N LEU A 23 -4.63 -0.02 8.42
CA LEU A 23 -3.98 0.02 7.11
C LEU A 23 -2.62 -0.63 7.08
N ILE A 24 -2.07 -0.65 5.88
CA ILE A 24 -0.75 -1.22 5.57
C ILE A 24 -0.29 -0.63 4.25
N CYS A 25 0.89 -0.99 3.79
CA CYS A 25 1.43 -0.46 2.58
C CYS A 25 1.73 -1.60 1.63
N LEU A 26 0.90 -1.72 0.63
CA LEU A 26 1.08 -2.73 -0.36
C LEU A 26 2.15 -2.23 -1.31
N PHE A 27 3.13 -3.07 -1.62
CA PHE A 27 4.22 -2.67 -2.52
C PHE A 27 4.24 -3.50 -3.79
N PRO A 28 3.25 -3.31 -4.66
CA PRO A 28 3.18 -4.00 -5.91
C PRO A 28 3.35 -3.07 -7.11
N LEU A 29 4.52 -2.49 -7.22
CA LEU A 29 4.81 -1.60 -8.31
C LEU A 29 6.27 -1.69 -8.73
N SER A 30 6.44 -2.01 -10.00
CA SER A 30 7.73 -2.13 -10.67
C SER A 30 8.45 -0.78 -10.76
N ASP A 31 9.53 -0.73 -11.51
CA ASP A 31 10.24 0.53 -11.72
C ASP A 31 9.57 1.30 -12.89
N LYS A 32 8.57 0.63 -13.49
CA LYS A 32 7.84 1.16 -14.65
C LYS A 32 6.33 1.31 -14.37
N VAL A 33 5.96 1.65 -13.15
CA VAL A 33 4.57 1.72 -12.77
C VAL A 33 4.00 3.13 -12.72
N SER A 34 2.72 3.20 -12.41
CA SER A 34 2.01 4.47 -12.31
C SER A 34 0.92 4.37 -11.22
N PRO A 35 0.79 5.43 -10.40
CA PRO A 35 -0.19 5.52 -9.32
C PRO A 35 -1.61 5.10 -9.72
N SER A 36 -2.09 5.65 -10.83
CA SER A 36 -3.44 5.34 -11.30
C SER A 36 -3.58 3.87 -11.67
N LEU A 37 -2.54 3.34 -12.32
CA LEU A 37 -2.52 1.95 -12.74
C LEU A 37 -2.65 1.04 -11.54
N ILE A 38 -2.01 1.44 -10.43
CA ILE A 38 -2.02 0.65 -9.22
C ILE A 38 -3.44 0.49 -8.69
N CYS A 39 -4.18 1.60 -8.68
CA CYS A 39 -5.53 1.60 -8.17
C CYS A 39 -6.42 0.73 -9.05
N GLN A 40 -6.24 0.83 -10.37
CA GLN A 40 -7.01 -0.02 -11.28
C GLN A 40 -6.84 -1.47 -10.84
N PHE A 41 -5.59 -1.91 -10.78
CA PHE A 41 -5.15 -3.23 -10.33
C PHE A 41 -5.63 -3.53 -8.91
N LEU A 42 -5.84 -2.49 -8.10
CA LEU A 42 -6.28 -2.71 -6.73
C LEU A 42 -7.74 -3.09 -6.75
N GLN A 43 -8.51 -2.30 -7.51
CA GLN A 43 -9.91 -2.56 -7.67
C GLN A 43 -10.08 -3.75 -8.58
N GLU A 44 -8.99 -4.06 -9.29
CA GLU A 44 -8.93 -5.15 -10.21
C GLU A 44 -8.80 -6.50 -9.50
N GLU A 45 -7.88 -6.57 -8.54
CA GLU A 45 -7.61 -7.82 -7.82
C GLU A 45 -8.20 -7.82 -6.39
N ILE A 46 -8.02 -6.72 -5.68
CA ILE A 46 -8.51 -6.59 -4.29
C ILE A 46 -9.98 -6.20 -4.31
N HIS A 47 -10.47 -5.85 -5.50
CA HIS A 47 -11.86 -5.45 -5.70
C HIS A 47 -12.19 -4.30 -4.76
N ILE A 48 -11.21 -3.42 -4.59
CA ILE A 48 -11.34 -2.29 -3.70
C ILE A 48 -12.36 -1.29 -4.23
N ASN A 49 -13.28 -1.00 -3.37
CA ASN A 49 -14.35 -0.05 -3.66
C ASN A 49 -14.74 0.73 -2.41
N GLU A 50 -15.89 1.40 -2.48
CA GLU A 50 -16.39 2.21 -1.38
C GLU A 50 -16.76 1.36 -0.16
N LYS A 51 -17.06 0.09 -0.37
CA LYS A 51 -17.44 -0.79 0.73
C LYS A 51 -16.27 -1.65 1.19
N ASP A 52 -15.10 -1.49 0.57
CA ASP A 52 -13.93 -2.29 0.96
C ASP A 52 -12.82 -1.44 1.53
N ILE A 53 -12.58 -0.30 0.91
CA ILE A 53 -11.52 0.57 1.34
C ILE A 53 -12.05 1.73 2.16
N ARG A 54 -11.39 2.00 3.28
CA ARG A 54 -11.76 3.10 4.12
C ARG A 54 -11.15 4.38 3.55
N LYS A 55 -9.96 4.21 2.97
CA LYS A 55 -9.20 5.29 2.35
C LYS A 55 -8.05 4.69 1.58
N ILE A 56 -7.71 5.30 0.47
CA ILE A 56 -6.64 4.83 -0.38
C ILE A 56 -5.85 6.00 -0.95
N LEU A 57 -4.55 5.98 -0.74
CA LEU A 57 -3.69 7.03 -1.25
C LEU A 57 -2.53 6.39 -2.01
N LEU A 58 -2.04 7.09 -3.02
CA LEU A 58 -0.96 6.57 -3.85
C LEU A 58 0.39 6.95 -3.25
N VAL A 59 1.22 5.94 -3.08
CA VAL A 59 2.53 6.07 -2.50
C VAL A 59 3.60 5.97 -3.61
N SER A 60 3.76 7.02 -4.41
CA SER A 60 4.71 7.00 -5.53
C SER A 60 6.05 7.66 -5.23
N ASP A 61 6.38 7.91 -3.96
CA ASP A 61 7.66 8.55 -3.62
C ASP A 61 8.56 7.55 -2.91
N PHE A 62 8.25 6.28 -3.14
CA PHE A 62 8.92 5.12 -2.53
C PHE A 62 8.17 3.85 -2.91
N ASN A 63 7.62 3.86 -4.12
CA ASN A 63 6.78 2.79 -4.68
C ASN A 63 5.99 2.02 -3.65
N GLY A 64 4.70 2.28 -3.62
CA GLY A 64 3.85 1.59 -2.68
C GLY A 64 2.43 2.08 -2.76
N ALA A 65 1.61 1.61 -1.86
CA ALA A 65 0.23 2.02 -1.79
C ALA A 65 -0.22 1.98 -0.34
N ILE A 66 -0.79 3.09 0.13
CA ILE A 66 -1.22 3.13 1.51
C ILE A 66 -2.72 2.95 1.54
N ILE A 67 -3.17 1.83 2.10
CA ILE A 67 -4.56 1.47 2.12
C ILE A 67 -5.04 1.03 3.49
N ILE A 68 -6.14 1.64 3.88
CA ILE A 68 -6.82 1.28 5.10
C ILE A 68 -8.01 0.41 4.68
N PHE A 69 -7.90 -0.92 4.62
CA PHE A 69 -9.10 -1.69 4.31
C PHE A 69 -10.04 -1.50 5.50
N ARG A 70 -11.17 -2.15 5.53
CA ARG A 70 -12.14 -1.93 6.61
C ARG A 70 -11.62 -2.21 8.03
N ASP A 71 -10.70 -3.14 8.21
CA ASP A 71 -10.22 -3.45 9.57
C ASP A 71 -8.80 -3.99 9.57
N SER A 72 -8.18 -3.85 10.73
CA SER A 72 -6.82 -4.27 10.98
C SER A 72 -6.61 -5.77 10.82
N LYS A 73 -7.58 -6.60 11.24
CA LYS A 73 -7.47 -8.04 11.12
C LYS A 73 -7.31 -8.49 9.68
N PHE A 74 -8.15 -7.94 8.82
CA PHE A 74 -8.16 -8.30 7.42
C PHE A 74 -6.98 -7.66 6.71
N ALA A 75 -6.55 -6.53 7.25
CA ALA A 75 -5.42 -5.80 6.70
C ALA A 75 -4.16 -6.65 6.72
N ALA A 76 -3.87 -7.22 7.88
CA ALA A 76 -2.67 -8.02 8.03
C ALA A 76 -2.85 -9.36 7.38
N LYS A 77 -4.08 -9.90 7.51
CA LYS A 77 -4.42 -11.18 6.92
C LYS A 77 -4.29 -11.11 5.41
N MET A 78 -4.76 -10.02 4.82
CA MET A 78 -4.72 -9.89 3.37
C MET A 78 -3.37 -9.38 2.95
N LEU A 79 -2.62 -8.80 3.89
CA LEU A 79 -1.28 -8.34 3.60
C LEU A 79 -0.42 -9.56 3.32
N MET A 80 -0.51 -10.53 4.22
CA MET A 80 0.25 -11.77 4.10
C MET A 80 -0.27 -12.61 2.93
N ILE A 81 -1.59 -12.60 2.71
CA ILE A 81 -2.17 -13.39 1.64
C ILE A 81 -2.07 -12.71 0.26
N LEU A 82 -2.10 -11.39 0.23
CA LEU A 82 -2.05 -10.69 -1.05
C LEU A 82 -0.66 -10.20 -1.44
N ASN A 83 0.02 -9.39 -0.63
CA ASN A 83 1.30 -8.89 -1.08
C ASN A 83 2.49 -9.83 -0.85
N GLY A 84 2.96 -10.35 -1.97
CA GLY A 84 4.13 -11.26 -2.04
C GLY A 84 4.10 -12.17 -3.28
N SER A 85 3.32 -11.78 -4.29
CA SER A 85 3.16 -12.58 -5.51
C SER A 85 4.09 -12.13 -6.64
N GLN A 86 3.64 -12.34 -7.88
CA GLN A 86 4.42 -11.99 -9.06
C GLN A 86 3.56 -11.21 -10.04
N PHE A 87 4.12 -10.13 -10.57
CA PHE A 87 3.42 -9.28 -11.53
C PHE A 87 4.44 -8.46 -12.31
N GLN A 88 4.24 -8.35 -13.62
CA GLN A 88 5.14 -7.60 -14.49
C GLN A 88 6.55 -8.20 -14.50
N GLY A 89 6.65 -9.47 -14.13
CA GLY A 89 7.95 -10.12 -14.09
C GLY A 89 8.71 -9.81 -12.82
N LYS A 90 8.04 -9.17 -11.88
CA LYS A 90 8.65 -8.81 -10.60
C LYS A 90 7.80 -9.35 -9.46
N VAL A 91 8.33 -9.34 -8.24
CA VAL A 91 7.57 -9.80 -7.10
C VAL A 91 6.93 -8.62 -6.40
N ILE A 92 5.63 -8.72 -6.20
CA ILE A 92 4.90 -7.68 -5.52
C ILE A 92 4.71 -8.16 -4.09
N ARG A 93 5.16 -7.35 -3.12
CA ARG A 93 5.12 -7.76 -1.69
C ARG A 93 4.66 -6.60 -0.82
N SER A 94 4.45 -6.81 0.50
CA SER A 94 3.98 -5.68 1.32
C SER A 94 4.49 -5.70 2.72
N GLY A 95 4.01 -4.69 3.41
CA GLY A 95 4.35 -4.47 4.77
C GLY A 95 3.73 -3.19 5.22
N THR A 96 4.19 -2.59 6.28
CA THR A 96 3.62 -1.32 6.68
C THR A 96 4.61 -0.18 6.46
N ILE A 97 4.74 0.72 7.43
CA ILE A 97 5.61 1.88 7.30
C ILE A 97 7.09 1.53 7.35
N ASN A 98 7.47 0.69 8.28
CA ASN A 98 8.88 0.34 8.44
C ASN A 98 9.31 -0.58 7.30
N ASP A 99 8.46 -1.55 7.01
CA ASP A 99 8.74 -2.51 5.96
C ASP A 99 8.78 -1.81 4.61
N MET A 100 8.07 -0.70 4.51
CA MET A 100 8.03 0.07 3.28
C MET A 100 9.31 0.88 3.17
N LYS A 101 9.78 1.37 4.31
CA LYS A 101 11.02 2.14 4.36
C LYS A 101 12.19 1.25 3.94
N ARG A 102 12.11 -0.02 4.29
CA ARG A 102 13.14 -0.97 3.91
C ARG A 102 13.08 -1.23 2.43
N TYR A 103 11.88 -1.48 1.96
CA TYR A 103 11.64 -1.74 0.56
C TYR A 103 12.11 -0.55 -0.26
N TYR A 104 11.86 0.64 0.31
CA TYR A 104 12.29 1.90 -0.29
C TYR A 104 13.79 1.92 -0.44
N ASN A 105 14.50 1.45 0.59
CA ASN A 105 15.95 1.37 0.53
C ASN A 105 16.34 0.58 -0.72
N ASN A 106 15.71 -0.59 -0.88
CA ASN A 106 15.91 -1.43 -2.05
C ASN A 106 15.50 -0.70 -3.35
N GLN A 107 14.55 0.21 -3.23
CA GLN A 107 14.08 1.00 -4.36
C GLN A 107 15.19 1.93 -4.84
N GLN A 108 15.76 2.66 -3.90
CA GLN A 108 16.86 3.57 -4.21
C GLN A 108 18.04 2.84 -4.83
N ASN A 109 18.45 1.73 -4.23
CA ASN A 109 19.56 0.97 -4.78
C ASN A 109 19.38 -0.53 -4.57
N PHE A 2 -8.57 16.80 0.10
CA PHE A 2 -7.26 16.45 0.67
C PHE A 2 -6.29 16.05 -0.43
N LEU A 3 -5.01 16.18 -0.16
CA LEU A 3 -3.98 15.80 -1.13
C LEU A 3 -3.35 14.50 -0.68
N GLU A 4 -3.38 13.49 -1.56
CA GLU A 4 -2.84 12.17 -1.27
C GLU A 4 -1.47 12.21 -0.63
N ARG A 5 -0.52 12.82 -1.31
CA ARG A 5 0.87 12.83 -0.83
C ARG A 5 1.01 13.47 0.55
N ASN A 6 0.07 14.36 0.89
CA ASN A 6 0.11 15.02 2.19
C ASN A 6 -0.43 14.06 3.25
N GLU A 7 -1.60 13.48 2.96
CA GLU A 7 -2.22 12.55 3.90
C GLU A 7 -1.34 11.32 4.04
N VAL A 8 -0.70 10.87 2.96
CA VAL A 8 0.20 9.73 3.02
C VAL A 8 1.36 10.06 3.96
N LYS A 9 2.04 11.17 3.71
CA LYS A 9 3.14 11.60 4.57
C LYS A 9 2.69 11.62 6.03
N ARG A 10 1.62 12.37 6.30
CA ARG A 10 1.04 12.47 7.65
C ARG A 10 0.71 11.08 8.23
N LEU A 11 0.30 10.17 7.35
CA LEU A 11 -0.08 8.82 7.73
C LEU A 11 1.14 7.93 7.92
N LEU A 12 2.26 8.33 7.33
CA LEU A 12 3.45 7.53 7.42
C LEU A 12 4.17 7.82 8.74
N ALA A 13 4.12 9.09 9.13
CA ALA A 13 4.76 9.56 10.34
C ALA A 13 3.88 9.33 11.55
N SER A 14 2.56 9.41 11.34
CA SER A 14 1.52 9.18 12.37
C SER A 14 2.00 8.29 13.51
N ARG A 15 1.70 8.70 14.74
CA ARG A 15 2.10 7.97 15.92
C ARG A 15 1.05 6.95 16.30
N ASN A 16 -0.16 7.15 15.79
CA ASN A 16 -1.26 6.26 16.05
C ASN A 16 -1.03 4.93 15.35
N SER A 17 -0.57 3.94 16.10
CA SER A 17 -0.31 2.63 15.51
C SER A 17 -1.62 1.91 15.22
N LYS A 18 -2.72 2.50 15.66
CA LYS A 18 -4.05 1.94 15.38
C LYS A 18 -4.30 2.12 13.89
N GLU A 19 -3.55 3.05 13.33
CA GLU A 19 -3.63 3.38 11.92
C GLU A 19 -2.75 2.40 11.14
N LEU A 20 -1.53 2.18 11.61
CA LEU A 20 -0.63 1.27 10.95
C LEU A 20 -1.14 -0.16 11.06
N GLU A 21 -2.06 -0.37 12.00
CA GLU A 21 -2.67 -1.67 12.19
C GLU A 21 -3.86 -1.82 11.24
N THR A 22 -4.88 -0.96 11.35
CA THR A 22 -6.00 -1.02 10.42
C THR A 22 -5.54 -1.12 8.99
N LEU A 23 -4.78 -0.14 8.52
CA LEU A 23 -4.27 -0.18 7.16
C LEU A 23 -2.87 -0.77 7.06
N ILE A 24 -2.37 -0.75 5.82
CA ILE A 24 -1.05 -1.27 5.48
C ILE A 24 -0.55 -0.52 4.25
N CYS A 25 0.66 -0.82 3.82
CA CYS A 25 1.26 -0.17 2.67
C CYS A 25 1.69 -1.22 1.65
N LEU A 26 0.93 -1.34 0.59
CA LEU A 26 1.22 -2.33 -0.45
C LEU A 26 2.40 -1.85 -1.27
N PHE A 27 3.35 -2.72 -1.52
CA PHE A 27 4.54 -2.37 -2.29
C PHE A 27 4.64 -3.22 -3.55
N PRO A 28 3.74 -3.00 -4.52
CA PRO A 28 3.79 -3.69 -5.76
C PRO A 28 4.00 -2.80 -6.99
N LEU A 29 4.06 -1.50 -6.82
CA LEU A 29 4.27 -0.67 -7.99
C LEU A 29 5.76 -0.57 -8.30
N SER A 30 6.08 -1.25 -9.38
CA SER A 30 7.43 -1.36 -9.90
C SER A 30 7.81 -0.10 -10.69
N ASP A 31 8.99 -0.11 -11.26
CA ASP A 31 9.49 1.01 -12.06
C ASP A 31 8.79 1.09 -13.42
N LYS A 32 7.89 0.14 -13.67
CA LYS A 32 7.14 0.10 -14.92
C LYS A 32 5.66 0.34 -14.67
N VAL A 33 5.33 0.94 -13.55
CA VAL A 33 3.93 1.14 -13.23
C VAL A 33 3.59 2.59 -12.84
N SER A 34 2.38 2.74 -12.32
CA SER A 34 1.80 4.03 -11.95
C SER A 34 0.79 3.88 -10.81
N PRO A 35 0.79 4.85 -9.89
CA PRO A 35 -0.14 4.92 -8.73
C PRO A 35 -1.61 4.68 -9.10
N SER A 36 -2.11 5.46 -10.05
CA SER A 36 -3.50 5.35 -10.48
C SER A 36 -3.78 3.97 -11.06
N LEU A 37 -2.82 3.43 -11.80
CA LEU A 37 -2.94 2.11 -12.40
C LEU A 37 -3.13 1.06 -11.31
N ILE A 38 -2.49 1.31 -10.18
CA ILE A 38 -2.55 0.39 -9.07
C ILE A 38 -3.94 0.36 -8.48
N CYS A 39 -4.57 1.52 -8.40
CA CYS A 39 -5.90 1.62 -7.86
C CYS A 39 -6.88 0.89 -8.76
N GLN A 40 -6.70 1.04 -10.07
CA GLN A 40 -7.53 0.30 -11.02
C GLN A 40 -7.46 -1.18 -10.66
N PHE A 41 -6.23 -1.69 -10.67
CA PHE A 41 -5.89 -3.06 -10.31
C PHE A 41 -6.39 -3.43 -8.91
N LEU A 42 -6.52 -2.43 -8.03
CA LEU A 42 -6.98 -2.70 -6.67
C LEU A 42 -8.46 -3.00 -6.70
N GLN A 43 -9.16 -2.16 -7.43
CA GLN A 43 -10.60 -2.30 -7.60
C GLN A 43 -10.86 -3.41 -8.61
N GLU A 44 -9.81 -3.71 -9.36
CA GLU A 44 -9.83 -4.73 -10.39
C GLU A 44 -9.83 -6.14 -9.79
N GLU A 45 -8.89 -6.36 -8.87
CA GLU A 45 -8.70 -7.68 -8.26
C GLU A 45 -9.22 -7.74 -6.81
N ILE A 46 -8.95 -6.70 -6.04
CA ILE A 46 -9.36 -6.63 -4.64
C ILE A 46 -10.83 -6.24 -4.52
N HIS A 47 -11.41 -5.82 -5.65
CA HIS A 47 -12.81 -5.40 -5.68
C HIS A 47 -13.03 -4.22 -4.74
N ILE A 48 -11.97 -3.44 -4.55
CA ILE A 48 -12.02 -2.28 -3.68
C ILE A 48 -12.99 -1.23 -4.22
N ASN A 49 -13.80 -0.74 -3.33
CA ASN A 49 -14.78 0.29 -3.65
C ASN A 49 -14.94 1.25 -2.47
N GLU A 50 -15.92 2.14 -2.56
CA GLU A 50 -16.19 3.14 -1.53
C GLU A 50 -16.59 2.51 -0.19
N LYS A 51 -17.06 1.27 -0.22
CA LYS A 51 -17.48 0.58 0.99
C LYS A 51 -16.41 -0.38 1.53
N ASP A 52 -15.61 -0.95 0.63
CA ASP A 52 -14.58 -1.93 1.01
C ASP A 52 -13.29 -1.26 1.45
N ILE A 53 -13.14 0.00 1.13
CA ILE A 53 -11.96 0.75 1.51
C ILE A 53 -12.37 1.93 2.37
N ARG A 54 -11.70 2.12 3.49
CA ARG A 54 -12.00 3.22 4.36
C ARG A 54 -11.30 4.47 3.83
N LYS A 55 -10.13 4.24 3.24
CA LYS A 55 -9.30 5.30 2.65
C LYS A 55 -8.16 4.65 1.89
N ILE A 56 -7.78 5.29 0.80
CA ILE A 56 -6.72 4.78 -0.05
C ILE A 56 -5.90 5.94 -0.62
N LEU A 57 -4.58 5.82 -0.54
CA LEU A 57 -3.68 6.84 -1.06
C LEU A 57 -2.42 6.17 -1.59
N LEU A 58 -1.88 6.68 -2.69
CA LEU A 58 -0.69 6.10 -3.29
C LEU A 58 0.48 7.06 -3.11
N VAL A 59 1.70 6.56 -2.91
CA VAL A 59 2.82 7.46 -2.77
C VAL A 59 3.86 7.13 -3.86
N SER A 60 4.47 8.12 -4.49
CA SER A 60 5.40 7.83 -5.57
C SER A 60 6.88 7.96 -5.22
N ASP A 61 7.25 7.79 -3.98
CA ASP A 61 8.65 7.88 -3.63
C ASP A 61 9.14 6.47 -3.29
N PHE A 62 8.90 6.09 -2.05
CA PHE A 62 9.23 4.74 -1.58
C PHE A 62 8.38 3.71 -2.31
N ASN A 63 7.46 4.23 -3.14
CA ASN A 63 6.58 3.45 -4.00
C ASN A 63 5.58 2.58 -3.24
N GLY A 64 4.89 3.13 -2.28
CA GLY A 64 3.95 2.31 -1.60
C GLY A 64 2.52 2.77 -1.78
N ALA A 65 1.60 1.87 -1.51
CA ALA A 65 0.19 2.16 -1.63
C ALA A 65 -0.47 1.95 -0.28
N ILE A 66 -0.78 3.04 0.39
CA ILE A 66 -1.39 2.96 1.71
C ILE A 66 -2.91 2.79 1.59
N ILE A 67 -3.44 1.76 2.23
CA ILE A 67 -4.86 1.43 2.18
C ILE A 67 -5.36 0.86 3.49
N ILE A 68 -6.48 1.42 3.92
CA ILE A 68 -7.20 0.93 5.05
C ILE A 68 -8.36 0.13 4.46
N PHE A 69 -8.23 -1.19 4.26
CA PHE A 69 -9.38 -1.94 3.73
C PHE A 69 -10.59 -1.60 4.59
N ARG A 70 -10.63 -2.15 5.78
CA ARG A 70 -11.73 -1.84 6.69
C ARG A 70 -11.30 -2.08 8.13
N ASP A 71 -10.45 -3.08 8.33
CA ASP A 71 -9.98 -3.39 9.67
C ASP A 71 -8.58 -3.98 9.65
N SER A 72 -7.91 -3.81 10.77
CA SER A 72 -6.55 -4.27 11.00
C SER A 72 -6.40 -5.77 10.75
N LYS A 73 -7.42 -6.58 11.06
CA LYS A 73 -7.37 -8.01 10.85
C LYS A 73 -7.25 -8.38 9.38
N PHE A 74 -8.12 -7.78 8.58
CA PHE A 74 -8.19 -8.12 7.17
C PHE A 74 -6.99 -7.58 6.43
N ALA A 75 -6.50 -6.44 6.87
CA ALA A 75 -5.36 -5.80 6.25
C ALA A 75 -4.12 -6.68 6.30
N ALA A 76 -3.93 -7.34 7.44
CA ALA A 76 -2.75 -8.16 7.63
C ALA A 76 -2.93 -9.53 6.99
N LYS A 77 -4.15 -10.04 7.06
CA LYS A 77 -4.49 -11.35 6.50
C LYS A 77 -4.40 -11.30 5.01
N MET A 78 -4.78 -10.16 4.48
CA MET A 78 -4.80 -9.99 3.04
C MET A 78 -3.43 -9.59 2.56
N LEU A 79 -2.68 -8.88 3.41
CA LEU A 79 -1.33 -8.48 3.07
C LEU A 79 -0.51 -9.75 2.84
N MET A 80 -0.63 -10.71 3.74
CA MET A 80 0.12 -11.96 3.63
C MET A 80 -0.44 -12.88 2.54
N ILE A 81 -1.75 -12.88 2.36
CA ILE A 81 -2.36 -13.76 1.35
C ILE A 81 -2.20 -13.21 -0.06
N LEU A 82 -2.29 -11.90 -0.21
CA LEU A 82 -2.22 -11.30 -1.53
C LEU A 82 -0.82 -10.78 -1.90
N ASN A 83 -0.23 -9.93 -1.06
CA ASN A 83 1.05 -9.35 -1.42
C ASN A 83 2.27 -10.22 -1.11
N GLY A 84 2.94 -10.60 -2.20
CA GLY A 84 4.19 -11.39 -2.18
C GLY A 84 4.30 -12.29 -3.40
N SER A 85 3.68 -11.88 -4.49
CA SER A 85 3.65 -12.66 -5.72
C SER A 85 4.71 -12.23 -6.73
N GLN A 86 4.41 -12.48 -8.00
CA GLN A 86 5.32 -12.17 -9.08
C GLN A 86 4.54 -11.62 -10.27
N PHE A 87 4.90 -10.42 -10.67
CA PHE A 87 4.25 -9.76 -11.80
C PHE A 87 5.26 -8.93 -12.57
N GLN A 88 5.24 -9.06 -13.90
CA GLN A 88 6.16 -8.33 -14.77
C GLN A 88 7.61 -8.75 -14.54
N GLY A 89 7.79 -9.91 -13.94
CA GLY A 89 9.13 -10.40 -13.65
C GLY A 89 9.69 -9.74 -12.40
N LYS A 90 8.81 -9.53 -11.44
CA LYS A 90 9.16 -8.90 -10.17
C LYS A 90 8.30 -9.45 -9.05
N VAL A 91 8.84 -9.47 -7.84
CA VAL A 91 8.08 -9.94 -6.70
C VAL A 91 7.41 -8.76 -6.04
N ILE A 92 6.10 -8.75 -6.04
CA ILE A 92 5.36 -7.66 -5.42
C ILE A 92 4.90 -8.13 -4.05
N ARG A 93 5.14 -7.29 -3.03
CA ARG A 93 4.83 -7.67 -1.64
C ARG A 93 4.44 -6.44 -0.83
N SER A 94 4.07 -6.60 0.44
CA SER A 94 3.67 -5.43 1.21
C SER A 94 4.19 -5.46 2.65
N GLY A 95 3.86 -4.40 3.35
CA GLY A 95 4.22 -4.19 4.73
C GLY A 95 3.66 -2.86 5.11
N THR A 96 4.16 -2.19 6.13
CA THR A 96 3.62 -0.89 6.42
C THR A 96 4.64 0.22 6.15
N ILE A 97 4.82 1.13 7.09
CA ILE A 97 5.73 2.24 6.89
C ILE A 97 7.16 1.81 6.95
N ASN A 98 7.49 1.07 7.98
CA ASN A 98 8.85 0.67 8.17
C ASN A 98 9.29 -0.31 7.09
N ASP A 99 8.42 -1.25 6.81
CA ASP A 99 8.68 -2.26 5.81
C ASP A 99 8.81 -1.63 4.42
N MET A 100 8.10 -0.52 4.19
CA MET A 100 8.17 0.14 2.89
C MET A 100 9.45 0.96 2.83
N LYS A 101 9.86 1.48 3.98
CA LYS A 101 11.08 2.26 4.09
C LYS A 101 12.27 1.37 3.73
N ARG A 102 12.19 0.11 4.12
CA ARG A 102 13.23 -0.83 3.78
C ARG A 102 13.21 -1.13 2.32
N TYR A 103 12.01 -1.39 1.83
CA TYR A 103 11.82 -1.67 0.44
C TYR A 103 12.40 -0.52 -0.37
N TYR A 104 12.31 0.67 0.24
CA TYR A 104 12.80 1.90 -0.34
C TYR A 104 14.32 1.93 -0.44
N ASN A 105 15.04 1.60 0.65
CA ASN A 105 16.51 1.59 0.54
C ASN A 105 16.88 0.70 -0.63
N ASN A 106 16.23 -0.46 -0.72
CA ASN A 106 16.45 -1.38 -1.84
C ASN A 106 16.03 -0.73 -3.17
N GLN A 107 15.01 0.13 -3.12
CA GLN A 107 14.51 0.82 -4.31
C GLN A 107 15.58 1.75 -4.85
N GLN A 108 16.03 2.67 -4.01
CA GLN A 108 17.05 3.64 -4.39
C GLN A 108 18.31 2.94 -4.92
N ASN A 109 18.83 1.98 -4.19
CA ASN A 109 20.02 1.27 -4.64
C ASN A 109 19.81 -0.23 -4.62
N PHE A 2 -6.55 16.74 4.36
CA PHE A 2 -7.53 16.47 3.28
C PHE A 2 -6.85 16.25 1.94
N LEU A 3 -5.56 16.53 1.89
CA LEU A 3 -4.78 16.36 0.68
C LEU A 3 -3.93 15.10 0.82
N GLU A 4 -4.09 14.17 -0.13
CA GLU A 4 -3.39 12.88 -0.11
C GLU A 4 -1.94 12.97 0.35
N ARG A 5 -1.11 13.73 -0.36
CA ARG A 5 0.31 13.82 -0.03
C ARG A 5 0.55 14.28 1.40
N ASN A 6 -0.33 15.12 1.92
CA ASN A 6 -0.18 15.62 3.28
C ASN A 6 -0.52 14.52 4.27
N GLU A 7 -1.47 13.69 3.89
CA GLU A 7 -1.87 12.57 4.72
C GLU A 7 -0.88 11.44 4.54
N VAL A 8 -0.40 11.24 3.32
CA VAL A 8 0.58 10.19 3.04
C VAL A 8 1.83 10.42 3.90
N LYS A 9 2.18 11.69 4.06
CA LYS A 9 3.34 12.05 4.87
C LYS A 9 2.99 11.85 6.34
N ARG A 10 1.86 12.41 6.75
CA ARG A 10 1.37 12.28 8.13
C ARG A 10 1.10 10.82 8.49
N LEU A 11 0.90 9.98 7.48
CA LEU A 11 0.62 8.58 7.69
C LEU A 11 1.93 7.83 7.82
N LEU A 12 2.93 8.29 7.08
CA LEU A 12 4.25 7.73 7.11
C LEU A 12 4.85 7.90 8.49
N ALA A 13 4.52 9.04 9.10
CA ALA A 13 5.00 9.39 10.41
C ALA A 13 4.04 9.01 11.55
N SER A 14 2.76 8.81 11.20
CA SER A 14 1.69 8.48 12.17
C SER A 14 2.18 7.65 13.35
N ARG A 15 1.74 8.05 14.53
CA ARG A 15 2.12 7.38 15.76
C ARG A 15 1.03 6.41 16.18
N ASN A 16 -0.16 6.62 15.65
CA ASN A 16 -1.29 5.74 15.95
C ASN A 16 -1.11 4.42 15.22
N SER A 17 -0.56 3.44 15.92
CA SER A 17 -0.31 2.14 15.32
C SER A 17 -1.61 1.38 15.06
N LYS A 18 -2.75 1.92 15.52
CA LYS A 18 -4.04 1.28 15.29
C LYS A 18 -4.42 1.53 13.83
N GLU A 19 -3.82 2.60 13.32
CA GLU A 19 -3.98 3.01 11.95
C GLU A 19 -3.26 1.99 11.09
N LEU A 20 -1.98 1.82 11.42
CA LEU A 20 -1.10 0.88 10.75
C LEU A 20 -1.55 -0.56 10.90
N GLU A 21 -2.62 -0.74 11.66
CA GLU A 21 -3.24 -2.03 11.78
C GLU A 21 -4.27 -2.10 10.66
N THR A 22 -5.25 -1.19 10.72
CA THR A 22 -6.28 -1.07 9.69
C THR A 22 -5.73 -0.37 8.44
N LEU A 23 -4.44 -0.47 8.25
CA LEU A 23 -3.80 0.16 7.12
C LEU A 23 -2.43 -0.43 6.92
N ILE A 24 -2.06 -0.55 5.67
CA ILE A 24 -0.79 -1.11 5.27
C ILE A 24 -0.45 -0.49 3.92
N CYS A 25 0.69 -0.86 3.36
CA CYS A 25 1.12 -0.32 2.11
C CYS A 25 1.50 -1.46 1.21
N LEU A 26 0.79 -1.58 0.13
CA LEU A 26 1.07 -2.61 -0.84
C LEU A 26 2.27 -2.16 -1.64
N PHE A 27 3.23 -3.04 -1.85
CA PHE A 27 4.41 -2.71 -2.61
C PHE A 27 4.48 -3.59 -3.87
N PRO A 28 3.49 -3.47 -4.78
CA PRO A 28 3.48 -4.19 -6.01
C PRO A 28 3.56 -3.32 -7.24
N LEU A 29 4.60 -2.54 -7.33
CA LEU A 29 4.76 -1.69 -8.46
C LEU A 29 6.21 -1.58 -8.91
N SER A 30 6.38 -1.83 -10.18
CA SER A 30 7.67 -1.79 -10.85
C SER A 30 8.16 -0.37 -11.09
N ASP A 31 9.31 -0.23 -11.73
CA ASP A 31 9.83 1.09 -12.08
C ASP A 31 9.17 1.53 -13.37
N LYS A 32 8.30 0.66 -13.88
CA LYS A 32 7.59 0.87 -15.13
C LYS A 32 6.06 0.86 -14.91
N VAL A 33 5.60 1.31 -13.76
CA VAL A 33 4.20 1.29 -13.47
C VAL A 33 3.54 2.64 -13.70
N SER A 34 2.26 2.69 -13.35
CA SER A 34 1.44 3.88 -13.47
C SER A 34 0.57 4.01 -12.22
N PRO A 35 0.53 5.21 -11.62
CA PRO A 35 -0.26 5.48 -10.41
C PRO A 35 -1.69 4.94 -10.44
N SER A 36 -2.43 5.31 -11.48
CA SER A 36 -3.81 4.88 -11.64
C SER A 36 -3.94 3.35 -11.78
N LEU A 37 -2.95 2.75 -12.44
CA LEU A 37 -2.93 1.31 -12.66
C LEU A 37 -3.02 0.56 -11.35
N ILE A 38 -2.45 1.16 -10.31
CA ILE A 38 -2.42 0.57 -8.98
C ILE A 38 -3.82 0.38 -8.45
N CYS A 39 -4.58 1.45 -8.49
CA CYS A 39 -5.92 1.46 -7.99
C CYS A 39 -6.80 0.50 -8.76
N GLN A 40 -6.67 0.48 -10.08
CA GLN A 40 -7.43 -0.46 -10.90
C GLN A 40 -7.12 -1.87 -10.38
N PHE A 41 -5.84 -2.21 -10.39
CA PHE A 41 -5.29 -3.46 -9.89
C PHE A 41 -5.73 -3.76 -8.46
N LEU A 42 -6.03 -2.73 -7.68
CA LEU A 42 -6.44 -2.95 -6.30
C LEU A 42 -7.91 -3.35 -6.28
N GLN A 43 -8.67 -2.68 -7.13
CA GLN A 43 -10.08 -2.99 -7.29
C GLN A 43 -10.15 -4.29 -8.08
N GLU A 44 -9.07 -4.55 -8.80
CA GLU A 44 -8.92 -5.72 -9.62
C GLU A 44 -8.66 -6.98 -8.78
N GLU A 45 -7.66 -6.88 -7.91
CA GLU A 45 -7.23 -7.98 -7.06
C GLU A 45 -7.83 -7.95 -5.66
N ILE A 46 -7.70 -6.81 -4.97
CA ILE A 46 -8.22 -6.69 -3.60
C ILE A 46 -9.74 -6.55 -3.65
N HIS A 47 -10.27 -6.33 -4.84
CA HIS A 47 -11.71 -6.15 -5.05
C HIS A 47 -12.20 -4.96 -4.25
N ILE A 48 -11.31 -3.99 -4.09
CA ILE A 48 -11.59 -2.79 -3.34
C ILE A 48 -12.70 -1.98 -4.02
N ASN A 49 -13.55 -1.40 -3.18
CA ASN A 49 -14.66 -0.57 -3.64
C ASN A 49 -14.84 0.61 -2.70
N GLU A 50 -15.92 1.36 -2.90
CA GLU A 50 -16.21 2.52 -2.07
C GLU A 50 -16.24 2.17 -0.59
N LYS A 51 -16.99 1.14 -0.23
CA LYS A 51 -17.11 0.73 1.17
C LYS A 51 -15.98 -0.19 1.64
N ASP A 52 -15.35 -0.93 0.73
CA ASP A 52 -14.29 -1.88 1.10
C ASP A 52 -13.02 -1.14 1.50
N ILE A 53 -12.92 0.09 1.07
CA ILE A 53 -11.77 0.91 1.38
C ILE A 53 -12.20 2.06 2.25
N ARG A 54 -11.48 2.27 3.34
CA ARG A 54 -11.80 3.38 4.22
C ARG A 54 -11.10 4.62 3.66
N LYS A 55 -9.91 4.38 3.11
CA LYS A 55 -9.08 5.41 2.50
C LYS A 55 -7.92 4.78 1.74
N ILE A 56 -7.56 5.41 0.64
CA ILE A 56 -6.49 4.93 -0.22
C ILE A 56 -5.67 6.11 -0.73
N LEU A 57 -4.34 5.93 -0.81
CA LEU A 57 -3.45 6.99 -1.28
C LEU A 57 -2.23 6.37 -1.95
N LEU A 58 -1.74 6.99 -3.02
CA LEU A 58 -0.59 6.47 -3.76
C LEU A 58 0.70 7.04 -3.19
N VAL A 59 1.65 6.16 -2.93
CA VAL A 59 2.94 6.52 -2.37
C VAL A 59 4.07 6.22 -3.37
N SER A 60 4.33 7.15 -4.30
CA SER A 60 5.32 6.93 -5.36
C SER A 60 6.76 7.38 -5.07
N ASP A 61 7.16 7.46 -3.81
CA ASP A 61 8.55 7.87 -3.49
C ASP A 61 9.22 6.78 -2.65
N PHE A 62 8.56 5.62 -2.71
CA PHE A 62 8.88 4.41 -1.94
C PHE A 62 8.01 3.31 -2.51
N ASN A 63 7.75 3.48 -3.80
CA ASN A 63 6.87 2.64 -4.62
C ASN A 63 5.85 1.82 -3.85
N GLY A 64 5.00 2.47 -3.11
CA GLY A 64 4.00 1.74 -2.39
C GLY A 64 2.64 2.38 -2.51
N ALA A 65 1.66 1.77 -1.90
CA ALA A 65 0.30 2.29 -1.92
C ALA A 65 -0.33 2.10 -0.55
N ILE A 66 -0.61 3.21 0.13
CA ILE A 66 -1.18 3.16 1.46
C ILE A 66 -2.69 3.07 1.41
N ILE A 67 -3.23 2.10 2.13
CA ILE A 67 -4.64 1.81 2.18
C ILE A 67 -5.09 1.37 3.55
N ILE A 68 -6.19 1.98 3.97
CA ILE A 68 -6.85 1.64 5.18
C ILE A 68 -8.08 0.84 4.75
N PHE A 69 -8.00 -0.49 4.75
CA PHE A 69 -9.17 -1.29 4.42
C PHE A 69 -10.22 -1.05 5.50
N ARG A 70 -11.20 -1.91 5.63
CA ARG A 70 -12.23 -1.63 6.63
C ARG A 70 -11.80 -1.88 8.08
N ASP A 71 -10.87 -2.81 8.30
CA ASP A 71 -10.41 -3.07 9.66
C ASP A 71 -9.03 -3.71 9.69
N SER A 72 -8.41 -3.56 10.85
CA SER A 72 -7.09 -4.07 11.15
C SER A 72 -6.87 -5.52 10.74
N LYS A 73 -7.83 -6.40 11.03
CA LYS A 73 -7.70 -7.82 10.70
C LYS A 73 -7.57 -8.04 9.21
N PHE A 74 -8.32 -7.26 8.47
CA PHE A 74 -8.41 -7.42 7.03
C PHE A 74 -7.21 -6.84 6.31
N ALA A 75 -6.69 -5.73 6.79
CA ALA A 75 -5.54 -5.10 6.16
C ALA A 75 -4.30 -5.98 6.27
N ALA A 76 -4.15 -6.62 7.43
CA ALA A 76 -2.96 -7.43 7.63
C ALA A 76 -3.15 -8.78 6.96
N LYS A 77 -4.40 -9.26 6.98
CA LYS A 77 -4.71 -10.53 6.36
C LYS A 77 -4.59 -10.41 4.85
N MET A 78 -4.90 -9.25 4.28
CA MET A 78 -4.82 -9.09 2.85
C MET A 78 -3.38 -8.78 2.48
N LEU A 79 -2.66 -8.18 3.40
CA LEU A 79 -1.25 -7.91 3.22
C LEU A 79 -0.54 -9.23 2.95
N MET A 80 -0.71 -10.19 3.86
CA MET A 80 -0.07 -11.49 3.73
C MET A 80 -0.61 -12.32 2.57
N ILE A 81 -1.92 -12.26 2.32
CA ILE A 81 -2.52 -13.05 1.25
C ILE A 81 -2.34 -12.41 -0.13
N LEU A 82 -2.32 -11.09 -0.20
CA LEU A 82 -2.21 -10.44 -1.49
C LEU A 82 -0.79 -10.02 -1.85
N ASN A 83 -0.09 -9.25 -1.01
CA ASN A 83 1.23 -8.83 -1.40
C ASN A 83 2.33 -9.87 -1.19
N GLY A 84 2.55 -10.64 -2.24
CA GLY A 84 3.57 -11.69 -2.28
C GLY A 84 3.33 -12.54 -3.50
N SER A 85 3.16 -11.83 -4.60
CA SER A 85 2.86 -12.48 -5.87
C SER A 85 4.02 -12.39 -6.84
N GLN A 86 3.77 -12.84 -8.06
CA GLN A 86 4.74 -12.78 -9.16
C GLN A 86 4.11 -11.98 -10.29
N PHE A 87 4.60 -10.77 -10.53
CA PHE A 87 4.02 -9.91 -11.54
C PHE A 87 5.08 -9.07 -12.25
N GLN A 88 4.93 -8.95 -13.58
CA GLN A 88 5.83 -8.15 -14.41
C GLN A 88 7.29 -8.56 -14.27
N GLY A 89 7.50 -9.83 -13.94
CA GLY A 89 8.85 -10.34 -13.80
C GLY A 89 9.46 -10.04 -12.44
N LYS A 90 8.64 -9.60 -11.50
CA LYS A 90 9.13 -9.29 -10.17
C LYS A 90 8.19 -9.88 -9.11
N VAL A 91 8.66 -10.01 -7.87
CA VAL A 91 7.81 -10.47 -6.81
C VAL A 91 7.32 -9.23 -6.09
N ILE A 92 6.03 -9.13 -5.94
CA ILE A 92 5.47 -7.99 -5.28
C ILE A 92 5.19 -8.37 -3.85
N ARG A 93 5.41 -7.45 -2.93
CA ARG A 93 5.27 -7.75 -1.50
C ARG A 93 4.71 -6.55 -0.77
N SER A 94 4.38 -6.69 0.51
CA SER A 94 3.83 -5.55 1.20
C SER A 94 4.28 -5.47 2.61
N GLY A 95 3.75 -4.48 3.24
CA GLY A 95 4.06 -4.19 4.59
C GLY A 95 3.31 -2.98 4.99
N THR A 96 3.77 -2.23 5.97
CA THR A 96 3.08 -1.01 6.30
C THR A 96 3.92 0.21 5.90
N ILE A 97 3.92 1.26 6.71
CA ILE A 97 4.64 2.48 6.36
C ILE A 97 6.16 2.33 6.46
N ASN A 98 6.68 1.83 7.56
CA ASN A 98 8.12 1.66 7.73
C ASN A 98 8.62 0.60 6.76
N ASP A 99 7.76 -0.36 6.51
CA ASP A 99 8.05 -1.46 5.62
C ASP A 99 8.30 -0.97 4.20
N MET A 100 7.61 0.08 3.78
CA MET A 100 7.77 0.59 2.42
C MET A 100 9.04 1.44 2.36
N LYS A 101 9.39 2.04 3.48
CA LYS A 101 10.60 2.85 3.59
C LYS A 101 11.81 1.94 3.44
N ARG A 102 11.70 0.75 3.99
CA ARG A 102 12.77 -0.21 3.88
C ARG A 102 12.90 -0.67 2.45
N TYR A 103 11.76 -1.03 1.89
CA TYR A 103 11.67 -1.47 0.51
C TYR A 103 12.21 -0.37 -0.39
N TYR A 104 11.92 0.88 0.01
CA TYR A 104 12.38 2.03 -0.73
C TYR A 104 13.89 2.04 -0.79
N ASN A 105 14.54 1.81 0.35
CA ASN A 105 16.00 1.76 0.37
C ASN A 105 16.45 0.74 -0.67
N ASN A 106 15.84 -0.46 -0.60
CA ASN A 106 16.06 -1.55 -1.56
C ASN A 106 15.85 -1.07 -3.00
N GLN A 107 14.95 -0.11 -3.17
CA GLN A 107 14.64 0.45 -4.48
C GLN A 107 15.71 1.43 -4.95
N GLN A 108 16.02 2.39 -4.10
CA GLN A 108 16.98 3.41 -4.41
C GLN A 108 18.39 2.85 -4.56
N ASN A 109 18.82 1.96 -3.67
CA ASN A 109 20.16 1.42 -3.80
C ASN A 109 20.14 -0.09 -3.95
N PHE A 2 -8.33 17.00 3.49
CA PHE A 2 -6.90 16.68 3.58
C PHE A 2 -6.33 16.35 2.20
N LEU A 3 -5.16 16.90 1.90
CA LEU A 3 -4.51 16.67 0.64
C LEU A 3 -3.74 15.36 0.71
N GLU A 4 -3.80 14.56 -0.35
CA GLU A 4 -3.11 13.26 -0.39
C GLU A 4 -1.67 13.36 0.06
N ARG A 5 -0.87 14.25 -0.53
CA ARG A 5 0.53 14.37 -0.19
C ARG A 5 0.73 14.68 1.29
N ASN A 6 -0.18 15.48 1.84
CA ASN A 6 -0.10 15.88 3.23
C ASN A 6 -0.49 14.72 4.12
N GLU A 7 -1.55 14.01 3.73
CA GLU A 7 -2.03 12.87 4.49
C GLU A 7 -1.09 11.69 4.33
N VAL A 8 -0.45 11.57 3.17
CA VAL A 8 0.49 10.48 2.95
C VAL A 8 1.70 10.70 3.86
N LYS A 9 2.10 11.97 3.98
CA LYS A 9 3.21 12.34 4.86
C LYS A 9 2.77 12.12 6.31
N ARG A 10 1.62 12.68 6.64
CA ARG A 10 1.02 12.53 7.97
C ARG A 10 0.84 11.06 8.33
N LEU A 11 0.61 10.22 7.32
CA LEU A 11 0.42 8.80 7.52
C LEU A 11 1.76 8.09 7.66
N LEU A 12 2.77 8.67 7.04
CA LEU A 12 4.11 8.15 7.08
C LEU A 12 4.68 8.22 8.49
N ALA A 13 4.50 9.39 9.11
CA ALA A 13 5.00 9.65 10.45
C ALA A 13 4.02 9.18 11.52
N SER A 14 2.71 9.26 11.20
CA SER A 14 1.59 8.86 12.07
C SER A 14 2.00 8.11 13.33
N ARG A 15 1.53 8.60 14.46
CA ARG A 15 1.86 8.02 15.74
C ARG A 15 0.80 7.03 16.18
N ASN A 16 -0.41 7.20 15.65
CA ASN A 16 -1.51 6.30 15.97
C ASN A 16 -1.30 4.99 15.21
N SER A 17 -0.58 4.07 15.85
CA SER A 17 -0.27 2.80 15.23
C SER A 17 -1.52 1.96 15.03
N LYS A 18 -2.60 2.31 15.71
CA LYS A 18 -3.88 1.60 15.60
C LYS A 18 -4.43 1.70 14.19
N GLU A 19 -4.08 2.78 13.54
CA GLU A 19 -4.56 3.04 12.20
C GLU A 19 -3.65 2.33 11.22
N LEU A 20 -2.39 2.13 11.61
CA LEU A 20 -1.45 1.44 10.80
C LEU A 20 -1.64 -0.05 10.98
N GLU A 21 -2.52 -0.36 11.92
CA GLU A 21 -2.96 -1.71 12.13
C GLU A 21 -3.99 -1.91 11.05
N THR A 22 -5.04 -1.06 11.13
CA THR A 22 -6.10 -1.06 10.13
C THR A 22 -5.52 -1.03 8.72
N LEU A 23 -4.63 -0.07 8.43
CA LEU A 23 -4.00 -0.04 7.12
C LEU A 23 -2.66 -0.73 7.06
N ILE A 24 -2.11 -0.68 5.85
CA ILE A 24 -0.81 -1.23 5.51
C ILE A 24 -0.34 -0.50 4.26
N CYS A 25 0.90 -0.69 3.90
CA CYS A 25 1.47 -0.06 2.73
C CYS A 25 1.80 -1.12 1.71
N LEU A 26 1.02 -1.14 0.64
CA LEU A 26 1.20 -2.12 -0.42
C LEU A 26 2.41 -1.77 -1.25
N PHE A 27 3.25 -2.75 -1.52
CA PHE A 27 4.45 -2.54 -2.31
C PHE A 27 4.45 -3.44 -3.55
N PRO A 28 3.54 -3.18 -4.49
CA PRO A 28 3.48 -3.92 -5.72
C PRO A 28 3.67 -3.04 -6.94
N LEU A 29 4.84 -2.45 -7.04
CA LEU A 29 5.15 -1.61 -8.18
C LEU A 29 6.63 -1.75 -8.58
N SER A 30 6.77 -2.12 -9.85
CA SER A 30 8.07 -2.30 -10.53
C SER A 30 8.81 -0.98 -10.69
N ASP A 31 9.89 -0.98 -11.46
CA ASP A 31 10.63 0.26 -11.73
C ASP A 31 9.96 1.01 -12.89
N LYS A 32 8.99 0.34 -13.52
CA LYS A 32 8.28 0.88 -14.69
C LYS A 32 6.78 1.00 -14.44
N VAL A 33 6.40 1.33 -13.22
CA VAL A 33 5.02 1.42 -12.84
C VAL A 33 4.47 2.85 -12.84
N SER A 34 3.14 2.91 -12.79
CA SER A 34 2.42 4.17 -12.76
C SER A 34 1.40 4.16 -11.63
N PRO A 35 1.28 5.28 -10.89
CA PRO A 35 0.36 5.42 -9.75
C PRO A 35 -1.09 5.06 -10.09
N SER A 36 -1.59 5.57 -11.21
CA SER A 36 -2.96 5.30 -11.61
C SER A 36 -3.15 3.83 -11.98
N LEU A 37 -2.17 3.27 -12.69
CA LEU A 37 -2.20 1.86 -13.09
C LEU A 37 -2.36 0.97 -11.88
N ILE A 38 -1.67 1.35 -10.80
CA ILE A 38 -1.69 0.59 -9.58
C ILE A 38 -3.10 0.42 -9.06
N CYS A 39 -3.85 1.53 -9.04
CA CYS A 39 -5.20 1.53 -8.55
C CYS A 39 -6.10 0.69 -9.44
N GLN A 40 -5.92 0.80 -10.76
CA GLN A 40 -6.71 -0.02 -11.68
C GLN A 40 -6.61 -1.49 -11.28
N PHE A 41 -5.36 -1.92 -11.06
CA PHE A 41 -5.01 -3.28 -10.64
C PHE A 41 -5.41 -3.51 -9.18
N LEU A 42 -5.53 -2.45 -8.39
CA LEU A 42 -5.92 -2.60 -7.00
C LEU A 42 -7.38 -2.97 -6.95
N GLN A 43 -8.15 -2.26 -7.76
CA GLN A 43 -9.56 -2.52 -7.89
C GLN A 43 -9.72 -3.75 -8.76
N GLU A 44 -8.68 -4.03 -9.54
CA GLU A 44 -8.67 -5.15 -10.44
C GLU A 44 -8.60 -6.48 -9.68
N GLU A 45 -7.65 -6.55 -8.74
CA GLU A 45 -7.40 -7.77 -7.98
C GLU A 45 -7.92 -7.70 -6.54
N ILE A 46 -7.69 -6.57 -5.87
CA ILE A 46 -8.13 -6.37 -4.48
C ILE A 46 -9.59 -5.99 -4.44
N HIS A 47 -10.14 -5.66 -5.61
CA HIS A 47 -11.53 -5.26 -5.75
C HIS A 47 -11.83 -4.10 -4.82
N ILE A 48 -10.82 -3.26 -4.62
CA ILE A 48 -10.92 -2.11 -3.74
C ILE A 48 -11.97 -1.14 -4.25
N ASN A 49 -12.90 -0.89 -3.38
CA ASN A 49 -14.01 0.01 -3.62
C ASN A 49 -14.31 0.76 -2.33
N GLU A 50 -15.41 1.49 -2.29
CA GLU A 50 -15.78 2.23 -1.09
C GLU A 50 -16.31 1.28 -0.04
N LYS A 51 -16.66 0.07 -0.47
CA LYS A 51 -17.18 -0.96 0.42
C LYS A 51 -16.07 -1.87 0.93
N ASP A 52 -14.87 -1.74 0.38
CA ASP A 52 -13.74 -2.55 0.82
C ASP A 52 -12.64 -1.69 1.41
N ILE A 53 -12.50 -0.50 0.88
CA ILE A 53 -11.45 0.40 1.31
C ILE A 53 -12.01 1.60 2.05
N ARG A 54 -11.36 1.98 3.15
CA ARG A 54 -11.77 3.15 3.89
C ARG A 54 -11.28 4.38 3.13
N LYS A 55 -10.06 4.25 2.62
CA LYS A 55 -9.38 5.26 1.82
C LYS A 55 -8.12 4.67 1.22
N ILE A 56 -7.72 5.21 0.08
CA ILE A 56 -6.55 4.73 -0.62
C ILE A 56 -5.72 5.91 -1.11
N LEU A 57 -4.47 5.99 -0.67
CA LEU A 57 -3.58 7.06 -1.09
C LEU A 57 -2.39 6.46 -1.83
N LEU A 58 -1.93 7.15 -2.88
CA LEU A 58 -0.85 6.65 -3.68
C LEU A 58 0.49 7.08 -3.12
N VAL A 59 1.36 6.11 -3.03
CA VAL A 59 2.70 6.28 -2.50
C VAL A 59 3.70 6.15 -3.66
N SER A 60 4.06 7.25 -4.30
CA SER A 60 4.96 7.17 -5.45
C SER A 60 6.44 7.41 -5.14
N ASP A 61 6.75 8.35 -4.25
CA ASP A 61 8.15 8.69 -3.93
C ASP A 61 8.84 7.63 -3.07
N PHE A 62 8.35 6.40 -3.19
CA PHE A 62 8.82 5.24 -2.42
C PHE A 62 7.94 4.08 -2.79
N ASN A 63 7.56 4.06 -4.07
CA ASN A 63 6.65 3.09 -4.70
C ASN A 63 5.83 2.29 -3.71
N GLY A 64 4.55 2.57 -3.67
CA GLY A 64 3.68 1.86 -2.78
C GLY A 64 2.26 2.36 -2.85
N ALA A 65 1.43 1.83 -1.98
CA ALA A 65 0.02 2.20 -1.93
C ALA A 65 -0.47 2.08 -0.49
N ILE A 66 -0.69 3.21 0.15
CA ILE A 66 -1.15 3.18 1.53
C ILE A 66 -2.68 3.05 1.55
N ILE A 67 -3.15 1.96 2.13
CA ILE A 67 -4.57 1.62 2.16
C ILE A 67 -5.04 1.12 3.52
N ILE A 68 -6.15 1.71 3.96
CA ILE A 68 -6.82 1.28 5.18
C ILE A 68 -8.02 0.41 4.76
N PHE A 69 -7.88 -0.92 4.64
CA PHE A 69 -9.07 -1.71 4.35
C PHE A 69 -10.03 -1.57 5.55
N ARG A 70 -11.10 -2.33 5.56
CA ARG A 70 -12.13 -2.24 6.60
C ARG A 70 -11.72 -2.68 8.02
N ASP A 71 -10.42 -2.93 8.25
CA ASP A 71 -9.96 -3.39 9.60
C ASP A 71 -8.55 -3.95 9.61
N SER A 72 -7.94 -3.84 10.78
CA SER A 72 -6.59 -4.29 11.04
C SER A 72 -6.41 -5.80 10.87
N LYS A 73 -7.39 -6.60 11.29
CA LYS A 73 -7.30 -8.06 11.15
C LYS A 73 -7.17 -8.48 9.70
N PHE A 74 -7.99 -7.85 8.87
CA PHE A 74 -8.03 -8.17 7.45
C PHE A 74 -6.82 -7.59 6.75
N ALA A 75 -6.39 -6.42 7.23
CA ALA A 75 -5.25 -5.73 6.66
C ALA A 75 -4.00 -6.60 6.67
N ALA A 76 -3.73 -7.20 7.82
CA ALA A 76 -2.53 -8.01 7.96
C ALA A 76 -2.76 -9.40 7.39
N LYS A 77 -3.98 -9.90 7.57
CA LYS A 77 -4.35 -11.22 7.07
C LYS A 77 -4.29 -11.23 5.55
N MET A 78 -4.72 -10.15 4.92
CA MET A 78 -4.73 -10.08 3.47
C MET A 78 -3.33 -9.76 2.98
N LEU A 79 -2.60 -8.95 3.75
CA LEU A 79 -1.22 -8.63 3.42
C LEU A 79 -0.42 -9.92 3.25
N MET A 80 -0.59 -10.84 4.19
CA MET A 80 0.12 -12.11 4.16
C MET A 80 -0.41 -13.07 3.09
N ILE A 81 -1.72 -13.16 2.93
CA ILE A 81 -2.29 -14.10 1.96
C ILE A 81 -2.19 -13.60 0.52
N LEU A 82 -2.34 -12.30 0.33
CA LEU A 82 -2.30 -11.73 -1.02
C LEU A 82 -0.94 -11.16 -1.40
N ASN A 83 -0.33 -10.38 -0.52
CA ASN A 83 0.91 -9.72 -0.87
C ASN A 83 2.16 -10.58 -0.76
N GLY A 84 2.70 -10.82 -1.94
CA GLY A 84 3.92 -11.60 -2.13
C GLY A 84 3.80 -12.56 -3.31
N SER A 85 2.92 -12.23 -4.25
CA SER A 85 2.68 -13.08 -5.41
C SER A 85 3.50 -12.61 -6.61
N GLN A 86 3.00 -12.91 -7.80
CA GLN A 86 3.68 -12.57 -9.03
C GLN A 86 2.68 -12.10 -10.06
N PHE A 87 2.88 -10.89 -10.56
CA PHE A 87 1.99 -10.31 -11.55
C PHE A 87 2.79 -9.62 -12.65
N GLN A 88 2.43 -9.93 -13.90
CA GLN A 88 3.06 -9.39 -15.12
C GLN A 88 4.59 -9.63 -15.15
N GLY A 89 5.03 -10.57 -14.35
CA GLY A 89 6.45 -10.91 -14.29
C GLY A 89 7.20 -10.14 -13.23
N LYS A 90 6.53 -9.94 -12.10
CA LYS A 90 7.11 -9.21 -10.98
C LYS A 90 6.52 -9.73 -9.68
N VAL A 91 7.28 -9.67 -8.60
CA VAL A 91 6.78 -10.13 -7.33
C VAL A 91 6.18 -8.95 -6.59
N ILE A 92 4.88 -9.00 -6.36
CA ILE A 92 4.20 -7.93 -5.66
C ILE A 92 3.93 -8.36 -4.23
N ARG A 93 4.33 -7.51 -3.27
CA ARG A 93 4.23 -7.84 -1.83
C ARG A 93 3.91 -6.60 -1.01
N SER A 94 3.80 -6.73 0.31
CA SER A 94 3.47 -5.55 1.12
C SER A 94 4.08 -5.58 2.52
N GLY A 95 3.81 -4.50 3.23
CA GLY A 95 4.24 -4.30 4.60
C GLY A 95 3.61 -3.02 5.08
N THR A 96 4.14 -2.37 6.08
CA THR A 96 3.55 -1.10 6.48
C THR A 96 4.54 0.05 6.28
N ILE A 97 4.64 0.95 7.25
CA ILE A 97 5.50 2.12 7.12
C ILE A 97 6.96 1.77 7.23
N ASN A 98 7.31 0.96 8.21
CA ASN A 98 8.70 0.59 8.41
C ASN A 98 9.14 -0.28 7.26
N ASP A 99 8.26 -1.20 6.89
CA ASP A 99 8.51 -2.13 5.82
C ASP A 99 8.62 -1.41 4.48
N MET A 100 7.95 -0.26 4.38
CA MET A 100 7.96 0.52 3.15
C MET A 100 9.22 1.37 3.13
N LYS A 101 9.63 1.84 4.31
CA LYS A 101 10.83 2.64 4.45
C LYS A 101 12.03 1.83 3.97
N ARG A 102 12.03 0.57 4.32
CA ARG A 102 13.11 -0.30 3.90
C ARG A 102 13.00 -0.62 2.44
N TYR A 103 11.80 -0.96 2.05
CA TYR A 103 11.53 -1.27 0.69
C TYR A 103 12.02 -0.10 -0.17
N TYR A 104 11.85 1.09 0.40
CA TYR A 104 12.26 2.33 -0.23
C TYR A 104 13.77 2.40 -0.39
N ASN A 105 14.54 2.13 0.69
CA ASN A 105 16.00 2.18 0.55
C ASN A 105 16.46 1.27 -0.58
N ASN A 106 15.95 0.04 -0.64
CA ASN A 106 16.33 -0.85 -1.75
C ASN A 106 15.75 -0.33 -3.08
N GLN A 107 14.70 0.49 -3.00
CA GLN A 107 14.10 1.09 -4.21
C GLN A 107 15.06 2.15 -4.78
N GLN A 108 15.46 3.08 -3.91
CA GLN A 108 16.38 4.15 -4.29
C GLN A 108 17.68 3.61 -4.87
N ASN A 109 18.24 2.59 -4.23
CA ASN A 109 19.49 2.00 -4.69
C ASN A 109 19.26 1.07 -5.87
N PHE A 2 -5.79 18.59 2.74
CA PHE A 2 -6.84 18.08 1.83
C PHE A 2 -6.24 17.47 0.57
N LEU A 3 -4.98 17.08 0.64
CA LEU A 3 -4.31 16.49 -0.51
C LEU A 3 -3.62 15.19 -0.11
N GLU A 4 -3.67 14.21 -1.02
CA GLU A 4 -3.06 12.90 -0.80
C GLU A 4 -1.65 12.98 -0.21
N ARG A 5 -0.75 13.67 -0.88
CA ARG A 5 0.65 13.76 -0.44
C ARG A 5 0.77 14.27 0.99
N ASN A 6 -0.15 15.14 1.40
CA ASN A 6 -0.09 15.70 2.73
C ASN A 6 -0.55 14.68 3.75
N GLU A 7 -1.61 13.97 3.39
CA GLU A 7 -2.15 12.94 4.25
C GLU A 7 -1.24 11.73 4.24
N VAL A 8 -0.54 11.51 3.12
CA VAL A 8 0.40 10.42 3.03
C VAL A 8 1.57 10.73 3.97
N LYS A 9 1.93 12.01 4.05
CA LYS A 9 3.00 12.45 4.94
C LYS A 9 2.51 12.30 6.38
N ARG A 10 1.30 12.82 6.64
CA ARG A 10 0.66 12.70 7.95
C ARG A 10 0.53 11.23 8.36
N LEU A 11 0.44 10.36 7.36
CA LEU A 11 0.29 8.92 7.59
C LEU A 11 1.65 8.29 7.81
N LEU A 12 2.67 8.93 7.23
CA LEU A 12 4.04 8.50 7.36
C LEU A 12 4.52 8.64 8.79
N ALA A 13 4.24 9.80 9.35
CA ALA A 13 4.67 10.14 10.70
C ALA A 13 3.68 9.74 11.78
N SER A 14 2.39 9.66 11.42
CA SER A 14 1.32 9.28 12.37
C SER A 14 1.84 8.35 13.46
N ARG A 15 1.64 8.77 14.70
CA ARG A 15 2.13 8.03 15.84
C ARG A 15 1.13 6.98 16.30
N ASN A 16 -0.12 7.14 15.88
CA ASN A 16 -1.17 6.19 16.24
C ASN A 16 -0.94 4.86 15.54
N SER A 17 -0.49 3.86 16.28
CA SER A 17 -0.24 2.55 15.68
C SER A 17 -1.55 1.85 15.38
N LYS A 18 -2.66 2.46 15.82
CA LYS A 18 -3.99 1.92 15.54
C LYS A 18 -4.28 2.11 14.06
N GLU A 19 -3.54 3.05 13.47
CA GLU A 19 -3.67 3.37 12.06
C GLU A 19 -2.76 2.45 11.26
N LEU A 20 -1.56 2.16 11.76
CA LEU A 20 -0.66 1.28 11.07
C LEU A 20 -1.17 -0.15 11.22
N GLU A 21 -2.14 -0.31 12.12
CA GLU A 21 -2.74 -1.61 12.35
C GLU A 21 -3.90 -1.77 11.37
N THR A 22 -4.91 -0.86 11.40
CA THR A 22 -6.02 -0.94 10.45
C THR A 22 -5.53 -1.05 9.02
N LEU A 23 -4.76 -0.08 8.55
CA LEU A 23 -4.23 -0.15 7.21
C LEU A 23 -2.82 -0.70 7.14
N ILE A 24 -2.30 -0.69 5.91
CA ILE A 24 -0.96 -1.16 5.59
C ILE A 24 -0.49 -0.39 4.35
N CYS A 25 0.75 -0.60 3.96
CA CYS A 25 1.33 0.05 2.80
C CYS A 25 1.69 -1.01 1.78
N LEU A 26 0.89 -1.09 0.72
CA LEU A 26 1.08 -2.08 -0.32
C LEU A 26 2.27 -1.72 -1.18
N PHE A 27 3.12 -2.71 -1.44
CA PHE A 27 4.31 -2.48 -2.26
C PHE A 27 4.28 -3.39 -3.52
N PRO A 28 3.29 -3.20 -4.40
CA PRO A 28 3.19 -3.94 -5.61
C PRO A 28 3.33 -3.10 -6.86
N LEU A 29 4.38 -2.32 -6.94
CA LEU A 29 4.59 -1.52 -8.12
C LEU A 29 6.07 -1.50 -8.53
N SER A 30 6.22 -1.79 -9.80
CA SER A 30 7.52 -1.91 -10.47
C SER A 30 8.15 -0.55 -10.74
N ASP A 31 9.25 -0.55 -11.49
CA ASP A 31 9.95 0.67 -11.86
C ASP A 31 9.28 1.33 -13.08
N LYS A 32 8.34 0.62 -13.70
CA LYS A 32 7.66 1.10 -14.91
C LYS A 32 6.14 1.20 -14.72
N VAL A 33 5.70 1.49 -13.51
CA VAL A 33 4.30 1.56 -13.21
C VAL A 33 3.74 2.97 -13.21
N SER A 34 2.43 3.03 -13.05
CA SER A 34 1.69 4.29 -13.03
C SER A 34 0.78 4.33 -11.80
N PRO A 35 0.76 5.47 -11.08
CA PRO A 35 -0.06 5.66 -9.88
C PRO A 35 -1.51 5.20 -10.05
N SER A 36 -2.12 5.63 -11.14
CA SER A 36 -3.50 5.30 -11.46
C SER A 36 -3.67 3.80 -11.73
N LEU A 37 -2.70 3.22 -12.42
CA LEU A 37 -2.73 1.79 -12.75
C LEU A 37 -2.86 0.95 -11.50
N ILE A 38 -2.20 1.43 -10.44
CA ILE A 38 -2.21 0.77 -9.15
C ILE A 38 -3.62 0.55 -8.69
N CYS A 39 -4.33 1.64 -8.57
CA CYS A 39 -5.68 1.63 -8.11
C CYS A 39 -6.56 0.75 -8.99
N GLN A 40 -6.36 0.83 -10.31
CA GLN A 40 -7.12 -0.01 -11.24
C GLN A 40 -6.96 -1.48 -10.86
N PHE A 41 -5.71 -1.94 -10.90
CA PHE A 41 -5.29 -3.30 -10.55
C PHE A 41 -5.70 -3.67 -9.12
N LEU A 42 -5.83 -2.69 -8.25
CA LEU A 42 -6.19 -2.96 -6.88
C LEU A 42 -7.68 -3.25 -6.83
N GLN A 43 -8.42 -2.47 -7.57
CA GLN A 43 -9.86 -2.65 -7.65
C GLN A 43 -10.13 -3.78 -8.63
N GLU A 44 -9.11 -4.08 -9.44
CA GLU A 44 -9.18 -5.12 -10.42
C GLU A 44 -9.07 -6.50 -9.76
N GLU A 45 -8.07 -6.63 -8.88
CA GLU A 45 -7.78 -7.89 -8.20
C GLU A 45 -8.28 -7.91 -6.75
N ILE A 46 -7.98 -6.85 -6.00
CA ILE A 46 -8.39 -6.72 -4.59
C ILE A 46 -9.88 -6.39 -4.51
N HIS A 47 -10.43 -6.05 -5.68
CA HIS A 47 -11.84 -5.71 -5.81
C HIS A 47 -12.23 -4.58 -4.86
N ILE A 48 -11.32 -3.65 -4.63
CA ILE A 48 -11.58 -2.51 -3.77
C ILE A 48 -12.66 -1.63 -4.38
N ASN A 49 -13.57 -1.22 -3.54
CA ASN A 49 -14.68 -0.35 -3.93
C ASN A 49 -14.92 0.67 -2.85
N GLU A 50 -16.01 1.43 -2.99
CA GLU A 50 -16.36 2.45 -2.03
C GLU A 50 -16.55 1.89 -0.61
N LYS A 51 -16.96 0.62 -0.51
CA LYS A 51 -17.21 0.01 0.81
C LYS A 51 -16.05 -0.84 1.33
N ASP A 52 -15.37 -1.56 0.43
CA ASP A 52 -14.28 -2.47 0.84
C ASP A 52 -13.05 -1.73 1.30
N ILE A 53 -12.87 -0.52 0.83
CA ILE A 53 -11.71 0.26 1.21
C ILE A 53 -12.19 1.45 2.05
N ARG A 54 -11.57 1.66 3.19
CA ARG A 54 -11.96 2.76 4.04
C ARG A 54 -11.29 4.04 3.53
N LYS A 55 -10.06 3.89 3.05
CA LYS A 55 -9.25 4.98 2.51
C LYS A 55 -8.10 4.42 1.70
N ILE A 56 -7.65 5.19 0.71
CA ILE A 56 -6.58 4.76 -0.16
C ILE A 56 -5.80 5.97 -0.71
N LEU A 57 -4.48 5.93 -0.61
CA LEU A 57 -3.62 7.00 -1.09
C LEU A 57 -2.38 6.41 -1.75
N LEU A 58 -1.81 7.09 -2.74
CA LEU A 58 -0.62 6.59 -3.41
C LEU A 58 0.62 7.13 -2.73
N VAL A 59 1.56 6.24 -2.52
CA VAL A 59 2.82 6.55 -1.86
C VAL A 59 3.99 6.32 -2.84
N SER A 60 4.21 7.26 -3.76
CA SER A 60 5.21 7.09 -4.82
C SER A 60 6.64 7.58 -4.51
N ASP A 61 7.04 7.63 -3.24
CA ASP A 61 8.41 8.06 -2.90
C ASP A 61 9.11 6.94 -2.13
N PHE A 62 8.50 5.77 -2.29
CA PHE A 62 8.85 4.50 -1.62
C PHE A 62 7.93 3.43 -2.18
N ASN A 63 7.61 3.62 -3.46
CA ASN A 63 6.69 2.82 -4.25
C ASN A 63 5.65 2.03 -3.49
N GLY A 64 4.89 2.68 -2.65
CA GLY A 64 3.87 1.96 -1.96
C GLY A 64 2.50 2.57 -2.15
N ALA A 65 1.50 1.95 -1.53
CA ALA A 65 0.12 2.42 -1.60
C ALA A 65 -0.53 2.20 -0.24
N ILE A 66 -0.87 3.27 0.43
CA ILE A 66 -1.46 3.15 1.76
C ILE A 66 -2.95 2.90 1.65
N ILE A 67 -3.41 1.82 2.27
CA ILE A 67 -4.80 1.38 2.19
C ILE A 67 -5.31 0.83 3.50
N ILE A 68 -6.46 1.36 3.91
CA ILE A 68 -7.18 0.88 5.06
C ILE A 68 -8.30 0.02 4.49
N PHE A 69 -8.17 -1.30 4.39
CA PHE A 69 -9.27 -2.10 3.88
C PHE A 69 -10.52 -1.86 4.73
N ARG A 70 -10.68 -2.62 5.79
CA ARG A 70 -11.85 -2.45 6.67
C ARG A 70 -11.52 -2.78 8.12
N ASP A 71 -10.23 -3.07 8.34
CA ASP A 71 -9.74 -3.42 9.69
C ASP A 71 -8.35 -4.03 9.65
N SER A 72 -7.71 -4.00 10.80
CA SER A 72 -6.38 -4.53 11.02
C SER A 72 -6.34 -6.01 10.62
N LYS A 73 -7.39 -6.76 10.93
CA LYS A 73 -7.45 -8.18 10.62
C LYS A 73 -7.37 -8.44 9.12
N PHE A 74 -8.12 -7.68 8.35
CA PHE A 74 -8.17 -7.87 6.90
C PHE A 74 -6.89 -7.38 6.26
N ALA A 75 -6.42 -6.24 6.72
CA ALA A 75 -5.23 -5.61 6.21
C ALA A 75 -4.01 -6.52 6.30
N ALA A 76 -3.82 -7.11 7.47
CA ALA A 76 -2.66 -7.95 7.68
C ALA A 76 -2.87 -9.33 7.07
N LYS A 77 -4.10 -9.82 7.15
CA LYS A 77 -4.46 -11.12 6.59
C LYS A 77 -4.32 -11.10 5.08
N MET A 78 -4.67 -9.99 4.45
CA MET A 78 -4.59 -9.92 3.01
C MET A 78 -3.17 -9.54 2.62
N LEU A 79 -2.48 -8.84 3.50
CA LEU A 79 -1.09 -8.48 3.28
C LEU A 79 -0.28 -9.78 3.13
N MET A 80 -0.47 -10.70 4.06
CA MET A 80 0.25 -11.96 4.04
C MET A 80 -0.25 -12.93 2.97
N ILE A 81 -1.56 -12.98 2.72
CA ILE A 81 -2.11 -13.91 1.74
C ILE A 81 -1.98 -13.41 0.30
N LEU A 82 -2.17 -12.11 0.09
CA LEU A 82 -2.12 -11.55 -1.25
C LEU A 82 -0.75 -10.98 -1.58
N ASN A 83 -0.16 -10.23 -0.66
CA ASN A 83 1.10 -9.57 -0.94
C ASN A 83 2.34 -10.46 -0.82
N GLY A 84 2.80 -10.87 -1.97
CA GLY A 84 4.01 -11.67 -2.14
C GLY A 84 3.94 -12.54 -3.40
N SER A 85 3.16 -12.10 -4.39
CA SER A 85 2.96 -12.87 -5.61
C SER A 85 3.90 -12.44 -6.73
N GLN A 86 3.46 -12.70 -7.96
CA GLN A 86 4.23 -12.39 -9.15
C GLN A 86 3.33 -11.75 -10.20
N PHE A 87 3.76 -10.60 -10.70
CA PHE A 87 3.03 -9.86 -11.72
C PHE A 87 4.03 -9.06 -12.54
N GLN A 88 3.82 -9.01 -13.85
CA GLN A 88 4.71 -8.30 -14.76
C GLN A 88 6.11 -8.91 -14.74
N GLY A 89 6.21 -10.17 -14.34
CA GLY A 89 7.49 -10.84 -14.28
C GLY A 89 8.26 -10.55 -13.01
N LYS A 90 7.64 -9.80 -12.09
CA LYS A 90 8.29 -9.46 -10.83
C LYS A 90 7.42 -9.85 -9.65
N VAL A 91 7.95 -9.70 -8.44
CA VAL A 91 7.21 -10.06 -7.25
C VAL A 91 6.61 -8.81 -6.60
N ILE A 92 5.38 -8.93 -6.13
CA ILE A 92 4.71 -7.84 -5.45
C ILE A 92 4.35 -8.28 -4.03
N ARG A 93 4.62 -7.41 -3.04
CA ARG A 93 4.41 -7.75 -1.62
C ARG A 93 4.06 -6.49 -0.82
N SER A 94 3.81 -6.62 0.48
CA SER A 94 3.47 -5.43 1.26
C SER A 94 4.07 -5.43 2.67
N GLY A 95 3.78 -4.33 3.34
CA GLY A 95 4.23 -4.09 4.70
C GLY A 95 3.58 -2.80 5.12
N THR A 96 4.10 -2.10 6.09
CA THR A 96 3.51 -0.82 6.39
C THR A 96 4.51 0.31 6.10
N ILE A 97 4.58 1.32 6.95
CA ILE A 97 5.46 2.44 6.68
C ILE A 97 6.92 2.07 6.79
N ASN A 98 7.28 1.35 7.85
CA ASN A 98 8.66 1.00 8.06
C ASN A 98 9.13 0.01 7.00
N ASP A 99 8.33 -1.02 6.78
CA ASP A 99 8.67 -2.06 5.81
C ASP A 99 8.77 -1.50 4.40
N MET A 100 8.01 -0.45 4.12
CA MET A 100 8.02 0.14 2.79
C MET A 100 9.26 1.03 2.67
N LYS A 101 9.64 1.63 3.79
CA LYS A 101 10.83 2.46 3.86
C LYS A 101 12.06 1.60 3.59
N ARG A 102 12.01 0.36 4.05
CA ARG A 102 13.09 -0.58 3.82
C ARG A 102 13.12 -0.92 2.35
N TYR A 103 11.94 -1.19 1.84
CA TYR A 103 11.76 -1.51 0.45
C TYR A 103 12.31 -0.38 -0.39
N TYR A 104 12.05 0.85 0.09
CA TYR A 104 12.52 2.06 -0.56
C TYR A 104 14.03 2.05 -0.66
N ASN A 105 14.68 1.68 0.44
CA ASN A 105 16.13 1.59 0.48
C ASN A 105 16.58 0.70 -0.68
N ASN A 106 15.96 -0.49 -0.78
CA ASN A 106 16.24 -1.44 -1.85
C ASN A 106 15.90 -0.83 -3.22
N GLN A 107 14.97 0.13 -3.24
CA GLN A 107 14.58 0.80 -4.48
C GLN A 107 15.70 1.70 -4.95
N GLN A 108 16.21 2.52 -4.04
CA GLN A 108 17.29 3.44 -4.36
C GLN A 108 18.54 2.69 -4.83
N ASN A 109 19.06 1.78 -4.01
CA ASN A 109 20.25 1.04 -4.41
C ASN A 109 20.07 -0.44 -4.14
N PHE A 2 -5.89 16.32 -5.32
CA PHE A 2 -6.71 16.45 -4.10
C PHE A 2 -5.82 16.86 -2.92
N LEU A 3 -5.89 16.11 -1.82
CA LEU A 3 -5.09 16.41 -0.64
C LEU A 3 -4.43 15.13 -0.11
N GLU A 4 -4.18 14.19 -1.03
CA GLU A 4 -3.58 12.90 -0.66
C GLU A 4 -2.20 13.07 -0.03
N ARG A 5 -1.41 13.99 -0.57
CA ARG A 5 -0.05 14.22 -0.08
C ARG A 5 -0.05 14.63 1.38
N ASN A 6 -1.12 15.27 1.83
CA ASN A 6 -1.21 15.71 3.20
C ASN A 6 -1.41 14.52 4.11
N GLU A 7 -2.26 13.61 3.66
CA GLU A 7 -2.54 12.42 4.44
C GLU A 7 -1.43 11.38 4.27
N VAL A 8 -0.77 11.32 3.11
CA VAL A 8 0.32 10.35 2.99
C VAL A 8 1.42 10.78 3.96
N LYS A 9 1.64 12.08 4.03
CA LYS A 9 2.66 12.63 4.92
C LYS A 9 2.26 12.36 6.37
N ARG A 10 1.05 12.82 6.72
CA ARG A 10 0.50 12.63 8.07
C ARG A 10 0.43 11.16 8.47
N LEU A 11 0.16 10.28 7.51
CA LEU A 11 0.05 8.84 7.77
C LEU A 11 1.42 8.20 7.86
N LEU A 12 2.35 8.80 7.15
CA LEU A 12 3.72 8.34 7.09
C LEU A 12 4.40 8.48 8.44
N ALA A 13 4.22 9.66 9.03
CA ALA A 13 4.83 10.00 10.30
C ALA A 13 3.98 9.56 11.49
N SER A 14 2.65 9.46 11.29
CA SER A 14 1.74 9.06 12.33
C SER A 14 2.31 7.97 13.22
N ARG A 15 2.27 8.17 14.53
CA ARG A 15 2.81 7.20 15.46
C ARG A 15 1.73 6.22 15.87
N ASN A 16 0.47 6.66 15.72
CA ASN A 16 -0.68 5.83 16.06
C ASN A 16 -0.67 4.54 15.26
N SER A 17 -0.23 3.47 15.91
CA SER A 17 -0.17 2.17 15.27
C SER A 17 -1.54 1.54 15.17
N LYS A 18 -2.55 2.18 15.77
CA LYS A 18 -3.92 1.68 15.66
C LYS A 18 -4.41 1.93 14.25
N GLU A 19 -3.82 2.95 13.66
CA GLU A 19 -4.11 3.33 12.30
C GLU A 19 -3.37 2.39 11.37
N LEU A 20 -2.08 2.21 11.62
CA LEU A 20 -1.26 1.35 10.81
C LEU A 20 -1.54 -0.11 11.10
N GLU A 21 -2.38 -0.33 12.09
CA GLU A 21 -2.83 -1.67 12.39
C GLU A 21 -4.00 -1.91 11.46
N THR A 22 -5.00 -1.01 11.51
CA THR A 22 -6.11 -1.09 10.56
C THR A 22 -5.60 -1.12 9.14
N LEU A 23 -4.76 -0.16 8.76
CA LEU A 23 -4.20 -0.17 7.41
C LEU A 23 -2.83 -0.81 7.30
N ILE A 24 -2.37 -0.79 6.05
CA ILE A 24 -1.09 -1.31 5.62
C ILE A 24 -0.73 -0.58 4.34
N CYS A 25 0.40 -0.90 3.74
CA CYS A 25 0.85 -0.23 2.55
C CYS A 25 1.31 -1.26 1.55
N LEU A 26 0.69 -1.27 0.41
CA LEU A 26 1.07 -2.19 -0.63
C LEU A 26 2.29 -1.63 -1.32
N PHE A 27 3.28 -2.47 -1.54
CA PHE A 27 4.51 -2.05 -2.18
C PHE A 27 4.68 -2.79 -3.51
N PRO A 28 3.79 -2.53 -4.50
CA PRO A 28 3.86 -3.17 -5.77
C PRO A 28 4.10 -2.26 -6.95
N LEU A 29 4.51 -1.03 -6.76
CA LEU A 29 4.78 -0.25 -7.92
C LEU A 29 6.28 -0.27 -8.24
N SER A 30 6.55 -1.08 -9.23
CA SER A 30 7.86 -1.34 -9.80
C SER A 30 8.54 -0.05 -10.31
N ASP A 31 9.64 -0.20 -11.01
CA ASP A 31 10.34 0.95 -11.58
C ASP A 31 9.66 1.39 -12.89
N LYS A 32 8.74 0.55 -13.37
CA LYS A 32 8.02 0.78 -14.64
C LYS A 32 6.49 0.89 -14.45
N VAL A 33 6.03 1.45 -13.35
CA VAL A 33 4.61 1.54 -13.09
C VAL A 33 4.05 2.96 -13.13
N SER A 34 2.78 3.04 -12.78
CA SER A 34 2.03 4.29 -12.72
C SER A 34 0.98 4.22 -11.60
N PRO A 35 0.86 5.30 -10.81
CA PRO A 35 -0.08 5.39 -9.67
C PRO A 35 -1.51 4.96 -10.03
N SER A 36 -2.08 5.57 -11.06
CA SER A 36 -3.44 5.26 -11.48
C SER A 36 -3.59 3.79 -11.85
N LEU A 37 -2.57 3.25 -12.52
CA LEU A 37 -2.58 1.85 -12.92
C LEU A 37 -2.68 0.94 -11.69
N ILE A 38 -2.09 1.40 -10.59
CA ILE A 38 -2.10 0.62 -9.37
C ILE A 38 -3.51 0.46 -8.82
N CYS A 39 -4.27 1.54 -8.85
CA CYS A 39 -5.62 1.53 -8.33
C CYS A 39 -6.50 0.67 -9.21
N GLN A 40 -6.34 0.80 -10.53
CA GLN A 40 -7.10 -0.05 -11.45
C GLN A 40 -6.91 -1.50 -11.03
N PHE A 41 -5.65 -1.93 -11.02
CA PHE A 41 -5.22 -3.26 -10.60
C PHE A 41 -5.71 -3.59 -9.18
N LEU A 42 -5.88 -2.57 -8.34
CA LEU A 42 -6.31 -2.83 -6.98
C LEU A 42 -7.78 -3.25 -6.99
N GLN A 43 -8.56 -2.48 -7.72
CA GLN A 43 -9.98 -2.75 -7.84
C GLN A 43 -10.16 -3.90 -8.83
N GLU A 44 -9.13 -4.10 -9.63
CA GLU A 44 -9.11 -5.13 -10.65
C GLU A 44 -9.03 -6.53 -10.03
N GLU A 45 -8.08 -6.69 -9.12
CA GLU A 45 -7.82 -7.99 -8.49
C GLU A 45 -8.31 -8.06 -7.04
N ILE A 46 -8.07 -7.01 -6.29
CA ILE A 46 -8.46 -6.94 -4.87
C ILE A 46 -9.94 -6.57 -4.76
N HIS A 47 -10.51 -6.20 -5.90
CA HIS A 47 -11.92 -5.82 -5.98
C HIS A 47 -12.27 -4.78 -4.93
N ILE A 48 -11.34 -3.87 -4.68
CA ILE A 48 -11.57 -2.82 -3.71
C ILE A 48 -12.62 -1.88 -4.27
N ASN A 49 -13.62 -1.65 -3.47
CA ASN A 49 -14.72 -0.77 -3.84
C ASN A 49 -14.97 0.20 -2.71
N GLU A 50 -16.03 0.97 -2.82
CA GLU A 50 -16.38 1.96 -1.80
C GLU A 50 -16.73 1.27 -0.48
N LYS A 51 -17.06 0.00 -0.56
CA LYS A 51 -17.41 -0.78 0.63
C LYS A 51 -16.24 -1.58 1.18
N ASP A 52 -15.09 -1.52 0.50
CA ASP A 52 -13.93 -2.30 0.94
C ASP A 52 -12.75 -1.44 1.37
N ILE A 53 -12.72 -0.20 0.90
CA ILE A 53 -11.62 0.69 1.25
C ILE A 53 -12.10 1.87 2.07
N ARG A 54 -11.34 2.19 3.11
CA ARG A 54 -11.66 3.32 3.96
C ARG A 54 -10.85 4.54 3.53
N LYS A 55 -9.76 4.26 2.81
CA LYS A 55 -8.85 5.28 2.30
C LYS A 55 -7.71 4.62 1.53
N ILE A 56 -7.36 5.25 0.42
CA ILE A 56 -6.29 4.77 -0.44
C ILE A 56 -5.53 5.96 -1.04
N LEU A 57 -4.22 6.00 -0.84
CA LEU A 57 -3.40 7.09 -1.38
C LEU A 57 -2.08 6.57 -1.90
N LEU A 58 -1.50 7.29 -2.86
CA LEU A 58 -0.22 6.90 -3.46
C LEU A 58 0.91 7.41 -2.60
N VAL A 59 1.80 6.50 -2.24
CA VAL A 59 2.94 6.83 -1.40
C VAL A 59 4.24 6.81 -2.21
N SER A 60 4.53 7.92 -2.89
CA SER A 60 5.72 8.00 -3.74
C SER A 60 6.98 8.52 -3.03
N ASP A 61 7.09 8.28 -1.73
CA ASP A 61 8.28 8.71 -0.98
C ASP A 61 9.18 7.49 -0.77
N PHE A 62 8.76 6.38 -1.37
CA PHE A 62 9.43 5.07 -1.27
C PHE A 62 8.89 4.15 -2.32
N ASN A 63 7.60 4.32 -2.57
CA ASN A 63 6.81 3.62 -3.55
C ASN A 63 5.86 2.60 -2.97
N GLY A 64 4.81 3.08 -2.34
CA GLY A 64 3.80 2.19 -1.85
C GLY A 64 2.43 2.78 -2.02
N ALA A 65 1.45 2.13 -1.45
CA ALA A 65 0.09 2.61 -1.50
C ALA A 65 -0.57 2.32 -0.16
N ILE A 66 -0.93 3.39 0.54
CA ILE A 66 -1.53 3.24 1.86
C ILE A 66 -3.02 2.98 1.71
N ILE A 67 -3.46 1.86 2.28
CA ILE A 67 -4.84 1.40 2.20
C ILE A 67 -5.29 0.75 3.49
N ILE A 68 -6.48 1.15 3.91
CA ILE A 68 -7.13 0.57 5.06
C ILE A 68 -8.23 -0.38 4.55
N PHE A 69 -8.00 -1.70 4.46
CA PHE A 69 -9.08 -2.61 4.01
C PHE A 69 -10.15 -2.80 5.10
N ARG A 70 -10.53 -1.67 5.63
CA ARG A 70 -11.58 -1.53 6.64
C ARG A 70 -11.17 -1.92 8.07
N ASP A 71 -10.48 -3.04 8.26
CA ASP A 71 -10.11 -3.43 9.64
C ASP A 71 -8.72 -4.03 9.72
N SER A 72 -8.13 -3.85 10.88
CA SER A 72 -6.77 -4.29 11.18
C SER A 72 -6.57 -5.80 11.03
N LYS A 73 -7.51 -6.63 11.48
CA LYS A 73 -7.38 -8.08 11.36
C LYS A 73 -7.27 -8.53 9.92
N PHE A 74 -8.14 -7.97 9.08
CA PHE A 74 -8.17 -8.34 7.69
C PHE A 74 -6.99 -7.72 6.98
N ALA A 75 -6.57 -6.57 7.49
CA ALA A 75 -5.45 -5.85 6.92
C ALA A 75 -4.18 -6.66 6.97
N ALA A 76 -3.85 -7.16 8.15
CA ALA A 76 -2.61 -7.91 8.32
C ALA A 76 -2.73 -9.29 7.70
N LYS A 77 -3.90 -9.89 7.90
CA LYS A 77 -4.20 -11.21 7.37
C LYS A 77 -4.18 -11.21 5.85
N MET A 78 -4.85 -10.22 5.25
CA MET A 78 -4.95 -10.18 3.81
C MET A 78 -3.65 -9.63 3.25
N LEU A 79 -2.90 -8.92 4.07
CA LEU A 79 -1.62 -8.38 3.64
C LEU A 79 -0.65 -9.53 3.43
N MET A 80 -0.61 -10.46 4.37
CA MET A 80 0.25 -11.61 4.26
C MET A 80 -0.22 -12.50 3.12
N ILE A 81 -1.54 -12.48 2.88
CA ILE A 81 -2.11 -13.28 1.79
C ILE A 81 -2.06 -12.55 0.43
N LEU A 82 -2.02 -11.21 0.46
CA LEU A 82 -2.04 -10.40 -0.76
C LEU A 82 -0.68 -10.18 -1.40
N ASN A 83 0.27 -9.60 -0.67
CA ASN A 83 1.54 -9.31 -1.31
C ASN A 83 2.42 -10.52 -1.62
N GLY A 84 3.72 -10.31 -1.85
CA GLY A 84 4.60 -11.40 -2.26
C GLY A 84 4.15 -11.99 -3.57
N SER A 85 3.34 -11.21 -4.26
CA SER A 85 2.73 -11.63 -5.51
C SER A 85 3.64 -11.47 -6.72
N GLN A 86 3.19 -12.02 -7.83
CA GLN A 86 3.91 -11.97 -9.08
C GLN A 86 3.03 -11.30 -10.12
N PHE A 87 3.34 -10.05 -10.42
CA PHE A 87 2.56 -9.29 -11.37
C PHE A 87 3.45 -8.36 -12.18
N GLN A 88 3.12 -8.21 -13.47
CA GLN A 88 3.87 -7.35 -14.39
C GLN A 88 5.28 -7.90 -14.63
N GLY A 89 5.44 -9.19 -14.40
CA GLY A 89 6.73 -9.83 -14.60
C GLY A 89 7.68 -9.63 -13.44
N LYS A 90 7.20 -8.97 -12.40
CA LYS A 90 8.00 -8.70 -11.21
C LYS A 90 7.27 -9.22 -9.97
N VAL A 91 7.93 -9.18 -8.82
CA VAL A 91 7.32 -9.62 -7.59
C VAL A 91 6.97 -8.39 -6.77
N ILE A 92 5.78 -8.36 -6.22
CA ILE A 92 5.35 -7.23 -5.43
C ILE A 92 5.20 -7.64 -3.96
N ARG A 93 5.64 -6.76 -3.06
CA ARG A 93 5.65 -7.06 -1.61
C ARG A 93 4.88 -6.00 -0.83
N SER A 94 4.65 -6.21 0.46
CA SER A 94 3.93 -5.19 1.22
C SER A 94 4.30 -5.19 2.66
N GLY A 95 3.65 -4.31 3.36
CA GLY A 95 3.89 -4.16 4.75
C GLY A 95 3.43 -2.80 5.16
N THR A 96 4.07 -2.15 6.11
CA THR A 96 3.62 -0.81 6.45
C THR A 96 4.74 0.22 6.20
N ILE A 97 5.10 1.03 7.20
CA ILE A 97 6.11 2.07 6.99
C ILE A 97 7.51 1.56 7.06
N ASN A 98 7.83 0.80 8.08
CA ASN A 98 9.19 0.39 8.23
C ASN A 98 9.50 -0.61 7.14
N ASP A 99 8.49 -1.42 6.90
CA ASP A 99 8.49 -2.46 5.90
C ASP A 99 8.72 -1.88 4.52
N MET A 100 8.10 -0.74 4.26
CA MET A 100 8.21 -0.09 2.97
C MET A 100 9.57 0.58 2.86
N LYS A 101 10.09 1.03 3.99
CA LYS A 101 11.40 1.67 4.05
C LYS A 101 12.47 0.68 3.62
N ARG A 102 12.34 -0.56 4.04
CA ARG A 102 13.30 -1.58 3.65
C ARG A 102 13.18 -1.88 2.19
N TYR A 103 11.95 -2.14 1.78
CA TYR A 103 11.66 -2.44 0.39
C TYR A 103 12.13 -1.29 -0.47
N TYR A 104 12.02 -0.08 0.09
CA TYR A 104 12.44 1.15 -0.55
C TYR A 104 13.93 1.13 -0.81
N ASN A 105 14.70 0.75 0.19
CA ASN A 105 16.15 0.65 0.05
C ASN A 105 16.43 -0.23 -1.16
N ASN A 106 15.79 -1.40 -1.19
CA ASN A 106 15.89 -2.32 -2.30
C ASN A 106 15.40 -1.69 -3.62
N GLN A 107 14.49 -0.73 -3.51
CA GLN A 107 13.95 -0.01 -4.66
C GLN A 107 15.00 0.88 -5.29
N GLN A 108 15.55 1.78 -4.50
CA GLN A 108 16.57 2.70 -4.99
C GLN A 108 17.76 1.97 -5.57
N ASN A 109 18.26 0.96 -4.87
CA ASN A 109 19.39 0.22 -5.39
C ASN A 109 19.03 -1.24 -5.58
N PHE A 2 -7.59 18.81 2.02
CA PHE A 2 -7.14 17.40 2.07
C PHE A 2 -6.45 17.00 0.78
N LEU A 3 -5.14 16.96 0.82
CA LEU A 3 -4.33 16.58 -0.31
C LEU A 3 -3.88 15.13 -0.13
N GLU A 4 -3.29 14.52 -1.15
CA GLU A 4 -2.86 13.13 -1.00
C GLU A 4 -1.51 13.06 -0.32
N ARG A 5 -0.50 13.65 -0.96
CA ARG A 5 0.87 13.61 -0.45
C ARG A 5 0.98 14.20 0.95
N ASN A 6 0.02 15.01 1.34
CA ASN A 6 0.05 15.63 2.66
C ASN A 6 -0.42 14.62 3.67
N GLU A 7 -1.50 13.92 3.34
CA GLU A 7 -2.05 12.92 4.21
C GLU A 7 -1.16 11.69 4.17
N VAL A 8 -0.59 11.39 2.99
CA VAL A 8 0.33 10.26 2.88
C VAL A 8 1.45 10.48 3.89
N LYS A 9 2.20 11.57 3.72
CA LYS A 9 3.27 11.90 4.68
C LYS A 9 2.75 11.87 6.12
N ARG A 10 1.63 12.55 6.36
CA ARG A 10 1.02 12.63 7.68
C ARG A 10 0.62 11.25 8.22
N LEU A 11 0.24 10.36 7.32
CA LEU A 11 -0.19 9.02 7.66
C LEU A 11 1.01 8.13 7.89
N LEU A 12 2.13 8.51 7.29
CA LEU A 12 3.34 7.76 7.41
C LEU A 12 4.02 8.08 8.73
N ALA A 13 3.86 9.32 9.14
CA ALA A 13 4.44 9.83 10.37
C ALA A 13 3.56 9.54 11.57
N SER A 14 2.26 9.42 11.31
CA SER A 14 1.26 9.16 12.32
C SER A 14 1.73 8.20 13.43
N ARG A 15 1.33 8.50 14.65
CA ARG A 15 1.73 7.70 15.79
C ARG A 15 0.66 6.65 16.10
N ASN A 16 -0.58 6.93 15.68
CA ASN A 16 -1.69 6.01 15.89
C ASN A 16 -1.41 4.71 15.15
N SER A 17 -0.97 3.70 15.89
CA SER A 17 -0.64 2.41 15.28
C SER A 17 -1.89 1.58 15.02
N LYS A 18 -3.05 2.04 15.49
CA LYS A 18 -4.30 1.31 15.25
C LYS A 18 -4.68 1.52 13.79
N GLU A 19 -4.14 2.61 13.27
CA GLU A 19 -4.33 2.99 11.90
C GLU A 19 -3.47 2.07 11.06
N LEU A 20 -2.19 1.97 11.41
CA LEU A 20 -1.22 1.14 10.73
C LEU A 20 -1.54 -0.34 10.90
N GLU A 21 -2.62 -0.61 11.60
CA GLU A 21 -3.14 -1.95 11.72
C GLU A 21 -4.16 -2.10 10.61
N THR A 22 -5.22 -1.27 10.68
CA THR A 22 -6.27 -1.22 9.65
C THR A 22 -5.78 -0.47 8.43
N LEU A 23 -4.49 -0.56 8.18
CA LEU A 23 -3.87 0.09 7.05
C LEU A 23 -2.46 -0.39 6.90
N ILE A 24 -2.03 -0.47 5.66
CA ILE A 24 -0.71 -0.91 5.34
C ILE A 24 -0.30 -0.25 4.05
N CYS A 25 0.96 -0.31 3.75
CA CYS A 25 1.48 0.24 2.53
C CYS A 25 1.82 -0.90 1.61
N LEU A 26 1.00 -1.07 0.58
CA LEU A 26 1.21 -2.11 -0.39
C LEU A 26 2.34 -1.66 -1.30
N PHE A 27 3.33 -2.52 -1.52
CA PHE A 27 4.47 -2.18 -2.33
C PHE A 27 4.61 -3.09 -3.55
N PRO A 28 3.60 -3.10 -4.44
CA PRO A 28 3.68 -3.87 -5.64
C PRO A 28 3.76 -3.04 -6.89
N LEU A 29 4.66 -2.07 -6.89
CA LEU A 29 4.81 -1.25 -8.06
C LEU A 29 6.26 -1.06 -8.44
N SER A 30 6.48 -1.36 -9.70
CA SER A 30 7.77 -1.32 -10.36
C SER A 30 8.19 0.11 -10.74
N ASP A 31 9.30 0.22 -11.43
CA ASP A 31 9.75 1.52 -11.90
C ASP A 31 9.06 1.87 -13.23
N LYS A 32 8.25 0.93 -13.72
CA LYS A 32 7.56 1.06 -15.00
C LYS A 32 6.03 1.02 -14.85
N VAL A 33 5.53 1.52 -13.73
CA VAL A 33 4.11 1.50 -13.49
C VAL A 33 3.51 2.89 -13.50
N SER A 34 2.24 2.95 -13.11
CA SER A 34 1.48 4.18 -13.06
C SER A 34 0.62 4.22 -11.80
N PRO A 35 0.65 5.37 -11.09
CA PRO A 35 -0.12 5.58 -9.85
C PRO A 35 -1.57 5.11 -9.89
N SER A 36 -2.32 5.60 -10.88
CA SER A 36 -3.73 5.25 -11.02
C SER A 36 -3.92 3.77 -11.38
N LEU A 37 -2.97 3.21 -12.13
CA LEU A 37 -3.02 1.81 -12.52
C LEU A 37 -3.07 0.93 -11.28
N ILE A 38 -2.43 1.43 -10.23
CA ILE A 38 -2.37 0.74 -8.95
C ILE A 38 -3.75 0.51 -8.41
N CYS A 39 -4.48 1.59 -8.31
CA CYS A 39 -5.80 1.59 -7.77
C CYS A 39 -6.72 0.70 -8.59
N GLN A 40 -6.64 0.81 -9.91
CA GLN A 40 -7.44 -0.05 -10.79
C GLN A 40 -7.23 -1.51 -10.42
N PHE A 41 -5.97 -1.94 -10.51
CA PHE A 41 -5.52 -3.27 -10.18
C PHE A 41 -5.85 -3.63 -8.74
N LEU A 42 -5.98 -2.64 -7.87
CA LEU A 42 -6.30 -2.92 -6.50
C LEU A 42 -7.78 -3.28 -6.44
N GLN A 43 -8.54 -2.56 -7.22
CA GLN A 43 -9.96 -2.81 -7.33
C GLN A 43 -10.14 -4.04 -8.22
N GLU A 44 -9.10 -4.33 -8.99
CA GLU A 44 -9.10 -5.46 -9.90
C GLU A 44 -8.94 -6.78 -9.14
N GLU A 45 -7.99 -6.79 -8.21
CA GLU A 45 -7.66 -7.99 -7.44
C GLU A 45 -8.20 -7.94 -6.01
N ILE A 46 -8.00 -6.80 -5.35
CA ILE A 46 -8.43 -6.60 -3.97
C ILE A 46 -9.93 -6.27 -3.95
N HIS A 47 -10.48 -6.08 -5.15
CA HIS A 47 -11.89 -5.78 -5.36
C HIS A 47 -12.35 -4.64 -4.46
N ILE A 48 -11.49 -3.67 -4.27
CA ILE A 48 -11.82 -2.54 -3.42
C ILE A 48 -12.89 -1.68 -4.09
N ASN A 49 -13.86 -1.31 -3.30
CA ASN A 49 -14.96 -0.47 -3.76
C ASN A 49 -15.12 0.71 -2.81
N GLU A 50 -16.12 1.54 -3.07
CA GLU A 50 -16.37 2.73 -2.26
C GLU A 50 -16.82 2.40 -0.83
N LYS A 51 -17.09 1.12 -0.58
CA LYS A 51 -17.51 0.69 0.76
C LYS A 51 -16.39 0.02 1.56
N ASP A 52 -15.59 -0.82 0.89
CA ASP A 52 -14.53 -1.56 1.58
C ASP A 52 -13.35 -0.69 1.98
N ILE A 53 -12.88 0.13 1.08
CA ILE A 53 -11.77 1.00 1.41
C ILE A 53 -12.25 2.16 2.25
N ARG A 54 -11.56 2.38 3.36
CA ARG A 54 -11.90 3.46 4.23
C ARG A 54 -11.16 4.72 3.77
N LYS A 55 -9.98 4.48 3.19
CA LYS A 55 -9.12 5.54 2.65
C LYS A 55 -7.99 4.92 1.85
N ILE A 56 -7.66 5.58 0.76
CA ILE A 56 -6.61 5.12 -0.12
C ILE A 56 -5.84 6.30 -0.71
N LEU A 57 -4.52 6.19 -0.77
CA LEU A 57 -3.67 7.25 -1.30
C LEU A 57 -2.44 6.64 -1.95
N LEU A 58 -1.93 7.27 -3.00
CA LEU A 58 -0.75 6.77 -3.68
C LEU A 58 0.48 7.32 -3.01
N VAL A 59 1.40 6.44 -2.72
CA VAL A 59 2.63 6.79 -2.03
C VAL A 59 3.85 6.62 -2.96
N SER A 60 4.10 7.62 -3.81
CA SER A 60 5.19 7.55 -4.79
C SER A 60 6.51 8.16 -4.30
N ASP A 61 6.75 8.15 -3.00
CA ASP A 61 8.01 8.69 -2.45
C ASP A 61 8.91 7.51 -2.06
N PHE A 62 8.49 6.33 -2.52
CA PHE A 62 9.17 5.05 -2.23
C PHE A 62 8.59 3.99 -3.14
N ASN A 63 7.28 4.15 -3.37
CA ASN A 63 6.46 3.31 -4.23
C ASN A 63 5.54 2.39 -3.47
N GLY A 64 4.68 2.96 -2.68
CA GLY A 64 3.73 2.17 -1.97
C GLY A 64 2.34 2.70 -2.14
N ALA A 65 1.37 2.03 -1.59
CA ALA A 65 0.00 2.48 -1.65
C ALA A 65 -0.63 2.31 -0.29
N ILE A 66 -1.01 3.42 0.31
CA ILE A 66 -1.59 3.34 1.64
C ILE A 66 -3.07 3.05 1.54
N ILE A 67 -3.47 1.95 2.14
CA ILE A 67 -4.83 1.48 2.12
C ILE A 67 -5.27 1.06 3.49
N ILE A 68 -6.42 1.59 3.85
CA ILE A 68 -7.10 1.25 5.06
C ILE A 68 -8.35 0.45 4.65
N PHE A 69 -8.33 -0.88 4.69
CA PHE A 69 -9.55 -1.62 4.37
C PHE A 69 -10.54 -1.34 5.52
N ARG A 70 -11.40 -2.27 5.85
CA ARG A 70 -12.33 -1.96 6.93
C ARG A 70 -11.83 -2.37 8.32
N ASP A 71 -10.82 -3.25 8.40
CA ASP A 71 -10.29 -3.62 9.72
C ASP A 71 -8.86 -4.15 9.65
N SER A 72 -8.17 -3.89 10.75
CA SER A 72 -6.80 -4.27 10.99
C SER A 72 -6.51 -5.73 10.71
N LYS A 73 -7.38 -6.62 11.16
CA LYS A 73 -7.19 -8.05 10.97
C LYS A 73 -7.06 -8.41 9.49
N PHE A 74 -7.86 -7.74 8.69
CA PHE A 74 -7.92 -8.02 7.27
C PHE A 74 -6.74 -7.39 6.54
N ALA A 75 -6.34 -6.22 7.01
CA ALA A 75 -5.23 -5.49 6.40
C ALA A 75 -3.93 -6.27 6.50
N ALA A 76 -3.67 -6.86 7.66
CA ALA A 76 -2.43 -7.59 7.86
C ALA A 76 -2.55 -8.98 7.27
N LYS A 77 -3.72 -9.57 7.42
CA LYS A 77 -3.99 -10.90 6.90
C LYS A 77 -3.92 -10.90 5.38
N MET A 78 -4.43 -9.85 4.76
CA MET A 78 -4.45 -9.79 3.31
C MET A 78 -3.06 -9.44 2.84
N LEU A 79 -2.36 -8.60 3.61
CA LEU A 79 -0.97 -8.27 3.32
C LEU A 79 -0.19 -9.57 3.11
N MET A 80 -0.31 -10.48 4.07
CA MET A 80 0.38 -11.76 4.01
C MET A 80 -0.08 -12.65 2.85
N ILE A 81 -1.38 -12.66 2.56
CA ILE A 81 -1.90 -13.51 1.49
C ILE A 81 -1.71 -12.92 0.08
N LEU A 82 -1.76 -11.62 -0.06
CA LEU A 82 -1.65 -10.97 -1.36
C LEU A 82 -0.20 -10.83 -1.83
N ASN A 83 0.65 -10.36 -0.94
CA ASN A 83 2.06 -10.12 -1.25
C ASN A 83 2.83 -11.39 -1.60
N GLY A 84 4.11 -11.24 -1.94
CA GLY A 84 4.92 -12.37 -2.36
C GLY A 84 4.49 -12.84 -3.73
N SER A 85 3.99 -11.89 -4.51
CA SER A 85 3.52 -12.20 -5.86
C SER A 85 4.59 -12.01 -6.93
N GLN A 86 4.30 -12.55 -8.11
CA GLN A 86 5.19 -12.50 -9.25
C GLN A 86 4.49 -11.85 -10.43
N PHE A 87 4.76 -10.57 -10.64
CA PHE A 87 4.14 -9.82 -11.71
C PHE A 87 5.17 -8.96 -12.42
N GLN A 88 5.04 -8.86 -13.74
CA GLN A 88 5.95 -8.07 -14.57
C GLN A 88 7.37 -8.60 -14.52
N GLY A 89 7.51 -9.87 -14.16
CA GLY A 89 8.82 -10.48 -14.09
C GLY A 89 9.55 -10.21 -12.78
N LYS A 90 8.86 -9.59 -11.83
CA LYS A 90 9.46 -9.28 -10.53
C LYS A 90 8.52 -9.70 -9.41
N VAL A 91 9.00 -9.61 -8.17
CA VAL A 91 8.21 -9.98 -7.02
C VAL A 91 7.70 -8.75 -6.29
N ILE A 92 6.42 -8.72 -6.01
CA ILE A 92 5.80 -7.60 -5.32
C ILE A 92 5.46 -7.99 -3.88
N ARG A 93 5.63 -7.03 -2.96
CA ARG A 93 5.43 -7.28 -1.53
C ARG A 93 4.89 -6.04 -0.83
N SER A 94 4.61 -6.13 0.45
CA SER A 94 4.10 -4.97 1.20
C SER A 94 4.42 -5.05 2.67
N GLY A 95 3.94 -4.05 3.38
CA GLY A 95 4.18 -3.91 4.80
C GLY A 95 3.46 -2.69 5.25
N THR A 96 3.89 -2.04 6.29
CA THR A 96 3.24 -0.82 6.66
C THR A 96 4.16 0.35 6.35
N ILE A 97 4.36 1.24 7.29
CA ILE A 97 5.20 2.40 7.04
C ILE A 97 6.70 2.07 7.11
N ASN A 98 7.10 1.14 7.96
CA ASN A 98 8.51 0.81 8.11
C ASN A 98 8.99 -0.20 7.07
N ASP A 99 8.27 -1.31 6.95
CA ASP A 99 8.65 -2.37 6.03
C ASP A 99 8.62 -1.90 4.57
N MET A 100 7.83 -0.87 4.30
CA MET A 100 7.75 -0.34 2.94
C MET A 100 8.99 0.49 2.67
N LYS A 101 9.47 1.16 3.72
CA LYS A 101 10.68 1.96 3.65
C LYS A 101 11.87 1.05 3.36
N ARG A 102 11.86 -0.12 3.95
CA ARG A 102 12.92 -1.08 3.72
C ARG A 102 12.88 -1.58 2.30
N TYR A 103 11.68 -1.96 1.90
CA TYR A 103 11.44 -2.44 0.56
C TYR A 103 11.90 -1.38 -0.43
N TYR A 104 11.69 -0.12 -0.03
CA TYR A 104 12.11 1.02 -0.81
C TYR A 104 13.60 0.98 -1.04
N ASN A 105 14.35 0.75 0.03
CA ASN A 105 15.80 0.65 -0.07
C ASN A 105 16.14 -0.36 -1.16
N ASN A 106 15.52 -1.54 -1.09
CA ASN A 106 15.70 -2.58 -2.10
C ASN A 106 15.32 -2.09 -3.50
N GLN A 107 14.35 -1.20 -3.58
CA GLN A 107 13.88 -0.65 -4.85
C GLN A 107 14.88 0.32 -5.45
N GLN A 108 15.31 1.30 -4.67
CA GLN A 108 16.27 2.29 -5.13
C GLN A 108 17.61 1.66 -5.52
N ASN A 109 18.04 0.64 -4.79
CA ASN A 109 19.32 0.03 -5.10
C ASN A 109 19.13 -1.37 -5.67
N PHE A 2 -7.58 16.06 2.27
CA PHE A 2 -8.17 15.72 0.96
C PHE A 2 -7.08 15.43 -0.06
N LEU A 3 -5.94 16.08 0.09
CA LEU A 3 -4.82 15.87 -0.82
C LEU A 3 -4.06 14.62 -0.41
N GLU A 4 -4.01 13.64 -1.30
CA GLU A 4 -3.34 12.38 -1.05
C GLU A 4 -1.93 12.55 -0.49
N ARG A 5 -1.13 13.40 -1.13
CA ARG A 5 0.26 13.57 -0.72
C ARG A 5 0.38 14.12 0.71
N ASN A 6 -0.57 14.93 1.12
CA ASN A 6 -0.54 15.51 2.46
C ASN A 6 -0.81 14.42 3.48
N GLU A 7 -1.82 13.63 3.18
CA GLU A 7 -2.21 12.54 4.06
C GLU A 7 -1.21 11.39 3.96
N VAL A 8 -0.56 11.21 2.81
CA VAL A 8 0.44 10.15 2.70
C VAL A 8 1.60 10.49 3.63
N LYS A 9 1.92 11.79 3.69
CA LYS A 9 2.98 12.27 4.56
C LYS A 9 2.52 12.14 6.01
N ARG A 10 1.35 12.70 6.30
CA ARG A 10 0.75 12.62 7.63
C ARG A 10 0.69 11.17 8.10
N LEU A 11 0.38 10.27 7.18
CA LEU A 11 0.26 8.85 7.47
C LEU A 11 1.63 8.20 7.63
N LEU A 12 2.61 8.78 6.95
CA LEU A 12 3.98 8.29 6.99
C LEU A 12 4.58 8.45 8.39
N ALA A 13 4.36 9.65 8.94
CA ALA A 13 4.90 10.01 10.24
C ALA A 13 3.99 9.61 11.39
N SER A 14 2.66 9.57 11.14
CA SER A 14 1.67 9.22 12.14
C SER A 14 2.19 8.22 13.16
N ARG A 15 2.00 8.54 14.42
CA ARG A 15 2.50 7.71 15.49
C ARG A 15 1.41 6.75 15.96
N ASN A 16 0.17 7.06 15.62
CA ASN A 16 -0.96 6.22 16.01
C ASN A 16 -0.89 4.89 15.26
N SER A 17 -0.37 3.87 15.94
CA SER A 17 -0.24 2.56 15.31
C SER A 17 -1.59 1.88 15.19
N LYS A 18 -2.63 2.47 15.78
CA LYS A 18 -3.98 1.92 15.65
C LYS A 18 -4.43 2.10 14.21
N GLU A 19 -3.85 3.10 13.58
CA GLU A 19 -4.14 3.42 12.21
C GLU A 19 -3.30 2.53 11.31
N LEU A 20 -2.01 2.37 11.64
CA LEU A 20 -1.14 1.55 10.86
C LEU A 20 -1.41 0.08 11.13
N GLU A 21 -2.28 -0.16 12.10
CA GLU A 21 -2.73 -1.50 12.40
C GLU A 21 -3.89 -1.75 11.45
N THR A 22 -4.88 -0.84 11.42
CA THR A 22 -5.95 -0.96 10.44
C THR A 22 -5.39 -1.05 9.03
N LEU A 23 -4.52 -0.12 8.65
CA LEU A 23 -3.92 -0.15 7.31
C LEU A 23 -2.57 -0.84 7.23
N ILE A 24 -2.05 -0.82 5.99
CA ILE A 24 -0.77 -1.37 5.61
C ILE A 24 -0.35 -0.71 4.30
N CYS A 25 0.81 -1.05 3.78
CA CYS A 25 1.33 -0.48 2.57
C CYS A 25 1.65 -1.58 1.59
N LEU A 26 0.87 -1.65 0.55
CA LEU A 26 1.07 -2.65 -0.47
C LEU A 26 2.19 -2.18 -1.39
N PHE A 27 3.13 -3.05 -1.70
CA PHE A 27 4.23 -2.68 -2.58
C PHE A 27 4.18 -3.50 -3.87
N PRO A 28 3.13 -3.31 -4.70
CA PRO A 28 3.00 -3.99 -5.95
C PRO A 28 3.10 -3.07 -7.15
N LEU A 29 4.20 -2.37 -7.25
CA LEU A 29 4.41 -1.49 -8.37
C LEU A 29 5.88 -1.36 -8.68
N SER A 30 6.17 -1.54 -9.96
CA SER A 30 7.53 -1.46 -10.47
C SER A 30 8.03 -0.02 -10.43
N ASP A 31 9.29 0.19 -10.75
CA ASP A 31 9.83 1.53 -10.77
C ASP A 31 9.49 2.22 -12.08
N LYS A 32 8.82 1.49 -12.96
CA LYS A 32 8.44 1.98 -14.26
C LYS A 32 6.92 1.89 -14.52
N VAL A 33 6.08 2.02 -13.49
CA VAL A 33 4.67 1.91 -13.68
C VAL A 33 4.00 3.28 -13.56
N SER A 34 2.67 3.28 -13.48
CA SER A 34 1.91 4.52 -13.34
C SER A 34 0.94 4.43 -12.16
N PRO A 35 0.92 5.47 -11.31
CA PRO A 35 0.05 5.57 -10.12
C PRO A 35 -1.39 5.11 -10.35
N SER A 36 -2.03 5.64 -11.39
CA SER A 36 -3.41 5.31 -11.70
C SER A 36 -3.59 3.84 -12.06
N LEU A 37 -2.62 3.29 -12.81
CA LEU A 37 -2.66 1.89 -13.22
C LEU A 37 -2.73 0.99 -11.99
N ILE A 38 -2.04 1.42 -10.95
CA ILE A 38 -1.99 0.70 -9.70
C ILE A 38 -3.37 0.49 -9.14
N CYS A 39 -4.02 1.61 -8.94
CA CYS A 39 -5.33 1.63 -8.35
C CYS A 39 -6.28 0.77 -9.16
N GLN A 40 -6.20 0.86 -10.49
CA GLN A 40 -7.03 0.02 -11.35
C GLN A 40 -6.88 -1.42 -10.92
N PHE A 41 -5.64 -1.91 -10.96
CA PHE A 41 -5.26 -3.27 -10.53
C PHE A 41 -5.73 -3.58 -9.11
N LEU A 42 -5.81 -2.56 -8.23
CA LEU A 42 -6.24 -2.78 -6.89
C LEU A 42 -7.72 -3.11 -6.87
N GLN A 43 -8.48 -2.33 -7.61
CA GLN A 43 -9.92 -2.52 -7.73
C GLN A 43 -10.17 -3.67 -8.69
N GLU A 44 -9.14 -3.95 -9.48
CA GLU A 44 -9.17 -5.00 -10.47
C GLU A 44 -9.11 -6.39 -9.81
N GLU A 45 -8.15 -6.54 -8.90
CA GLU A 45 -7.92 -7.81 -8.22
C GLU A 45 -8.39 -7.83 -6.76
N ILE A 46 -8.18 -6.73 -6.03
CA ILE A 46 -8.57 -6.61 -4.62
C ILE A 46 -10.03 -6.18 -4.50
N HIS A 47 -10.62 -5.79 -5.62
CA HIS A 47 -12.02 -5.36 -5.67
C HIS A 47 -12.22 -4.17 -4.74
N ILE A 48 -11.20 -3.33 -4.63
CA ILE A 48 -11.24 -2.17 -3.77
C ILE A 48 -12.29 -1.17 -4.24
N ASN A 49 -13.10 -0.79 -3.30
CA ASN A 49 -14.17 0.18 -3.50
C ASN A 49 -14.31 1.02 -2.23
N GLU A 50 -15.36 1.83 -2.15
CA GLU A 50 -15.54 2.69 -0.99
C GLU A 50 -16.07 1.90 0.22
N LYS A 51 -16.53 0.69 0.00
CA LYS A 51 -17.06 -0.13 1.08
C LYS A 51 -16.02 -1.12 1.62
N ASP A 52 -14.93 -1.33 0.87
CA ASP A 52 -13.89 -2.28 1.28
C ASP A 52 -12.63 -1.57 1.73
N ILE A 53 -12.53 -0.29 1.44
CA ILE A 53 -11.38 0.53 1.81
C ILE A 53 -11.85 1.77 2.53
N ARG A 54 -11.14 2.17 3.58
CA ARG A 54 -11.49 3.37 4.26
C ARG A 54 -11.04 4.54 3.39
N LYS A 55 -9.91 4.31 2.73
CA LYS A 55 -9.28 5.27 1.82
C LYS A 55 -7.99 4.67 1.31
N ILE A 56 -7.64 5.02 0.08
CA ILE A 56 -6.46 4.48 -0.56
C ILE A 56 -5.65 5.61 -1.18
N LEU A 57 -4.39 5.71 -0.78
CA LEU A 57 -3.52 6.76 -1.29
C LEU A 57 -2.32 6.13 -2.01
N LEU A 58 -1.89 6.77 -3.11
CA LEU A 58 -0.78 6.25 -3.88
C LEU A 58 0.54 6.73 -3.32
N VAL A 59 1.43 5.78 -3.20
CA VAL A 59 2.75 5.99 -2.65
C VAL A 59 3.81 5.84 -3.76
N SER A 60 3.97 6.86 -4.60
CA SER A 60 4.90 6.78 -5.73
C SER A 60 6.28 7.42 -5.48
N ASP A 61 6.64 7.70 -4.24
CA ASP A 61 7.95 8.32 -3.94
C ASP A 61 8.81 7.32 -3.18
N PHE A 62 8.39 6.06 -3.27
CA PHE A 62 8.99 4.92 -2.57
C PHE A 62 8.18 3.68 -2.90
N ASN A 63 7.65 3.66 -4.13
CA ASN A 63 6.76 2.62 -4.68
C ASN A 63 5.98 1.87 -3.62
N GLY A 64 4.70 2.18 -3.54
CA GLY A 64 3.85 1.55 -2.58
C GLY A 64 2.42 2.04 -2.73
N ALA A 65 1.56 1.58 -1.87
CA ALA A 65 0.17 1.99 -1.87
C ALA A 65 -0.36 1.89 -0.45
N ILE A 66 -0.61 3.03 0.17
CA ILE A 66 -1.10 3.04 1.54
C ILE A 66 -2.62 2.92 1.56
N ILE A 67 -3.10 1.85 2.17
CA ILE A 67 -4.53 1.53 2.23
C ILE A 67 -4.95 1.00 3.57
N ILE A 68 -6.06 1.55 4.03
CA ILE A 68 -6.73 1.06 5.21
C ILE A 68 -7.90 0.23 4.69
N PHE A 69 -7.71 -1.07 4.40
CA PHE A 69 -8.83 -1.88 3.93
C PHE A 69 -10.04 -1.63 4.82
N ARG A 70 -10.09 -2.22 5.99
CA ARG A 70 -11.23 -1.94 6.86
C ARG A 70 -10.90 -2.24 8.30
N ASP A 71 -10.04 -3.20 8.53
CA ASP A 71 -9.68 -3.56 9.92
C ASP A 71 -8.30 -4.17 10.05
N SER A 72 -7.74 -4.00 11.25
CA SER A 72 -6.43 -4.49 11.62
C SER A 72 -6.22 -5.97 11.27
N LYS A 73 -7.14 -6.82 11.70
CA LYS A 73 -7.05 -8.26 11.45
C LYS A 73 -7.02 -8.60 9.97
N PHE A 74 -7.85 -7.91 9.21
CA PHE A 74 -7.98 -8.15 7.79
C PHE A 74 -6.80 -7.56 7.04
N ALA A 75 -6.30 -6.44 7.53
CA ALA A 75 -5.18 -5.77 6.91
C ALA A 75 -3.94 -6.65 6.86
N ALA A 76 -3.67 -7.33 7.97
CA ALA A 76 -2.49 -8.16 8.04
C ALA A 76 -2.75 -9.50 7.38
N LYS A 77 -3.96 -10.02 7.59
CA LYS A 77 -4.37 -11.28 6.99
C LYS A 77 -4.39 -11.17 5.47
N MET A 78 -4.89 -10.03 4.98
CA MET A 78 -5.01 -9.83 3.55
C MET A 78 -3.63 -9.58 3.01
N LEU A 79 -2.81 -8.84 3.77
CA LEU A 79 -1.42 -8.58 3.40
C LEU A 79 -0.72 -9.90 3.08
N MET A 80 -0.87 -10.86 3.99
CA MET A 80 -0.25 -12.18 3.83
C MET A 80 -0.80 -12.92 2.61
N ILE A 81 -2.09 -12.77 2.36
CA ILE A 81 -2.73 -13.43 1.22
C ILE A 81 -2.60 -12.63 -0.09
N LEU A 82 -2.34 -11.34 0.02
CA LEU A 82 -2.30 -10.48 -1.14
C LEU A 82 -0.91 -10.02 -1.59
N ASN A 83 -0.21 -9.25 -0.78
CA ASN A 83 1.07 -8.73 -1.23
C ASN A 83 2.29 -9.60 -0.97
N GLY A 84 2.65 -10.32 -2.02
CA GLY A 84 3.81 -11.22 -2.07
C GLY A 84 3.80 -12.14 -3.30
N SER A 85 3.01 -11.77 -4.33
CA SER A 85 2.86 -12.58 -5.53
C SER A 85 3.74 -12.13 -6.70
N GLN A 86 3.22 -12.29 -7.91
CA GLN A 86 3.95 -11.95 -9.12
C GLN A 86 3.11 -11.08 -10.05
N PHE A 87 3.71 -10.01 -10.56
CA PHE A 87 3.04 -9.10 -11.48
C PHE A 87 4.08 -8.27 -12.24
N GLN A 88 3.89 -8.13 -13.54
CA GLN A 88 4.79 -7.34 -14.39
C GLN A 88 6.18 -7.97 -14.45
N GLY A 89 6.25 -9.27 -14.23
CA GLY A 89 7.52 -9.97 -14.24
C GLY A 89 8.30 -9.77 -12.95
N LYS A 90 7.68 -9.14 -11.97
CA LYS A 90 8.31 -8.88 -10.70
C LYS A 90 7.43 -9.40 -9.56
N VAL A 91 7.96 -9.44 -8.35
CA VAL A 91 7.18 -9.90 -7.22
C VAL A 91 6.58 -8.71 -6.50
N ILE A 92 5.28 -8.77 -6.30
CA ILE A 92 4.59 -7.71 -5.60
C ILE A 92 4.46 -8.17 -4.16
N ARG A 93 4.99 -7.36 -3.23
CA ARG A 93 5.07 -7.73 -1.80
C ARG A 93 4.57 -6.60 -0.91
N SER A 94 4.38 -6.81 0.39
CA SER A 94 3.90 -5.71 1.22
C SER A 94 4.42 -5.71 2.62
N GLY A 95 3.95 -4.71 3.32
CA GLY A 95 4.29 -4.49 4.67
C GLY A 95 3.62 -3.24 5.13
N THR A 96 4.08 -2.60 6.18
CA THR A 96 3.45 -1.36 6.59
C THR A 96 4.39 -0.17 6.36
N ILE A 97 4.49 0.75 7.33
CA ILE A 97 5.31 1.94 7.18
C ILE A 97 6.80 1.65 7.32
N ASN A 98 7.19 0.86 8.31
CA ASN A 98 8.58 0.55 8.53
C ASN A 98 9.05 -0.38 7.43
N ASP A 99 8.20 -1.32 7.09
CA ASP A 99 8.50 -2.27 6.03
C ASP A 99 8.57 -1.54 4.70
N MET A 100 7.90 -0.38 4.63
CA MET A 100 7.88 0.42 3.41
C MET A 100 9.19 1.18 3.32
N LYS A 101 9.65 1.64 4.48
CA LYS A 101 10.90 2.36 4.59
C LYS A 101 12.07 1.43 4.26
N ARG A 102 11.93 0.18 4.66
CA ARG A 102 12.95 -0.81 4.39
C ARG A 102 12.96 -1.13 2.91
N TYR A 103 11.80 -1.49 2.42
CA TYR A 103 11.62 -1.81 1.03
C TYR A 103 12.11 -0.64 0.19
N TYR A 104 11.80 0.58 0.66
CA TYR A 104 12.22 1.80 0.00
C TYR A 104 13.74 1.83 -0.14
N ASN A 105 14.45 1.49 0.94
CA ASN A 105 15.91 1.45 0.88
C ASN A 105 16.30 0.52 -0.27
N ASN A 106 15.67 -0.65 -0.29
CA ASN A 106 15.84 -1.63 -1.37
C ASN A 106 15.49 -1.04 -2.74
N GLN A 107 14.58 -0.07 -2.77
CA GLN A 107 14.16 0.58 -4.01
C GLN A 107 15.27 1.50 -4.51
N GLN A 108 15.82 2.27 -3.60
CA GLN A 108 16.89 3.21 -3.92
C GLN A 108 18.18 2.52 -4.33
N ASN A 109 18.64 1.56 -3.54
CA ASN A 109 19.91 0.90 -3.85
C ASN A 109 19.69 -0.38 -4.62
N PHE A 2 -7.06 16.75 -3.45
CA PHE A 2 -5.62 16.84 -3.80
C PHE A 2 -4.77 17.11 -2.56
N LEU A 3 -4.85 16.21 -1.58
CA LEU A 3 -4.09 16.36 -0.35
C LEU A 3 -3.44 15.04 0.06
N GLU A 4 -3.47 14.07 -0.85
CA GLU A 4 -2.90 12.74 -0.60
C GLU A 4 -1.50 12.80 -0.01
N ARG A 5 -0.59 13.51 -0.66
CA ARG A 5 0.80 13.57 -0.21
C ARG A 5 0.91 14.09 1.23
N ASN A 6 -0.02 14.94 1.63
CA ASN A 6 0.01 15.49 2.97
C ASN A 6 -0.39 14.41 3.95
N GLU A 7 -1.38 13.63 3.55
CA GLU A 7 -1.86 12.54 4.36
C GLU A 7 -0.89 11.37 4.32
N VAL A 8 -0.21 11.17 3.19
CA VAL A 8 0.76 10.10 3.08
C VAL A 8 1.91 10.40 4.04
N LYS A 9 2.21 11.70 4.17
CA LYS A 9 3.28 12.15 5.06
C LYS A 9 2.83 11.93 6.51
N ARG A 10 1.68 12.51 6.85
CA ARG A 10 1.10 12.37 8.18
C ARG A 10 0.85 10.91 8.55
N LEU A 11 0.69 10.07 7.54
CA LEU A 11 0.43 8.65 7.75
C LEU A 11 1.75 7.91 7.91
N LEU A 12 2.78 8.44 7.26
CA LEU A 12 4.11 7.89 7.32
C LEU A 12 4.63 7.97 8.74
N ALA A 13 4.38 9.14 9.35
CA ALA A 13 4.83 9.41 10.71
C ALA A 13 3.80 8.98 11.76
N SER A 14 2.53 8.89 11.34
CA SER A 14 1.40 8.54 12.20
C SER A 14 1.78 7.64 13.37
N ARG A 15 1.29 7.99 14.55
CA ARG A 15 1.60 7.25 15.77
C ARG A 15 0.53 6.20 16.04
N ASN A 16 -0.72 6.51 15.67
CA ASN A 16 -1.83 5.58 15.86
C ASN A 16 -1.54 4.27 15.16
N SER A 17 -1.18 3.26 15.94
CA SER A 17 -0.84 1.97 15.36
C SER A 17 -2.09 1.17 15.02
N LYS A 18 -3.27 1.66 15.43
CA LYS A 18 -4.52 0.98 15.12
C LYS A 18 -4.81 1.15 13.63
N GLU A 19 -4.24 2.21 13.08
CA GLU A 19 -4.40 2.53 11.68
C GLU A 19 -3.41 1.68 10.90
N LEU A 20 -2.16 1.63 11.35
CA LEU A 20 -1.13 0.84 10.72
C LEU A 20 -1.45 -0.65 10.79
N GLU A 21 -2.51 -0.94 11.52
CA GLU A 21 -3.06 -2.27 11.60
C GLU A 21 -4.05 -2.39 10.43
N THR A 22 -5.08 -1.56 10.51
CA THR A 22 -6.11 -1.43 9.48
C THR A 22 -5.59 -0.66 8.26
N LEU A 23 -4.32 -0.80 7.97
CA LEU A 23 -3.69 -0.12 6.87
C LEU A 23 -2.31 -0.64 6.65
N ILE A 24 -1.90 -0.62 5.41
CA ILE A 24 -0.59 -1.11 5.02
C ILE A 24 -0.16 -0.37 3.76
N CYS A 25 1.06 -0.62 3.33
CA CYS A 25 1.63 0.00 2.17
C CYS A 25 2.02 -1.09 1.18
N LEU A 26 1.24 -1.20 0.11
CA LEU A 26 1.48 -2.19 -0.92
C LEU A 26 2.65 -1.78 -1.78
N PHE A 27 3.57 -2.71 -2.04
CA PHE A 27 4.74 -2.41 -2.85
C PHE A 27 4.76 -3.23 -4.14
N PRO A 28 3.80 -2.99 -5.06
CA PRO A 28 3.77 -3.64 -6.33
C PRO A 28 3.91 -2.69 -7.52
N LEU A 29 3.92 -1.37 -7.28
CA LEU A 29 4.05 -0.46 -8.40
C LEU A 29 5.51 -0.17 -8.71
N SER A 30 5.81 -0.41 -9.96
CA SER A 30 7.13 -0.23 -10.53
C SER A 30 7.14 1.00 -11.45
N ASP A 31 8.28 1.26 -12.08
CA ASP A 31 8.43 2.37 -13.01
C ASP A 31 7.74 2.03 -14.33
N LYS A 32 7.16 0.85 -14.37
CA LYS A 32 6.46 0.32 -15.54
C LYS A 32 4.95 0.40 -15.33
N VAL A 33 4.55 0.94 -14.20
CA VAL A 33 3.14 0.99 -13.87
C VAL A 33 2.63 2.41 -13.60
N SER A 34 1.36 2.47 -13.30
CA SER A 34 0.64 3.70 -13.03
C SER A 34 -0.08 3.61 -11.70
N PRO A 35 -0.12 4.71 -10.93
CA PRO A 35 -0.78 4.74 -9.62
C PRO A 35 -2.26 4.40 -9.71
N SER A 36 -2.93 5.01 -10.68
CA SER A 36 -4.34 4.78 -10.92
C SER A 36 -4.58 3.33 -11.34
N LEU A 37 -3.62 2.77 -12.08
CA LEU A 37 -3.68 1.40 -12.53
C LEU A 37 -3.77 0.45 -11.36
N ILE A 38 -3.07 0.83 -10.30
CA ILE A 38 -3.00 0.03 -9.10
C ILE A 38 -4.35 -0.03 -8.42
N CYS A 39 -5.03 1.10 -8.40
CA CYS A 39 -6.33 1.21 -7.79
C CYS A 39 -7.33 0.35 -8.54
N GLN A 40 -7.28 0.42 -9.87
CA GLN A 40 -8.15 -0.40 -10.71
C GLN A 40 -7.98 -1.86 -10.28
N PHE A 41 -6.74 -2.32 -10.33
CA PHE A 41 -6.32 -3.66 -9.94
C PHE A 41 -6.65 -3.96 -8.47
N LEU A 42 -6.76 -2.92 -7.64
CA LEU A 42 -7.09 -3.14 -6.25
C LEU A 42 -8.57 -3.46 -6.17
N GLN A 43 -9.34 -2.66 -6.88
CA GLN A 43 -10.78 -2.87 -6.96
C GLN A 43 -11.04 -4.07 -7.86
N GLU A 44 -10.03 -4.37 -8.66
CA GLU A 44 -10.07 -5.48 -9.59
C GLU A 44 -9.89 -6.82 -8.87
N GLU A 45 -8.96 -6.86 -7.92
CA GLU A 45 -8.66 -8.09 -7.19
C GLU A 45 -9.22 -8.08 -5.77
N ILE A 46 -9.03 -6.97 -5.06
CA ILE A 46 -9.52 -6.85 -3.69
C ILE A 46 -10.97 -6.38 -3.70
N HIS A 47 -11.41 -5.91 -4.87
CA HIS A 47 -12.77 -5.41 -5.07
C HIS A 47 -13.19 -4.50 -3.90
N ILE A 48 -12.33 -3.57 -3.53
CA ILE A 48 -12.67 -2.70 -2.43
C ILE A 48 -13.33 -1.42 -2.95
N ASN A 49 -14.62 -1.29 -2.69
CA ASN A 49 -15.37 -0.12 -3.16
C ASN A 49 -15.12 1.09 -2.28
N GLU A 50 -15.79 2.19 -2.60
CA GLU A 50 -15.63 3.44 -1.87
C GLU A 50 -15.80 3.27 -0.37
N LYS A 51 -16.78 2.47 0.05
CA LYS A 51 -17.00 2.25 1.46
C LYS A 51 -16.06 1.18 2.01
N ASP A 52 -15.58 0.29 1.15
CA ASP A 52 -14.69 -0.79 1.57
C ASP A 52 -13.30 -0.25 1.83
N ILE A 53 -13.04 0.94 1.31
CA ILE A 53 -11.79 1.61 1.52
C ILE A 53 -12.05 2.79 2.44
N ARG A 54 -11.31 2.86 3.53
CA ARG A 54 -11.51 3.95 4.46
C ARG A 54 -10.72 5.16 3.94
N LYS A 55 -9.60 4.84 3.29
CA LYS A 55 -8.70 5.82 2.70
C LYS A 55 -7.65 5.11 1.86
N ILE A 56 -7.36 5.67 0.71
CA ILE A 56 -6.41 5.09 -0.22
C ILE A 56 -5.58 6.20 -0.88
N LEU A 57 -4.27 6.11 -0.76
CA LEU A 57 -3.39 7.11 -1.36
C LEU A 57 -2.24 6.41 -2.06
N LEU A 58 -1.80 6.97 -3.19
CA LEU A 58 -0.72 6.37 -3.95
C LEU A 58 0.62 6.95 -3.52
N VAL A 59 1.57 6.07 -3.32
CA VAL A 59 2.90 6.44 -2.87
C VAL A 59 3.92 6.19 -3.98
N SER A 60 4.32 7.25 -4.70
CA SER A 60 5.20 7.08 -5.85
C SER A 60 6.69 7.32 -5.58
N ASP A 61 7.09 7.41 -4.32
CA ASP A 61 8.50 7.62 -4.03
C ASP A 61 9.14 6.26 -3.74
N PHE A 62 8.96 5.85 -2.49
CA PHE A 62 9.40 4.52 -2.02
C PHE A 62 8.74 3.46 -2.88
N ASN A 63 7.64 3.90 -3.47
CA ASN A 63 6.80 3.13 -4.39
C ASN A 63 5.87 2.19 -3.71
N GLY A 64 5.00 2.73 -2.91
CA GLY A 64 4.03 1.90 -2.28
C GLY A 64 2.62 2.41 -2.50
N ALA A 65 1.68 1.83 -1.80
CA ALA A 65 0.29 2.24 -1.87
C ALA A 65 -0.30 2.17 -0.48
N ILE A 66 -0.55 3.32 0.12
CA ILE A 66 -1.08 3.34 1.48
C ILE A 66 -2.60 3.29 1.49
N ILE A 67 -3.15 2.26 2.16
CA ILE A 67 -4.61 2.06 2.22
C ILE A 67 -5.03 1.48 3.55
N ILE A 68 -6.14 2.05 4.02
CA ILE A 68 -6.82 1.60 5.21
C ILE A 68 -8.11 0.94 4.67
N PHE A 69 -8.10 -0.37 4.39
CA PHE A 69 -9.31 -1.03 3.89
C PHE A 69 -10.48 -0.79 4.83
N ARG A 70 -10.66 -1.65 5.80
CA ARG A 70 -11.75 -1.49 6.74
C ARG A 70 -11.39 -2.05 8.11
N ASP A 71 -10.52 -3.04 8.15
CA ASP A 71 -10.12 -3.60 9.44
C ASP A 71 -8.72 -4.20 9.39
N SER A 72 -8.10 -4.15 10.55
CA SER A 72 -6.75 -4.64 10.79
C SER A 72 -6.57 -6.12 10.49
N LYS A 73 -7.56 -6.96 10.77
CA LYS A 73 -7.44 -8.39 10.54
C LYS A 73 -7.24 -8.72 9.07
N PHE A 74 -8.00 -8.04 8.23
CA PHE A 74 -7.98 -8.30 6.80
C PHE A 74 -6.79 -7.62 6.14
N ALA A 75 -6.43 -6.44 6.62
CA ALA A 75 -5.30 -5.70 6.06
C ALA A 75 -4.01 -6.52 6.15
N ALA A 76 -3.83 -7.15 7.30
CA ALA A 76 -2.62 -7.94 7.51
C ALA A 76 -2.76 -9.30 6.87
N LYS A 77 -3.97 -9.86 6.96
CA LYS A 77 -4.26 -11.16 6.38
C LYS A 77 -4.08 -11.13 4.87
N MET A 78 -4.45 -10.01 4.24
CA MET A 78 -4.36 -9.92 2.80
C MET A 78 -2.93 -9.58 2.41
N LEU A 79 -2.28 -8.74 3.19
CA LEU A 79 -0.88 -8.40 2.95
C LEU A 79 -0.07 -9.70 2.85
N MET A 80 -0.23 -10.58 3.83
CA MET A 80 0.52 -11.83 3.87
C MET A 80 0.08 -12.83 2.80
N ILE A 81 -1.22 -12.93 2.53
CA ILE A 81 -1.71 -13.90 1.55
C ILE A 81 -1.51 -13.43 0.10
N LEU A 82 -1.71 -12.15 -0.14
CA LEU A 82 -1.62 -11.60 -1.49
C LEU A 82 -0.25 -11.05 -1.86
N ASN A 83 0.31 -10.21 -1.02
CA ASN A 83 1.58 -9.56 -1.35
C ASN A 83 2.85 -10.39 -1.16
N GLY A 84 3.43 -10.75 -2.29
CA GLY A 84 4.68 -11.49 -2.35
C GLY A 84 4.76 -12.39 -3.57
N SER A 85 4.07 -12.00 -4.65
CA SER A 85 4.02 -12.80 -5.87
C SER A 85 5.04 -12.35 -6.92
N GLN A 86 4.75 -12.67 -8.17
CA GLN A 86 5.64 -12.34 -9.28
C GLN A 86 4.83 -11.88 -10.49
N PHE A 87 4.96 -10.60 -10.81
CA PHE A 87 4.25 -10.01 -11.94
C PHE A 87 5.16 -9.01 -12.66
N GLN A 88 5.05 -8.96 -13.98
CA GLN A 88 5.87 -8.05 -14.80
C GLN A 88 7.35 -8.43 -14.70
N GLY A 89 7.60 -9.66 -14.31
CA GLY A 89 8.97 -10.14 -14.15
C GLY A 89 9.62 -9.53 -12.92
N LYS A 90 8.83 -9.43 -11.87
CA LYS A 90 9.28 -8.86 -10.61
C LYS A 90 8.47 -9.43 -9.46
N VAL A 91 8.99 -9.35 -8.25
CA VAL A 91 8.28 -9.83 -7.09
C VAL A 91 7.53 -8.67 -6.44
N ILE A 92 6.22 -8.76 -6.42
CA ILE A 92 5.43 -7.69 -5.81
C ILE A 92 5.03 -8.13 -4.41
N ARG A 93 5.26 -7.23 -3.44
CA ARG A 93 5.02 -7.57 -2.02
C ARG A 93 4.56 -6.34 -1.25
N SER A 94 4.29 -6.47 0.05
CA SER A 94 3.85 -5.31 0.81
C SER A 94 4.39 -5.34 2.23
N GLY A 95 4.04 -4.30 2.96
CA GLY A 95 4.42 -4.14 4.35
C GLY A 95 3.72 -2.91 4.84
N THR A 96 4.06 -2.41 6.00
CA THR A 96 3.41 -1.21 6.46
C THR A 96 4.34 0.01 6.28
N ILE A 97 4.35 0.93 7.24
CA ILE A 97 5.17 2.14 7.10
C ILE A 97 6.64 1.88 7.35
N ASN A 98 6.98 1.24 8.46
CA ASN A 98 8.39 0.97 8.74
C ASN A 98 8.91 0.00 7.70
N ASP A 99 8.03 -0.89 7.31
CA ASP A 99 8.33 -1.90 6.32
C ASP A 99 8.58 -1.26 4.96
N MET A 100 7.91 -0.15 4.68
CA MET A 100 8.08 0.52 3.40
C MET A 100 9.40 1.26 3.42
N LYS A 101 9.73 1.78 4.60
CA LYS A 101 10.99 2.48 4.81
C LYS A 101 12.16 1.53 4.61
N ARG A 102 11.96 0.27 4.97
CA ARG A 102 12.99 -0.73 4.79
C ARG A 102 13.12 -1.08 3.32
N TYR A 103 11.99 -1.42 2.73
CA TYR A 103 11.94 -1.76 1.33
C TYR A 103 12.55 -0.63 0.52
N TYR A 104 12.26 0.59 0.99
CA TYR A 104 12.74 1.81 0.39
C TYR A 104 14.26 1.89 0.47
N ASN A 105 14.82 1.53 1.62
CA ASN A 105 16.27 1.53 1.77
C ASN A 105 16.85 0.68 0.64
N ASN A 106 16.27 -0.50 0.45
CA ASN A 106 16.67 -1.39 -0.63
C ASN A 106 16.37 -0.77 -2.01
N GLN A 107 15.35 0.09 -2.07
CA GLN A 107 14.96 0.77 -3.29
C GLN A 107 16.05 1.75 -3.72
N GLN A 108 16.40 2.65 -2.81
CA GLN A 108 17.43 3.64 -3.10
C GLN A 108 18.80 3.03 -3.31
N ASN A 109 19.17 2.05 -2.49
CA ASN A 109 20.48 1.44 -2.62
C ASN A 109 20.39 0.11 -3.36
N PHE A 2 -6.91 16.77 3.11
CA PHE A 2 -7.70 16.49 1.90
C PHE A 2 -6.81 16.19 0.69
N LEU A 3 -5.50 16.44 0.83
CA LEU A 3 -4.56 16.20 -0.25
C LEU A 3 -3.76 14.93 0.03
N GLU A 4 -3.69 14.05 -0.95
CA GLU A 4 -2.99 12.77 -0.83
C GLU A 4 -1.60 12.89 -0.23
N ARG A 5 -0.71 13.66 -0.86
CA ARG A 5 0.67 13.76 -0.38
C ARG A 5 0.77 14.26 1.06
N ASN A 6 -0.18 15.09 1.47
CA ASN A 6 -0.16 15.63 2.82
C ASN A 6 -0.54 14.52 3.80
N GLU A 7 -1.55 13.76 3.42
CA GLU A 7 -2.03 12.66 4.24
C GLU A 7 -1.07 11.48 4.16
N VAL A 8 -0.38 11.33 3.02
CA VAL A 8 0.57 10.22 2.89
C VAL A 8 1.75 10.49 3.83
N LYS A 9 2.15 11.76 3.89
CA LYS A 9 3.25 12.17 4.76
C LYS A 9 2.79 12.04 6.22
N ARG A 10 1.63 12.62 6.49
CA ARG A 10 1.01 12.54 7.81
C ARG A 10 0.84 11.08 8.24
N LEU A 11 0.67 10.18 7.27
CA LEU A 11 0.48 8.77 7.54
C LEU A 11 1.83 8.08 7.68
N LEU A 12 2.84 8.67 7.04
CA LEU A 12 4.19 8.17 7.08
C LEU A 12 4.76 8.26 8.48
N ALA A 13 4.56 9.43 9.08
CA ALA A 13 5.07 9.72 10.42
C ALA A 13 4.09 9.32 11.52
N SER A 14 2.78 9.34 11.20
CA SER A 14 1.71 8.98 12.16
C SER A 14 2.20 7.99 13.20
N ARG A 15 1.97 8.34 14.44
CA ARG A 15 2.43 7.54 15.54
C ARG A 15 1.36 6.58 16.06
N ASN A 16 0.11 6.89 15.80
CA ASN A 16 -0.99 6.02 16.23
C ASN A 16 -0.84 4.67 15.55
N SER A 17 -0.44 3.64 16.30
CA SER A 17 -0.24 2.33 15.70
C SER A 17 -1.58 1.67 15.41
N LYS A 18 -2.67 2.29 15.84
CA LYS A 18 -3.99 1.77 15.55
C LYS A 18 -4.27 2.01 14.07
N GLU A 19 -3.49 2.92 13.51
CA GLU A 19 -3.59 3.30 12.10
C GLU A 19 -2.77 2.35 11.27
N LEU A 20 -1.56 2.01 11.73
CA LEU A 20 -0.70 1.12 11.01
C LEU A 20 -1.24 -0.31 11.10
N GLU A 21 -2.17 -0.52 12.03
CA GLU A 21 -2.80 -1.81 12.17
C GLU A 21 -3.99 -1.88 11.23
N THR A 22 -4.96 -0.95 11.35
CA THR A 22 -6.10 -0.94 10.43
C THR A 22 -5.66 -0.97 8.98
N LEU A 23 -4.89 0.00 8.53
CA LEU A 23 -4.40 -0.03 7.15
C LEU A 23 -3.02 -0.61 7.04
N ILE A 24 -2.50 -0.62 5.80
CA ILE A 24 -1.17 -1.15 5.52
C ILE A 24 -0.63 -0.46 4.27
N CYS A 25 0.64 -0.71 3.98
CA CYS A 25 1.30 -0.14 2.82
C CYS A 25 1.66 -1.24 1.82
N LEU A 26 0.93 -1.24 0.73
CA LEU A 26 1.12 -2.21 -0.34
C LEU A 26 2.34 -1.82 -1.17
N PHE A 27 3.22 -2.76 -1.46
CA PHE A 27 4.43 -2.48 -2.25
C PHE A 27 4.50 -3.36 -3.51
N PRO A 28 3.62 -3.09 -4.47
CA PRO A 28 3.62 -3.81 -5.71
C PRO A 28 3.89 -2.94 -6.93
N LEU A 29 4.69 -1.91 -6.75
CA LEU A 29 5.01 -1.05 -7.87
C LEU A 29 6.53 -0.99 -8.08
N SER A 30 6.88 -1.45 -9.26
CA SER A 30 8.24 -1.49 -9.74
C SER A 30 8.57 -0.14 -10.39
N ASP A 31 9.77 -0.01 -10.95
CA ASP A 31 10.19 1.22 -11.61
C ASP A 31 9.50 1.36 -12.96
N LYS A 32 8.65 0.40 -13.28
CA LYS A 32 7.92 0.36 -14.55
C LYS A 32 6.43 0.52 -14.33
N VAL A 33 6.06 1.11 -13.22
CA VAL A 33 4.65 1.24 -12.91
C VAL A 33 4.21 2.66 -12.55
N SER A 34 2.90 2.80 -12.47
CA SER A 34 2.26 4.07 -12.18
C SER A 34 1.25 3.94 -11.04
N PRO A 35 1.09 5.02 -10.25
CA PRO A 35 0.17 5.08 -9.10
C PRO A 35 -1.26 4.65 -9.45
N SER A 36 -1.82 5.29 -10.48
CA SER A 36 -3.19 5.02 -10.92
C SER A 36 -3.37 3.56 -11.35
N LEU A 37 -2.36 3.01 -11.99
CA LEU A 37 -2.40 1.62 -12.45
C LEU A 37 -2.61 0.68 -11.27
N ILE A 38 -2.01 1.06 -10.15
CA ILE A 38 -2.08 0.28 -8.95
C ILE A 38 -3.51 0.16 -8.45
N CYS A 39 -4.22 1.26 -8.47
CA CYS A 39 -5.59 1.32 -8.01
C CYS A 39 -6.49 0.51 -8.93
N GLN A 40 -6.27 0.64 -10.23
CA GLN A 40 -7.03 -0.13 -11.21
C GLN A 40 -6.93 -1.60 -10.87
N PHE A 41 -5.69 -2.04 -10.65
CA PHE A 41 -5.32 -3.40 -10.28
C PHE A 41 -5.80 -3.77 -8.87
N LEU A 42 -5.95 -2.78 -8.00
CA LEU A 42 -6.40 -3.07 -6.65
C LEU A 42 -7.88 -3.38 -6.71
N GLN A 43 -8.56 -2.58 -7.50
CA GLN A 43 -9.98 -2.76 -7.72
C GLN A 43 -10.15 -3.89 -8.72
N GLU A 44 -9.05 -4.21 -9.40
CA GLU A 44 -9.02 -5.26 -10.39
C GLU A 44 -8.95 -6.64 -9.72
N GLU A 45 -8.02 -6.80 -8.77
CA GLU A 45 -7.83 -8.08 -8.10
C GLU A 45 -8.40 -8.11 -6.67
N ILE A 46 -8.17 -7.07 -5.87
CA ILE A 46 -8.72 -7.03 -4.50
C ILE A 46 -10.15 -6.59 -4.59
N HIS A 47 -10.52 -6.08 -5.77
CA HIS A 47 -11.86 -5.60 -6.07
C HIS A 47 -12.43 -4.79 -4.93
N ILE A 48 -11.59 -4.01 -4.26
CA ILE A 48 -12.06 -3.23 -3.14
C ILE A 48 -12.67 -1.91 -3.66
N ASN A 49 -13.98 -1.81 -3.55
CA ASN A 49 -14.70 -0.63 -4.03
C ASN A 49 -14.64 0.51 -3.02
N GLU A 50 -15.42 1.56 -3.27
CA GLU A 50 -15.47 2.72 -2.38
C GLU A 50 -16.17 2.33 -1.09
N LYS A 51 -16.84 1.19 -1.16
CA LYS A 51 -17.56 0.64 -0.01
C LYS A 51 -16.69 -0.41 0.67
N ASP A 52 -15.54 -0.70 0.06
CA ASP A 52 -14.62 -1.71 0.58
C ASP A 52 -13.30 -1.07 1.01
N ILE A 53 -13.07 0.17 0.58
CA ILE A 53 -11.87 0.91 0.95
C ILE A 53 -12.28 2.03 1.89
N ARG A 54 -11.60 2.16 3.02
CA ARG A 54 -11.91 3.25 3.93
C ARG A 54 -11.34 4.54 3.33
N LYS A 55 -10.11 4.38 2.86
CA LYS A 55 -9.35 5.45 2.22
C LYS A 55 -8.20 4.85 1.46
N ILE A 56 -7.79 5.52 0.40
CA ILE A 56 -6.72 5.03 -0.45
C ILE A 56 -5.91 6.20 -1.00
N LEU A 57 -4.60 6.16 -0.79
CA LEU A 57 -3.71 7.19 -1.27
C LEU A 57 -2.54 6.53 -1.97
N LEU A 58 -1.97 7.20 -2.97
CA LEU A 58 -0.86 6.64 -3.72
C LEU A 58 0.46 7.12 -3.14
N VAL A 59 1.37 6.18 -2.96
CA VAL A 59 2.67 6.44 -2.38
C VAL A 59 3.78 6.20 -3.42
N SER A 60 3.86 7.05 -4.45
CA SER A 60 4.83 6.83 -5.53
C SER A 60 6.14 7.60 -5.33
N ASP A 61 6.40 8.09 -4.13
CA ASP A 61 7.63 8.83 -3.89
C ASP A 61 8.67 7.96 -3.18
N PHE A 62 8.52 6.64 -3.35
CA PHE A 62 9.40 5.62 -2.72
C PHE A 62 8.97 4.27 -3.24
N ASN A 63 7.66 4.21 -3.51
CA ASN A 63 6.95 3.08 -4.05
C ASN A 63 6.17 2.40 -2.97
N GLY A 64 4.87 2.56 -3.08
CA GLY A 64 3.96 1.95 -2.14
C GLY A 64 2.55 2.45 -2.33
N ALA A 65 1.67 1.95 -1.52
CA ALA A 65 0.26 2.33 -1.53
C ALA A 65 -0.25 2.25 -0.11
N ILE A 66 -1.00 3.23 0.32
CA ILE A 66 -1.48 3.21 1.70
C ILE A 66 -3.00 3.12 1.69
N ILE A 67 -3.55 2.06 2.27
CA ILE A 67 -4.99 1.84 2.27
C ILE A 67 -5.47 1.15 3.53
N ILE A 68 -6.59 1.68 4.03
CA ILE A 68 -7.30 1.09 5.13
C ILE A 68 -8.41 0.29 4.46
N PHE A 69 -8.26 -1.01 4.25
CA PHE A 69 -9.33 -1.76 3.62
C PHE A 69 -10.63 -1.58 4.43
N ARG A 70 -10.84 -2.39 5.46
CA ARG A 70 -12.05 -2.26 6.27
C ARG A 70 -11.80 -2.62 7.73
N ASP A 71 -10.53 -2.87 8.02
CA ASP A 71 -10.09 -3.25 9.38
C ASP A 71 -8.71 -3.87 9.43
N SER A 72 -8.11 -3.75 10.61
CA SER A 72 -6.78 -4.24 10.90
C SER A 72 -6.64 -5.76 10.75
N LYS A 73 -7.64 -6.53 11.18
CA LYS A 73 -7.59 -7.98 11.08
C LYS A 73 -7.39 -8.45 9.66
N PHE A 74 -8.18 -7.88 8.76
CA PHE A 74 -8.16 -8.26 7.36
C PHE A 74 -6.98 -7.62 6.65
N ALA A 75 -6.61 -6.42 7.08
CA ALA A 75 -5.49 -5.70 6.50
C ALA A 75 -4.21 -6.51 6.56
N ALA A 76 -3.94 -7.03 7.75
CA ALA A 76 -2.73 -7.81 7.97
C ALA A 76 -2.92 -9.21 7.43
N LYS A 77 -4.13 -9.73 7.61
CA LYS A 77 -4.48 -11.06 7.13
C LYS A 77 -4.32 -11.13 5.61
N MET A 78 -4.73 -10.07 4.93
CA MET A 78 -4.69 -10.06 3.48
C MET A 78 -3.30 -9.69 3.01
N LEU A 79 -2.58 -8.88 3.79
CA LEU A 79 -1.22 -8.51 3.44
C LEU A 79 -0.38 -9.79 3.34
N MET A 80 -0.55 -10.66 4.31
CA MET A 80 0.22 -11.90 4.36
C MET A 80 -0.30 -12.95 3.37
N ILE A 81 -1.61 -13.01 3.15
CA ILE A 81 -2.17 -14.01 2.22
C ILE A 81 -2.04 -13.58 0.75
N LEU A 82 -2.23 -12.30 0.49
CA LEU A 82 -2.20 -11.79 -0.87
C LEU A 82 -0.81 -11.32 -1.31
N ASN A 83 -0.11 -10.56 -0.47
CA ASN A 83 1.17 -10.00 -0.88
C ASN A 83 2.36 -10.95 -0.89
N GLY A 84 2.79 -11.18 -2.12
CA GLY A 84 3.94 -12.00 -2.44
C GLY A 84 3.76 -12.72 -3.77
N SER A 85 3.01 -12.08 -4.67
CA SER A 85 2.69 -12.67 -5.96
C SER A 85 3.63 -12.24 -7.08
N GLN A 86 3.17 -12.39 -8.31
CA GLN A 86 3.95 -12.06 -9.48
C GLN A 86 3.06 -11.38 -10.52
N PHE A 87 3.38 -10.12 -10.81
CA PHE A 87 2.63 -9.36 -11.79
C PHE A 87 3.60 -8.53 -12.62
N GLN A 88 3.36 -8.48 -13.93
CA GLN A 88 4.22 -7.74 -14.86
C GLN A 88 5.63 -8.33 -14.89
N GLY A 89 5.74 -9.59 -14.48
CA GLY A 89 7.04 -10.23 -14.46
C GLY A 89 7.86 -9.76 -13.28
N LYS A 90 7.20 -9.58 -12.15
CA LYS A 90 7.84 -9.09 -10.94
C LYS A 90 7.12 -9.62 -9.72
N VAL A 91 7.78 -9.63 -8.56
CA VAL A 91 7.16 -10.11 -7.35
C VAL A 91 6.63 -8.93 -6.55
N ILE A 92 5.33 -8.92 -6.32
CA ILE A 92 4.70 -7.85 -5.58
C ILE A 92 4.35 -8.30 -4.16
N ARG A 93 4.67 -7.44 -3.17
CA ARG A 93 4.47 -7.77 -1.76
C ARG A 93 4.20 -6.50 -0.95
N SER A 94 3.95 -6.61 0.34
CA SER A 94 3.67 -5.41 1.13
C SER A 94 4.08 -5.51 2.59
N GLY A 95 3.79 -4.44 3.31
CA GLY A 95 4.09 -4.27 4.71
C GLY A 95 3.52 -2.95 5.13
N THR A 96 4.10 -2.27 6.09
CA THR A 96 3.57 -0.95 6.41
C THR A 96 4.59 0.15 6.11
N ILE A 97 4.71 1.14 6.99
CA ILE A 97 5.62 2.26 6.75
C ILE A 97 7.05 1.86 6.86
N ASN A 98 7.38 1.21 7.95
CA ASN A 98 8.75 0.83 8.20
C ASN A 98 9.24 -0.14 7.14
N ASP A 99 8.43 -1.16 6.88
CA ASP A 99 8.77 -2.17 5.89
C ASP A 99 8.89 -1.55 4.50
N MET A 100 8.16 -0.46 4.27
CA MET A 100 8.20 0.20 2.97
C MET A 100 9.45 1.05 2.91
N LYS A 101 9.86 1.56 4.07
CA LYS A 101 11.08 2.34 4.19
C LYS A 101 12.27 1.47 3.82
N ARG A 102 12.22 0.22 4.20
CA ARG A 102 13.28 -0.71 3.85
C ARG A 102 13.26 -0.95 2.37
N TYR A 103 12.05 -1.18 1.87
CA TYR A 103 11.82 -1.42 0.48
C TYR A 103 12.40 -0.26 -0.33
N TYR A 104 12.12 0.95 0.16
CA TYR A 104 12.60 2.18 -0.45
C TYR A 104 14.11 2.18 -0.52
N ASN A 105 14.75 1.76 0.57
CA ASN A 105 16.22 1.67 0.61
C ASN A 105 16.68 0.87 -0.61
N ASN A 106 16.06 -0.30 -0.80
CA ASN A 106 16.35 -1.16 -1.95
C ASN A 106 16.01 -0.45 -3.27
N GLN A 107 15.02 0.45 -3.22
CA GLN A 107 14.60 1.20 -4.40
C GLN A 107 15.69 2.18 -4.81
N GLN A 108 16.14 2.99 -3.86
CA GLN A 108 17.18 3.98 -4.12
C GLN A 108 18.48 3.33 -4.59
N ASN A 109 18.84 2.20 -4.00
CA ASN A 109 20.07 1.53 -4.39
C ASN A 109 19.79 0.34 -5.32
N PHE A 2 -1.41 18.09 -3.38
CA PHE A 2 -2.58 17.19 -3.31
C PHE A 2 -2.97 16.97 -1.85
N LEU A 3 -4.00 16.18 -1.62
CA LEU A 3 -4.47 15.91 -0.26
C LEU A 3 -3.85 14.63 0.28
N GLU A 4 -4.01 13.55 -0.48
CA GLU A 4 -3.50 12.22 -0.10
C GLU A 4 -2.07 12.24 0.42
N ARG A 5 -1.15 12.82 -0.35
CA ARG A 5 0.27 12.84 0.04
C ARG A 5 0.50 13.50 1.39
N ASN A 6 -0.40 14.39 1.78
CA ASN A 6 -0.26 15.07 3.06
C ASN A 6 -0.68 14.10 4.17
N GLU A 7 -1.70 13.31 3.87
CA GLU A 7 -2.20 12.32 4.81
C GLU A 7 -1.26 11.13 4.81
N VAL A 8 -0.66 10.82 3.66
CA VAL A 8 0.31 9.72 3.60
C VAL A 8 1.51 10.12 4.46
N LYS A 9 1.80 11.41 4.46
CA LYS A 9 2.89 11.95 5.26
C LYS A 9 2.51 11.85 6.75
N ARG A 10 1.34 12.40 7.06
CA ARG A 10 0.80 12.38 8.42
C ARG A 10 0.65 10.95 8.93
N LEU A 11 0.43 10.01 8.02
CA LEU A 11 0.23 8.61 8.37
C LEU A 11 1.58 7.91 8.52
N LEU A 12 2.57 8.42 7.79
CA LEU A 12 3.90 7.87 7.81
C LEU A 12 4.55 8.12 9.17
N ALA A 13 4.40 9.35 9.64
CA ALA A 13 4.99 9.77 10.90
C ALA A 13 4.09 9.46 12.09
N SER A 14 2.78 9.40 11.83
CA SER A 14 1.77 9.14 12.87
C SER A 14 2.23 8.15 13.92
N ARG A 15 1.87 8.42 15.17
CA ARG A 15 2.24 7.54 16.27
C ARG A 15 1.11 6.57 16.57
N ASN A 16 0.04 6.67 15.79
CA ASN A 16 -1.11 5.81 15.97
C ASN A 16 -0.86 4.44 15.34
N SER A 17 -0.20 3.56 16.08
CA SER A 17 0.09 2.23 15.58
C SER A 17 -1.19 1.41 15.49
N LYS A 18 -2.28 1.98 16.00
CA LYS A 18 -3.58 1.33 15.94
C LYS A 18 -4.15 1.46 14.53
N GLU A 19 -3.75 2.51 13.83
CA GLU A 19 -4.24 2.70 12.48
C GLU A 19 -3.32 1.97 11.51
N LEU A 20 -2.01 1.96 11.78
CA LEU A 20 -1.05 1.22 10.99
C LEU A 20 -1.24 -0.28 11.20
N GLU A 21 -2.22 -0.56 12.04
CA GLU A 21 -2.67 -1.90 12.32
C GLU A 21 -3.86 -2.11 11.38
N THR A 22 -4.83 -1.20 11.46
CA THR A 22 -5.99 -1.17 10.56
C THR A 22 -5.63 -0.55 9.20
N LEU A 23 -4.39 -0.70 8.82
CA LEU A 23 -3.90 -0.13 7.56
C LEU A 23 -2.51 -0.62 7.27
N ILE A 24 -2.19 -0.62 5.98
CA ILE A 24 -0.92 -1.11 5.48
C ILE A 24 -0.68 -0.47 4.12
N CYS A 25 0.41 -0.83 3.47
CA CYS A 25 0.78 -0.28 2.19
C CYS A 25 1.12 -1.40 1.25
N LEU A 26 0.61 -1.34 0.07
CA LEU A 26 0.90 -2.33 -0.93
C LEU A 26 2.07 -1.84 -1.74
N PHE A 27 3.04 -2.70 -1.96
CA PHE A 27 4.23 -2.33 -2.72
C PHE A 27 4.32 -3.13 -4.03
N PRO A 28 3.35 -2.97 -4.94
CA PRO A 28 3.36 -3.60 -6.23
C PRO A 28 3.53 -2.66 -7.39
N LEU A 29 4.52 -1.81 -7.30
CA LEU A 29 4.77 -0.84 -8.34
C LEU A 29 6.19 -0.99 -8.86
N SER A 30 6.28 -1.67 -9.99
CA SER A 30 7.53 -1.92 -10.70
C SER A 30 8.24 -0.63 -11.11
N ASP A 31 9.32 -0.74 -11.85
CA ASP A 31 10.05 0.44 -12.30
C ASP A 31 9.38 1.06 -13.52
N LYS A 32 8.40 0.34 -14.07
CA LYS A 32 7.67 0.78 -15.27
C LYS A 32 6.16 0.92 -15.01
N VAL A 33 5.77 1.33 -13.82
CA VAL A 33 4.39 1.42 -13.49
C VAL A 33 3.80 2.81 -13.69
N SER A 34 2.56 2.96 -13.24
CA SER A 34 1.81 4.20 -13.35
C SER A 34 0.84 4.33 -12.17
N PRO A 35 0.70 5.55 -11.61
CA PRO A 35 -0.20 5.85 -10.48
C PRO A 35 -1.62 5.32 -10.68
N SER A 36 -2.23 5.71 -11.79
CA SER A 36 -3.59 5.30 -12.11
C SER A 36 -3.72 3.78 -12.23
N LEU A 37 -2.70 3.17 -12.84
CA LEU A 37 -2.66 1.74 -13.03
C LEU A 37 -2.75 1.01 -11.71
N ILE A 38 -2.18 1.63 -10.67
CA ILE A 38 -2.20 1.05 -9.33
C ILE A 38 -3.62 0.80 -8.90
N CYS A 39 -4.37 1.89 -8.86
CA CYS A 39 -5.73 1.87 -8.41
C CYS A 39 -6.57 0.90 -9.22
N GLN A 40 -6.42 0.93 -10.54
CA GLN A 40 -7.14 0.03 -11.41
C GLN A 40 -6.88 -1.41 -10.97
N PHE A 41 -5.60 -1.78 -10.96
CA PHE A 41 -5.08 -3.08 -10.54
C PHE A 41 -5.45 -3.41 -9.10
N LEU A 42 -5.69 -2.40 -8.28
CA LEU A 42 -6.03 -2.66 -6.89
C LEU A 42 -7.49 -3.02 -6.80
N GLN A 43 -8.28 -2.33 -7.58
CA GLN A 43 -9.69 -2.60 -7.65
C GLN A 43 -9.88 -3.78 -8.59
N GLU A 44 -8.81 -4.04 -9.33
CA GLU A 44 -8.75 -5.13 -10.27
C GLU A 44 -8.48 -6.46 -9.56
N GLU A 45 -7.51 -6.43 -8.64
CA GLU A 45 -7.10 -7.63 -7.91
C GLU A 45 -7.67 -7.67 -6.50
N ILE A 46 -7.49 -6.59 -5.75
CA ILE A 46 -7.99 -6.51 -4.38
C ILE A 46 -9.48 -6.22 -4.41
N HIS A 47 -9.93 -5.81 -5.60
CA HIS A 47 -11.33 -5.48 -5.87
C HIS A 47 -11.96 -4.72 -4.71
N ILE A 48 -11.20 -3.82 -4.10
CA ILE A 48 -11.72 -3.08 -2.99
C ILE A 48 -12.46 -1.83 -3.49
N ASN A 49 -13.77 -1.83 -3.33
CA ASN A 49 -14.59 -0.70 -3.77
C ASN A 49 -14.59 0.38 -2.69
N GLU A 50 -15.49 1.34 -2.79
CA GLU A 50 -15.53 2.43 -1.81
C GLU A 50 -16.15 1.93 -0.51
N LYS A 51 -16.67 0.71 -0.53
CA LYS A 51 -17.28 0.11 0.64
C LYS A 51 -16.27 -0.82 1.33
N ASP A 52 -15.47 -1.53 0.53
CA ASP A 52 -14.47 -2.45 1.05
C ASP A 52 -13.23 -1.70 1.46
N ILE A 53 -13.15 -0.46 1.05
CA ILE A 53 -12.05 0.38 1.37
C ILE A 53 -12.54 1.54 2.22
N ARG A 54 -11.82 1.83 3.29
CA ARG A 54 -12.19 2.95 4.13
C ARG A 54 -11.61 4.21 3.50
N LYS A 55 -10.40 4.05 2.95
CA LYS A 55 -9.67 5.12 2.27
C LYS A 55 -8.43 4.56 1.60
N ILE A 56 -8.08 5.17 0.47
CA ILE A 56 -6.93 4.75 -0.29
C ILE A 56 -6.09 5.99 -0.59
N LEU A 57 -4.77 5.86 -0.52
CA LEU A 57 -3.86 6.96 -0.79
C LEU A 57 -2.60 6.40 -1.44
N LEU A 58 -2.09 7.05 -2.46
CA LEU A 58 -0.89 6.59 -3.12
C LEU A 58 0.26 7.51 -2.82
N VAL A 59 1.43 6.93 -2.60
CA VAL A 59 2.60 7.74 -2.32
C VAL A 59 3.69 7.48 -3.38
N SER A 60 4.26 8.50 -3.98
CA SER A 60 5.28 8.26 -4.99
C SER A 60 6.70 8.30 -4.42
N ASP A 61 6.87 8.91 -3.25
CA ASP A 61 8.19 9.02 -2.57
C ASP A 61 8.88 7.66 -2.33
N PHE A 62 8.27 6.58 -2.80
CA PHE A 62 8.82 5.22 -2.63
C PHE A 62 8.01 4.23 -3.44
N ASN A 63 6.73 4.55 -3.60
CA ASN A 63 5.75 3.74 -4.34
C ASN A 63 5.07 2.81 -3.38
N GLY A 64 3.99 3.24 -2.76
CA GLY A 64 3.27 2.37 -1.89
C GLY A 64 1.85 2.83 -1.76
N ALA A 65 0.92 1.92 -1.87
CA ALA A 65 -0.47 2.28 -1.75
C ALA A 65 -0.93 2.03 -0.32
N ILE A 66 -1.07 3.10 0.43
CA ILE A 66 -1.49 3.00 1.82
C ILE A 66 -3.02 2.94 1.85
N ILE A 67 -3.53 1.91 2.51
CA ILE A 67 -4.95 1.65 2.57
C ILE A 67 -5.39 1.07 3.90
N ILE A 68 -6.55 1.57 4.33
CA ILE A 68 -7.23 1.07 5.48
C ILE A 68 -8.42 0.29 4.89
N PHE A 69 -8.25 -1.00 4.58
CA PHE A 69 -9.34 -1.80 3.98
C PHE A 69 -10.65 -1.65 4.78
N ARG A 70 -10.85 -2.50 5.79
CA ARG A 70 -12.08 -2.45 6.58
C ARG A 70 -11.84 -2.87 8.03
N ASP A 71 -10.58 -3.10 8.34
CA ASP A 71 -10.18 -3.53 9.69
C ASP A 71 -8.78 -4.13 9.74
N SER A 72 -8.18 -3.99 10.92
CA SER A 72 -6.86 -4.48 11.20
C SER A 72 -6.68 -5.97 10.90
N LYS A 73 -7.63 -6.80 11.32
CA LYS A 73 -7.56 -8.24 11.10
C LYS A 73 -7.53 -8.59 9.62
N PHE A 74 -8.35 -7.89 8.86
CA PHE A 74 -8.48 -8.16 7.44
C PHE A 74 -7.30 -7.57 6.69
N ALA A 75 -6.89 -6.38 7.12
CA ALA A 75 -5.77 -5.69 6.51
C ALA A 75 -4.49 -6.50 6.63
N ALA A 76 -4.21 -6.95 7.85
CA ALA A 76 -2.99 -7.68 8.11
C ALA A 76 -3.06 -9.09 7.54
N LYS A 77 -4.25 -9.67 7.60
CA LYS A 77 -4.47 -11.02 7.11
C LYS A 77 -4.30 -11.07 5.59
N MET A 78 -4.89 -10.11 4.90
CA MET A 78 -4.86 -10.16 3.44
C MET A 78 -3.55 -9.56 2.97
N LEU A 79 -2.90 -8.79 3.84
CA LEU A 79 -1.62 -8.20 3.50
C LEU A 79 -0.58 -9.31 3.39
N MET A 80 -0.45 -10.09 4.46
CA MET A 80 0.50 -11.19 4.48
C MET A 80 0.08 -12.29 3.51
N ILE A 81 -1.21 -12.39 3.24
CA ILE A 81 -1.72 -13.41 2.33
C ILE A 81 -1.65 -12.98 0.85
N LEU A 82 -1.83 -11.68 0.59
CA LEU A 82 -1.87 -11.22 -0.80
C LEU A 82 -0.59 -10.51 -1.29
N ASN A 83 -0.12 -9.45 -0.63
CA ASN A 83 1.03 -8.75 -1.19
C ASN A 83 2.39 -9.38 -0.87
N GLY A 84 2.93 -10.00 -1.90
CA GLY A 84 4.25 -10.68 -1.90
C GLY A 84 4.37 -11.72 -3.00
N SER A 85 3.61 -11.54 -4.07
CA SER A 85 3.57 -12.48 -5.20
C SER A 85 4.48 -12.04 -6.35
N GLN A 86 4.06 -12.36 -7.57
CA GLN A 86 4.83 -12.05 -8.75
C GLN A 86 3.92 -11.57 -9.88
N PHE A 87 4.30 -10.48 -10.49
CA PHE A 87 3.56 -9.89 -11.59
C PHE A 87 4.49 -9.01 -12.41
N GLN A 88 4.32 -9.03 -13.73
CA GLN A 88 5.16 -8.25 -14.65
C GLN A 88 6.61 -8.70 -14.57
N GLY A 89 6.83 -9.91 -14.06
CA GLY A 89 8.17 -10.45 -13.92
C GLY A 89 8.88 -9.94 -12.68
N LYS A 90 8.12 -9.27 -11.81
CA LYS A 90 8.68 -8.73 -10.57
C LYS A 90 7.88 -9.25 -9.37
N VAL A 91 8.47 -9.17 -8.18
CA VAL A 91 7.77 -9.59 -6.99
C VAL A 91 7.08 -8.41 -6.37
N ILE A 92 5.77 -8.50 -6.25
CA ILE A 92 5.01 -7.44 -5.64
C ILE A 92 4.78 -7.84 -4.19
N ARG A 93 5.20 -6.99 -3.27
CA ARG A 93 5.14 -7.32 -1.84
C ARG A 93 4.52 -6.20 -1.04
N SER A 94 4.37 -6.37 0.26
CA SER A 94 3.76 -5.30 1.04
C SER A 94 4.20 -5.29 2.47
N GLY A 95 3.63 -4.35 3.16
CA GLY A 95 3.92 -4.15 4.53
C GLY A 95 3.32 -2.86 4.96
N THR A 96 3.81 -2.24 5.99
CA THR A 96 3.23 -0.99 6.39
C THR A 96 4.18 0.17 6.12
N ILE A 97 4.19 1.16 7.00
CA ILE A 97 5.02 2.34 6.78
C ILE A 97 6.52 2.06 6.87
N ASN A 98 6.93 1.20 7.78
CA ASN A 98 8.34 0.89 7.93
C ASN A 98 8.78 -0.09 6.85
N ASP A 99 7.92 -1.05 6.59
CA ASP A 99 8.17 -2.08 5.59
C ASP A 99 8.32 -1.46 4.21
N MET A 100 7.64 -0.35 3.96
CA MET A 100 7.70 0.29 2.64
C MET A 100 9.02 1.06 2.52
N LYS A 101 9.44 1.63 3.64
CA LYS A 101 10.68 2.38 3.72
C LYS A 101 11.87 1.46 3.47
N ARG A 102 11.77 0.24 3.95
CA ARG A 102 12.84 -0.74 3.73
C ARG A 102 12.87 -1.17 2.30
N TYR A 103 11.69 -1.55 1.81
CA TYR A 103 11.54 -1.99 0.45
C TYR A 103 12.06 -0.91 -0.49
N TYR A 104 11.78 0.33 -0.09
CA TYR A 104 12.21 1.50 -0.83
C TYR A 104 13.73 1.58 -0.90
N ASN A 105 14.38 1.34 0.24
CA ASN A 105 15.84 1.34 0.25
C ASN A 105 16.33 0.41 -0.84
N ASN A 106 15.76 -0.80 -0.87
CA ASN A 106 16.09 -1.78 -1.90
C ASN A 106 15.65 -1.29 -3.30
N GLN A 107 14.64 -0.43 -3.33
CA GLN A 107 14.15 0.11 -4.59
C GLN A 107 15.18 1.04 -5.22
N GLN A 108 15.64 1.99 -4.43
CA GLN A 108 16.64 2.94 -4.89
C GLN A 108 17.96 2.26 -5.22
N ASN A 109 18.38 1.30 -4.42
CA ASN A 109 19.65 0.63 -4.69
C ASN A 109 19.44 -0.76 -5.25
N PHE A 2 -5.88 16.61 -4.44
CA PHE A 2 -6.30 16.87 -3.05
C PHE A 2 -5.07 17.16 -2.18
N LEU A 3 -4.85 16.34 -1.15
CA LEU A 3 -3.71 16.54 -0.26
C LEU A 3 -3.15 15.19 0.18
N GLU A 4 -3.27 14.20 -0.71
CA GLU A 4 -2.80 12.85 -0.44
C GLU A 4 -1.38 12.81 0.13
N ARG A 5 -0.45 13.46 -0.53
CA ARG A 5 0.95 13.44 -0.10
C ARG A 5 1.13 14.02 1.30
N ASN A 6 0.21 14.89 1.71
CA ASN A 6 0.31 15.50 3.03
C ASN A 6 -0.19 14.49 4.06
N GLU A 7 -1.27 13.82 3.73
CA GLU A 7 -1.84 12.82 4.61
C GLU A 7 -0.92 11.60 4.64
N VAL A 8 -0.34 11.26 3.49
CA VAL A 8 0.60 10.14 3.41
C VAL A 8 1.86 10.48 4.22
N LYS A 9 2.19 11.76 4.24
CA LYS A 9 3.34 12.23 5.02
C LYS A 9 3.05 12.04 6.50
N ARG A 10 1.93 12.63 6.93
CA ARG A 10 1.45 12.52 8.31
C ARG A 10 1.20 11.07 8.70
N LEU A 11 0.93 10.23 7.70
CA LEU A 11 0.65 8.81 7.92
C LEU A 11 1.96 8.03 7.95
N LEU A 12 2.98 8.61 7.33
CA LEU A 12 4.28 8.00 7.27
C LEU A 12 4.98 8.13 8.62
N ALA A 13 4.81 9.30 9.22
CA ALA A 13 5.42 9.62 10.50
C ALA A 13 4.54 9.23 11.69
N SER A 14 3.21 9.23 11.49
CA SER A 14 2.26 8.88 12.54
C SER A 14 2.77 7.76 13.44
N ARG A 15 2.57 7.94 14.74
CA ARG A 15 3.03 6.96 15.70
C ARG A 15 1.86 6.15 16.24
N ASN A 16 0.65 6.63 15.99
CA ASN A 16 -0.56 5.94 16.42
C ASN A 16 -0.63 4.60 15.72
N SER A 17 -0.23 3.53 16.40
CA SER A 17 -0.21 2.21 15.78
C SER A 17 -1.62 1.68 15.51
N LYS A 18 -2.64 2.43 15.91
CA LYS A 18 -4.01 2.03 15.60
C LYS A 18 -4.24 2.25 14.11
N GLU A 19 -3.46 3.20 13.58
CA GLU A 19 -3.52 3.56 12.17
C GLU A 19 -2.72 2.57 11.36
N LEU A 20 -1.47 2.33 11.78
CA LEU A 20 -0.60 1.43 11.10
C LEU A 20 -1.10 0.00 11.22
N GLU A 21 -2.06 -0.23 12.12
CA GLU A 21 -2.63 -1.55 12.29
C GLU A 21 -3.81 -1.72 11.35
N THR A 22 -4.84 -0.84 11.43
CA THR A 22 -5.96 -0.96 10.50
C THR A 22 -5.47 -1.06 9.07
N LEU A 23 -4.71 -0.08 8.60
CA LEU A 23 -4.18 -0.15 7.24
C LEU A 23 -2.76 -0.70 7.16
N ILE A 24 -2.24 -0.70 5.93
CA ILE A 24 -0.90 -1.18 5.62
C ILE A 24 -0.41 -0.42 4.39
N CYS A 25 0.84 -0.61 3.99
CA CYS A 25 1.40 0.07 2.84
C CYS A 25 1.83 -0.95 1.80
N LEU A 26 1.11 -0.98 0.70
CA LEU A 26 1.35 -1.92 -0.39
C LEU A 26 2.54 -1.51 -1.23
N PHE A 27 3.37 -2.49 -1.58
CA PHE A 27 4.54 -2.26 -2.42
C PHE A 27 4.51 -3.21 -3.63
N PRO A 28 3.47 -3.10 -4.48
CA PRO A 28 3.34 -3.91 -5.64
C PRO A 28 3.32 -3.17 -6.97
N LEU A 29 4.35 -2.42 -7.26
CA LEU A 29 4.42 -1.73 -8.53
C LEU A 29 5.84 -1.71 -9.06
N SER A 30 5.91 -1.93 -10.36
CA SER A 30 7.15 -1.98 -11.12
C SER A 30 7.76 -0.60 -11.33
N ASP A 31 8.87 -0.54 -12.04
CA ASP A 31 9.51 0.73 -12.37
C ASP A 31 8.85 1.32 -13.62
N LYS A 32 7.90 0.57 -14.17
CA LYS A 32 7.18 0.94 -15.38
C LYS A 32 5.68 1.09 -15.12
N VAL A 33 5.30 1.50 -13.92
CA VAL A 33 3.93 1.63 -13.56
C VAL A 33 3.38 3.04 -13.69
N SER A 34 2.15 3.18 -13.24
CA SER A 34 1.41 4.43 -13.24
C SER A 34 0.53 4.48 -11.99
N PRO A 35 0.55 5.61 -11.26
CA PRO A 35 -0.24 5.80 -10.03
C PRO A 35 -1.68 5.32 -10.13
N SER A 36 -2.37 5.75 -11.18
CA SER A 36 -3.77 5.37 -11.39
C SER A 36 -3.92 3.88 -11.69
N LEU A 37 -2.95 3.31 -12.41
CA LEU A 37 -2.96 1.90 -12.76
C LEU A 37 -3.10 1.04 -11.52
N ILE A 38 -2.49 1.52 -10.43
CA ILE A 38 -2.51 0.84 -9.16
C ILE A 38 -3.92 0.60 -8.70
N CYS A 39 -4.64 1.69 -8.59
CA CYS A 39 -6.00 1.67 -8.11
C CYS A 39 -6.88 0.81 -8.98
N GLN A 40 -6.78 0.98 -10.30
CA GLN A 40 -7.57 0.18 -11.23
C GLN A 40 -7.40 -1.30 -10.90
N PHE A 41 -6.16 -1.74 -10.96
CA PHE A 41 -5.72 -3.10 -10.66
C PHE A 41 -6.12 -3.52 -9.25
N LEU A 42 -6.24 -2.55 -8.34
CA LEU A 42 -6.58 -2.88 -6.98
C LEU A 42 -8.06 -3.20 -6.94
N GLN A 43 -8.82 -2.42 -7.67
CA GLN A 43 -10.25 -2.61 -7.78
C GLN A 43 -10.50 -3.76 -8.76
N GLU A 44 -9.47 -4.04 -9.55
CA GLU A 44 -9.51 -5.10 -10.54
C GLU A 44 -9.45 -6.48 -9.90
N GLU A 45 -8.45 -6.66 -9.05
CA GLU A 45 -8.19 -7.95 -8.41
C GLU A 45 -8.59 -7.98 -6.92
N ILE A 46 -8.31 -6.90 -6.23
CA ILE A 46 -8.60 -6.78 -4.79
C ILE A 46 -10.04 -6.39 -4.54
N HIS A 47 -10.77 -6.13 -5.63
CA HIS A 47 -12.19 -5.75 -5.57
C HIS A 47 -12.37 -4.51 -4.70
N ILE A 48 -11.32 -3.70 -4.61
CA ILE A 48 -11.36 -2.49 -3.81
C ILE A 48 -12.39 -1.51 -4.35
N ASN A 49 -13.30 -1.19 -3.49
CA ASN A 49 -14.38 -0.27 -3.79
C ASN A 49 -14.72 0.52 -2.54
N GLU A 50 -15.88 1.16 -2.52
CA GLU A 50 -16.31 1.94 -1.37
C GLU A 50 -16.60 1.06 -0.14
N LYS A 51 -16.91 -0.21 -0.36
CA LYS A 51 -17.22 -1.11 0.74
C LYS A 51 -15.99 -1.94 1.15
N ASP A 52 -15.06 -2.11 0.24
CA ASP A 52 -13.87 -2.91 0.51
C ASP A 52 -12.71 -2.07 1.01
N ILE A 53 -12.70 -0.80 0.64
CA ILE A 53 -11.64 0.11 1.05
C ILE A 53 -12.21 1.28 1.83
N ARG A 54 -11.55 1.65 2.91
CA ARG A 54 -11.99 2.78 3.71
C ARG A 54 -11.38 4.06 3.15
N LYS A 55 -10.10 3.96 2.80
CA LYS A 55 -9.34 5.08 2.25
C LYS A 55 -8.15 4.55 1.50
N ILE A 56 -7.79 5.24 0.43
CA ILE A 56 -6.68 4.83 -0.40
C ILE A 56 -5.94 6.05 -0.94
N LEU A 57 -4.63 6.07 -0.77
CA LEU A 57 -3.81 7.17 -1.26
C LEU A 57 -2.60 6.57 -1.97
N LEU A 58 -2.05 7.27 -2.94
CA LEU A 58 -0.88 6.77 -3.66
C LEU A 58 0.37 7.30 -3.01
N VAL A 59 1.31 6.42 -2.77
CA VAL A 59 2.56 6.78 -2.12
C VAL A 59 3.74 6.66 -3.08
N SER A 60 3.99 7.68 -3.88
CA SER A 60 5.10 7.64 -4.82
C SER A 60 6.39 8.04 -4.11
N ASP A 61 6.45 7.72 -2.83
CA ASP A 61 7.62 8.02 -2.01
C ASP A 61 8.38 6.73 -1.71
N PHE A 62 7.95 5.66 -2.38
CA PHE A 62 8.56 4.33 -2.19
C PHE A 62 7.91 3.30 -3.14
N ASN A 63 7.31 3.77 -4.23
CA ASN A 63 6.62 2.89 -5.18
C ASN A 63 5.55 2.07 -4.47
N GLY A 64 4.82 2.70 -3.59
CA GLY A 64 3.79 1.98 -2.89
C GLY A 64 2.49 2.72 -2.82
N ALA A 65 1.62 2.22 -1.97
CA ALA A 65 0.32 2.80 -1.77
C ALA A 65 -0.11 2.54 -0.34
N ILE A 66 -0.96 3.40 0.20
CA ILE A 66 -1.41 3.23 1.56
C ILE A 66 -2.92 2.95 1.55
N ILE A 67 -3.33 1.86 2.18
CA ILE A 67 -4.72 1.41 2.14
C ILE A 67 -5.21 0.86 3.46
N ILE A 68 -6.37 1.35 3.84
CA ILE A 68 -7.11 0.84 4.99
C ILE A 68 -8.21 -0.01 4.39
N PHE A 69 -8.04 -1.33 4.22
CA PHE A 69 -9.14 -2.12 3.65
C PHE A 69 -10.39 -1.85 4.47
N ARG A 70 -10.43 -2.34 5.68
CA ARG A 70 -11.57 -2.10 6.55
C ARG A 70 -11.18 -2.25 8.00
N ASP A 71 -10.31 -3.20 8.26
CA ASP A 71 -9.89 -3.47 9.64
C ASP A 71 -8.48 -4.04 9.71
N SER A 72 -7.87 -3.87 10.87
CA SER A 72 -6.51 -4.31 11.13
C SER A 72 -6.31 -5.81 10.92
N LYS A 73 -7.26 -6.64 11.37
CA LYS A 73 -7.16 -8.08 11.21
C LYS A 73 -7.14 -8.49 9.74
N PHE A 74 -8.02 -7.86 8.98
CA PHE A 74 -8.17 -8.17 7.57
C PHE A 74 -7.00 -7.60 6.78
N ALA A 75 -6.51 -6.45 7.23
CA ALA A 75 -5.39 -5.79 6.58
C ALA A 75 -4.13 -6.63 6.61
N ALA A 76 -3.88 -7.26 7.75
CA ALA A 76 -2.67 -8.04 7.91
C ALA A 76 -2.86 -9.37 7.21
N LYS A 77 -4.06 -9.91 7.36
CA LYS A 77 -4.44 -11.17 6.74
C LYS A 77 -4.41 -11.03 5.22
N MET A 78 -4.80 -9.86 4.73
CA MET A 78 -4.85 -9.65 3.29
C MET A 78 -3.46 -9.33 2.79
N LEU A 79 -2.66 -8.68 3.61
CA LEU A 79 -1.28 -8.39 3.24
C LEU A 79 -0.58 -9.73 2.95
N MET A 80 -0.79 -10.71 3.83
CA MET A 80 -0.18 -12.02 3.67
C MET A 80 -0.75 -12.80 2.46
N ILE A 81 -2.06 -12.73 2.25
CA ILE A 81 -2.68 -13.48 1.14
C ILE A 81 -2.55 -12.77 -0.22
N LEU A 82 -2.60 -11.46 -0.20
CA LEU A 82 -2.52 -10.64 -1.41
C LEU A 82 -1.10 -10.59 -1.94
N ASN A 83 -0.18 -10.22 -1.07
CA ASN A 83 1.21 -10.07 -1.46
C ASN A 83 1.87 -11.40 -1.75
N GLY A 84 3.12 -11.37 -2.20
CA GLY A 84 3.78 -12.59 -2.61
C GLY A 84 3.17 -13.03 -3.92
N SER A 85 2.86 -12.03 -4.74
CA SER A 85 2.21 -12.29 -6.02
C SER A 85 3.18 -12.19 -7.19
N GLN A 86 2.75 -12.69 -8.34
CA GLN A 86 3.55 -12.66 -9.55
C GLN A 86 2.88 -11.76 -10.58
N PHE A 87 3.52 -10.64 -10.89
CA PHE A 87 2.97 -9.68 -11.84
C PHE A 87 3.99 -9.36 -12.95
N GLN A 88 3.61 -9.69 -14.19
CA GLN A 88 4.43 -9.46 -15.41
C GLN A 88 5.93 -9.75 -15.21
N GLY A 89 6.24 -10.86 -14.54
CA GLY A 89 7.63 -11.24 -14.32
C GLY A 89 8.26 -10.51 -13.16
N LYS A 90 7.47 -10.31 -12.13
CA LYS A 90 7.91 -9.62 -10.94
C LYS A 90 7.10 -10.08 -9.75
N VAL A 91 7.69 -10.09 -8.57
CA VAL A 91 6.98 -10.50 -7.39
C VAL A 91 6.67 -9.25 -6.57
N ILE A 92 5.40 -9.03 -6.30
CA ILE A 92 4.98 -7.86 -5.54
C ILE A 92 4.74 -8.23 -4.08
N ARG A 93 5.01 -7.27 -3.19
CA ARG A 93 4.91 -7.52 -1.74
C ARG A 93 4.44 -6.29 -0.98
N SER A 94 4.28 -6.41 0.34
CA SER A 94 3.82 -5.26 1.11
C SER A 94 4.36 -5.29 2.53
N GLY A 95 3.99 -4.26 3.26
CA GLY A 95 4.36 -4.09 4.64
C GLY A 95 3.67 -2.87 5.15
N THR A 96 4.17 -2.23 6.17
CA THR A 96 3.54 -1.01 6.62
C THR A 96 4.49 0.17 6.44
N ILE A 97 4.56 1.05 7.43
CA ILE A 97 5.40 2.24 7.32
C ILE A 97 6.87 1.94 7.55
N ASN A 98 7.16 1.13 8.53
CA ASN A 98 8.55 0.82 8.82
C ASN A 98 9.10 -0.05 7.71
N ASP A 99 8.28 -0.99 7.26
CA ASP A 99 8.65 -1.89 6.19
C ASP A 99 8.77 -1.14 4.88
N MET A 100 8.08 0.00 4.79
CA MET A 100 8.12 0.82 3.57
C MET A 100 9.42 1.59 3.57
N LYS A 101 9.80 2.03 4.76
CA LYS A 101 11.03 2.78 4.98
C LYS A 101 12.23 1.89 4.69
N ARG A 102 12.11 0.62 4.99
CA ARG A 102 13.19 -0.31 4.73
C ARG A 102 13.29 -0.58 3.25
N TYR A 103 12.16 -0.97 2.69
CA TYR A 103 12.07 -1.24 1.28
C TYR A 103 12.66 -0.06 0.56
N TYR A 104 12.15 1.11 0.94
CA TYR A 104 12.57 2.37 0.38
C TYR A 104 14.09 2.53 0.42
N ASN A 105 14.71 2.20 1.55
CA ASN A 105 16.16 2.28 1.66
C ASN A 105 16.78 1.50 0.50
N ASN A 106 16.35 0.26 0.34
CA ASN A 106 16.81 -0.60 -0.77
C ASN A 106 16.38 -0.03 -2.14
N GLN A 107 15.35 0.80 -2.16
CA GLN A 107 14.86 1.39 -3.39
C GLN A 107 15.78 2.53 -3.83
N GLN A 108 16.12 3.39 -2.88
CA GLN A 108 17.03 4.50 -3.14
C GLN A 108 18.43 4.01 -3.53
N ASN A 109 18.89 2.95 -2.88
CA ASN A 109 20.22 2.42 -3.18
C ASN A 109 20.12 0.98 -3.69
N PHE A 2 -7.63 15.43 4.19
CA PHE A 2 -8.42 15.26 2.95
C PHE A 2 -7.52 15.28 1.71
N LEU A 3 -6.44 16.05 1.79
CA LEU A 3 -5.52 16.17 0.67
C LEU A 3 -4.50 15.02 0.68
N GLU A 4 -4.43 14.30 -0.44
CA GLU A 4 -3.52 13.17 -0.60
C GLU A 4 -2.13 13.41 -0.05
N ARG A 5 -1.40 14.36 -0.65
CA ARG A 5 -0.02 14.65 -0.24
C ARG A 5 0.09 14.89 1.27
N ASN A 6 -0.91 15.54 1.83
CA ASN A 6 -0.91 15.87 3.24
C ASN A 6 -1.10 14.59 4.05
N GLU A 7 -1.95 13.70 3.55
CA GLU A 7 -2.20 12.44 4.21
C GLU A 7 -1.07 11.47 3.98
N VAL A 8 -0.48 11.41 2.78
CA VAL A 8 0.60 10.45 2.55
C VAL A 8 1.74 10.78 3.51
N LYS A 9 1.98 12.08 3.71
CA LYS A 9 3.04 12.53 4.61
C LYS A 9 2.65 12.24 6.06
N ARG A 10 1.49 12.77 6.45
CA ARG A 10 0.95 12.62 7.80
C ARG A 10 0.75 11.15 8.19
N LEU A 11 0.50 10.29 7.22
CA LEU A 11 0.24 8.88 7.49
C LEU A 11 1.55 8.13 7.60
N LEU A 12 2.50 8.54 6.76
CA LEU A 12 3.82 7.94 6.73
C LEU A 12 4.54 8.15 8.04
N ALA A 13 4.39 9.35 8.57
CA ALA A 13 5.03 9.74 9.82
C ALA A 13 4.19 9.44 11.05
N SER A 14 2.87 9.32 10.87
CA SER A 14 1.96 9.03 11.98
C SER A 14 2.51 7.96 12.93
N ARG A 15 2.44 8.23 14.22
CA ARG A 15 2.94 7.29 15.21
C ARG A 15 1.77 6.44 15.72
N ASN A 16 0.57 6.86 15.35
CA ASN A 16 -0.65 6.17 15.74
C ASN A 16 -0.69 4.76 15.15
N SER A 17 -0.45 3.75 15.97
CA SER A 17 -0.45 2.38 15.50
C SER A 17 -1.87 1.83 15.34
N LYS A 18 -2.88 2.60 15.76
CA LYS A 18 -4.26 2.17 15.58
C LYS A 18 -4.58 2.34 14.10
N GLU A 19 -3.87 3.28 13.51
CA GLU A 19 -3.99 3.58 12.11
C GLU A 19 -3.20 2.55 11.32
N LEU A 20 -1.90 2.40 11.64
CA LEU A 20 -1.02 1.46 10.97
C LEU A 20 -1.40 0.01 11.24
N GLU A 21 -2.44 -0.15 12.02
CA GLU A 21 -3.02 -1.45 12.24
C GLU A 21 -4.16 -1.57 11.22
N THR A 22 -5.10 -0.61 11.24
CA THR A 22 -6.18 -0.56 10.24
C THR A 22 -5.65 -0.08 8.87
N LEU A 23 -4.36 -0.25 8.66
CA LEU A 23 -3.74 0.20 7.42
C LEU A 23 -2.35 -0.35 7.29
N ILE A 24 -1.89 -0.38 6.05
CA ILE A 24 -0.57 -0.87 5.72
C ILE A 24 -0.12 -0.13 4.47
N CYS A 25 1.10 -0.37 4.04
CA CYS A 25 1.63 0.26 2.87
C CYS A 25 2.02 -0.84 1.90
N LEU A 26 1.28 -0.91 0.80
CA LEU A 26 1.50 -1.91 -0.21
C LEU A 26 2.73 -1.55 -0.99
N PHE A 27 3.54 -2.53 -1.35
CA PHE A 27 4.74 -2.24 -2.13
C PHE A 27 4.78 -3.10 -3.39
N PRO A 28 3.84 -2.85 -4.31
CA PRO A 28 3.77 -3.53 -5.57
C PRO A 28 3.98 -2.64 -6.77
N LEU A 29 4.88 -1.69 -6.67
CA LEU A 29 5.13 -0.85 -7.80
C LEU A 29 6.58 -0.86 -8.23
N SER A 30 6.70 -0.91 -9.53
CA SER A 30 7.97 -0.97 -10.24
C SER A 30 8.50 0.43 -10.56
N ASP A 31 9.62 0.48 -11.27
CA ASP A 31 10.20 1.75 -11.69
C ASP A 31 9.53 2.23 -12.98
N LYS A 32 8.67 1.38 -13.53
CA LYS A 32 7.97 1.65 -14.79
C LYS A 32 6.45 1.61 -14.62
N VAL A 33 5.95 2.00 -13.47
CA VAL A 33 4.55 1.96 -13.20
C VAL A 33 3.87 3.33 -13.31
N SER A 34 2.56 3.30 -13.08
CA SER A 34 1.73 4.49 -13.11
C SER A 34 0.66 4.39 -12.01
N PRO A 35 0.56 5.42 -11.16
CA PRO A 35 -0.41 5.48 -10.04
C PRO A 35 -1.80 4.91 -10.36
N SER A 36 -2.41 5.41 -11.42
CA SER A 36 -3.75 4.99 -11.82
C SER A 36 -3.79 3.52 -12.23
N LEU A 37 -2.73 3.04 -12.86
CA LEU A 37 -2.66 1.66 -13.31
C LEU A 37 -2.76 0.69 -12.12
N ILE A 38 -2.17 1.08 -11.01
CA ILE A 38 -2.20 0.22 -9.84
C ILE A 38 -3.59 0.20 -9.29
N CYS A 39 -4.23 1.37 -9.22
CA CYS A 39 -5.58 1.44 -8.70
C CYS A 39 -6.47 0.47 -9.45
N GLN A 40 -6.39 0.48 -10.79
CA GLN A 40 -7.17 -0.43 -11.61
C GLN A 40 -6.92 -1.86 -11.13
N PHE A 41 -5.66 -2.28 -11.19
CA PHE A 41 -5.21 -3.61 -10.76
C PHE A 41 -5.55 -3.88 -9.30
N LEU A 42 -5.65 -2.84 -8.49
CA LEU A 42 -5.95 -3.03 -7.08
C LEU A 42 -7.42 -3.34 -6.95
N GLN A 43 -8.19 -2.69 -7.78
CA GLN A 43 -9.63 -2.92 -7.82
C GLN A 43 -9.86 -4.16 -8.66
N GLU A 44 -8.83 -4.52 -9.43
CA GLU A 44 -8.86 -5.69 -10.28
C GLU A 44 -8.72 -6.97 -9.46
N GLU A 45 -7.70 -6.97 -8.61
CA GLU A 45 -7.35 -8.14 -7.79
C GLU A 45 -7.72 -7.97 -6.31
N ILE A 46 -7.41 -6.80 -5.76
CA ILE A 46 -7.67 -6.49 -4.35
C ILE A 46 -9.15 -6.21 -4.12
N HIS A 47 -9.90 -6.16 -5.21
CA HIS A 47 -11.35 -5.93 -5.18
C HIS A 47 -11.71 -4.68 -4.40
N ILE A 48 -10.79 -3.73 -4.35
CA ILE A 48 -11.02 -2.50 -3.64
C ILE A 48 -12.14 -1.70 -4.30
N ASN A 49 -13.05 -1.28 -3.46
CA ASN A 49 -14.19 -0.49 -3.87
C ASN A 49 -14.50 0.50 -2.75
N GLU A 50 -15.67 1.11 -2.78
CA GLU A 50 -16.06 2.08 -1.76
C GLU A 50 -16.24 1.43 -0.39
N LYS A 51 -16.53 0.13 -0.37
CA LYS A 51 -16.75 -0.56 0.91
C LYS A 51 -15.54 -1.39 1.36
N ASP A 52 -14.79 -1.98 0.42
CA ASP A 52 -13.63 -2.82 0.79
C ASP A 52 -12.48 -2.00 1.29
N ILE A 53 -12.42 -0.76 0.84
CA ILE A 53 -11.39 0.14 1.22
C ILE A 53 -11.98 1.36 1.91
N ARG A 54 -11.36 1.78 2.99
CA ARG A 54 -11.81 2.94 3.71
C ARG A 54 -11.25 4.19 3.00
N LYS A 55 -10.01 4.02 2.53
CA LYS A 55 -9.29 5.08 1.84
C LYS A 55 -8.10 4.48 1.10
N ILE A 56 -7.77 5.09 -0.02
CA ILE A 56 -6.68 4.63 -0.84
C ILE A 56 -5.80 5.81 -1.24
N LEU A 57 -4.48 5.63 -1.18
CA LEU A 57 -3.53 6.66 -1.53
C LEU A 57 -2.29 6.01 -2.13
N LEU A 58 -1.71 6.58 -3.18
CA LEU A 58 -0.54 5.97 -3.80
C LEU A 58 0.72 6.74 -3.39
N VAL A 59 1.80 6.00 -3.19
CA VAL A 59 3.07 6.58 -2.74
C VAL A 59 4.19 6.39 -3.77
N SER A 60 4.50 7.41 -4.58
CA SER A 60 5.55 7.27 -5.59
C SER A 60 6.95 7.77 -5.17
N ASP A 61 7.22 7.90 -3.87
CA ASP A 61 8.54 8.37 -3.43
C ASP A 61 9.29 7.21 -2.75
N PHE A 62 8.67 6.05 -2.93
CA PHE A 62 9.15 4.76 -2.38
C PHE A 62 8.53 3.66 -3.23
N ASN A 63 7.34 3.97 -3.72
CA ASN A 63 6.57 3.17 -4.63
C ASN A 63 5.73 2.14 -3.94
N GLY A 64 4.68 2.61 -3.32
CA GLY A 64 3.76 1.73 -2.68
C GLY A 64 2.38 2.31 -2.66
N ALA A 65 1.55 1.86 -1.76
CA ALA A 65 0.21 2.39 -1.66
C ALA A 65 -0.30 2.30 -0.23
N ILE A 66 -0.63 3.44 0.33
CA ILE A 66 -1.16 3.51 1.67
C ILE A 66 -2.64 3.21 1.58
N ILE A 67 -3.06 2.16 2.27
CA ILE A 67 -4.43 1.68 2.23
C ILE A 67 -4.92 1.22 3.60
N ILE A 68 -6.12 1.69 3.91
CA ILE A 68 -6.84 1.30 5.09
C ILE A 68 -8.00 0.42 4.59
N PHE A 69 -7.82 -0.90 4.48
CA PHE A 69 -8.92 -1.77 4.03
C PHE A 69 -10.17 -1.56 4.90
N ARG A 70 -10.29 -2.31 6.00
CA ARG A 70 -11.47 -2.19 6.88
C ARG A 70 -11.16 -2.49 8.34
N ASP A 71 -9.88 -2.71 8.61
CA ASP A 71 -9.40 -3.01 10.00
C ASP A 71 -8.03 -3.68 10.03
N SER A 72 -7.46 -3.68 11.23
CA SER A 72 -6.17 -4.27 11.49
C SER A 72 -6.10 -5.73 11.06
N LYS A 73 -7.08 -6.53 11.48
CA LYS A 73 -7.12 -7.94 11.17
C LYS A 73 -7.18 -8.18 9.67
N PHE A 74 -7.93 -7.35 8.98
CA PHE A 74 -8.13 -7.52 7.55
C PHE A 74 -6.98 -6.91 6.76
N ALA A 75 -6.44 -5.79 7.22
CA ALA A 75 -5.34 -5.13 6.54
C ALA A 75 -4.09 -6.00 6.58
N ALA A 76 -3.89 -6.67 7.71
CA ALA A 76 -2.72 -7.50 7.86
C ALA A 76 -2.96 -8.85 7.19
N LYS A 77 -4.21 -9.31 7.28
CA LYS A 77 -4.60 -10.57 6.67
C LYS A 77 -4.55 -10.47 5.15
N MET A 78 -4.91 -9.31 4.60
CA MET A 78 -4.93 -9.17 3.16
C MET A 78 -3.50 -8.94 2.70
N LEU A 79 -2.73 -8.23 3.51
CA LEU A 79 -1.31 -8.03 3.24
C LEU A 79 -0.65 -9.39 2.99
N MET A 80 -0.87 -10.31 3.91
CA MET A 80 -0.27 -11.64 3.81
C MET A 80 -0.84 -12.46 2.63
N ILE A 81 -2.14 -12.34 2.36
CA ILE A 81 -2.75 -13.12 1.28
C ILE A 81 -2.51 -12.53 -0.13
N LEU A 82 -2.52 -11.22 -0.27
CA LEU A 82 -2.36 -10.60 -1.58
C LEU A 82 -0.89 -10.43 -1.97
N ASN A 83 -0.04 -10.07 -1.03
CA ASN A 83 1.36 -9.85 -1.35
C ASN A 83 2.14 -11.13 -1.61
N GLY A 84 3.42 -10.99 -1.96
CA GLY A 84 4.25 -12.13 -2.34
C GLY A 84 3.82 -12.66 -3.68
N SER A 85 3.15 -11.80 -4.43
CA SER A 85 2.61 -12.20 -5.73
C SER A 85 3.56 -11.95 -6.91
N GLN A 86 3.13 -12.43 -8.07
CA GLN A 86 3.89 -12.32 -9.30
C GLN A 86 3.08 -11.54 -10.34
N PHE A 87 3.37 -10.26 -10.48
CA PHE A 87 2.65 -9.41 -11.42
C PHE A 87 3.62 -8.58 -12.24
N GLN A 88 3.33 -8.47 -13.55
CA GLN A 88 4.17 -7.70 -14.48
C GLN A 88 5.58 -8.28 -14.54
N GLY A 89 5.69 -9.58 -14.28
CA GLY A 89 6.97 -10.26 -14.31
C GLY A 89 7.81 -9.96 -13.08
N LYS A 90 7.21 -9.31 -12.09
CA LYS A 90 7.90 -8.96 -10.86
C LYS A 90 7.15 -9.52 -9.66
N VAL A 91 7.80 -9.51 -8.50
CA VAL A 91 7.17 -10.00 -7.28
C VAL A 91 6.78 -8.82 -6.41
N ILE A 92 5.51 -8.73 -6.08
CA ILE A 92 5.03 -7.62 -5.27
C ILE A 92 4.83 -8.05 -3.81
N ARG A 93 5.19 -7.14 -2.90
CA ARG A 93 5.13 -7.42 -1.45
C ARG A 93 4.59 -6.20 -0.70
N SER A 94 4.42 -6.31 0.62
CA SER A 94 3.92 -5.18 1.39
C SER A 94 4.38 -5.22 2.84
N GLY A 95 3.95 -4.21 3.57
CA GLY A 95 4.25 -4.08 4.97
C GLY A 95 3.52 -2.86 5.47
N THR A 96 3.94 -2.25 6.57
CA THR A 96 3.31 -1.03 6.98
C THR A 96 4.26 0.13 6.72
N ILE A 97 4.41 1.07 7.65
CA ILE A 97 5.28 2.21 7.39
C ILE A 97 6.78 1.87 7.51
N ASN A 98 7.16 1.11 8.52
CA ASN A 98 8.57 0.79 8.69
C ASN A 98 8.99 -0.23 7.66
N ASP A 99 8.09 -1.16 7.42
CA ASP A 99 8.29 -2.23 6.45
C ASP A 99 8.42 -1.66 5.04
N MET A 100 7.76 -0.53 4.78
CA MET A 100 7.81 0.07 3.46
C MET A 100 9.15 0.78 3.30
N LYS A 101 9.63 1.35 4.40
CA LYS A 101 10.92 2.01 4.43
C LYS A 101 12.04 1.02 4.10
N ARG A 102 11.96 -0.17 4.65
CA ARG A 102 12.96 -1.19 4.36
C ARG A 102 12.86 -1.61 2.91
N TYR A 103 11.63 -1.86 2.50
CA TYR A 103 11.34 -2.27 1.15
C TYR A 103 11.82 -1.22 0.18
N TYR A 104 11.68 0.03 0.59
CA TYR A 104 12.11 1.17 -0.21
C TYR A 104 13.63 1.12 -0.38
N ASN A 105 14.33 0.78 0.69
CA ASN A 105 15.78 0.63 0.62
C ASN A 105 16.10 -0.29 -0.55
N ASN A 106 15.39 -1.42 -0.58
CA ASN A 106 15.52 -2.39 -1.68
C ASN A 106 15.12 -1.77 -3.03
N GLN A 107 14.12 -0.91 -3.00
CA GLN A 107 13.62 -0.24 -4.20
C GLN A 107 14.65 0.70 -4.81
N GLN A 108 15.07 1.70 -4.04
CA GLN A 108 16.04 2.68 -4.52
C GLN A 108 17.38 2.03 -4.90
N ASN A 109 17.82 1.05 -4.15
CA ASN A 109 19.09 0.40 -4.45
C ASN A 109 18.92 -1.07 -4.78
N PHE A 2 -4.47 20.19 2.36
CA PHE A 2 -4.76 18.75 2.49
C PHE A 2 -4.57 18.03 1.17
N LEU A 3 -3.52 17.24 1.11
CA LEU A 3 -3.19 16.50 -0.08
C LEU A 3 -2.71 15.10 0.29
N GLU A 4 -2.95 14.13 -0.58
CA GLU A 4 -2.56 12.73 -0.35
C GLU A 4 -1.12 12.62 0.16
N ARG A 5 -0.18 13.24 -0.53
CA ARG A 5 1.23 13.13 -0.16
C ARG A 5 1.48 13.69 1.24
N ASN A 6 0.68 14.65 1.65
CA ASN A 6 0.82 15.25 2.97
C ASN A 6 0.24 14.30 4.00
N GLU A 7 -0.92 13.74 3.67
CA GLU A 7 -1.58 12.80 4.53
C GLU A 7 -0.75 11.52 4.61
N VAL A 8 -0.18 11.12 3.48
CA VAL A 8 0.69 9.95 3.42
C VAL A 8 1.89 10.21 4.34
N LYS A 9 2.36 11.45 4.32
CA LYS A 9 3.48 11.85 5.17
C LYS A 9 3.08 11.71 6.65
N ARG A 10 2.01 12.39 7.03
CA ARG A 10 1.51 12.34 8.39
C ARG A 10 1.08 10.91 8.77
N LEU A 11 0.75 10.10 7.78
CA LEU A 11 0.34 8.71 8.00
C LEU A 11 1.57 7.86 8.18
N LEU A 12 2.68 8.33 7.64
CA LEU A 12 3.93 7.63 7.71
C LEU A 12 4.53 7.75 9.11
N ALA A 13 4.50 8.98 9.61
CA ALA A 13 5.06 9.31 10.91
C ALA A 13 4.13 8.95 12.06
N SER A 14 2.81 9.01 11.80
CA SER A 14 1.79 8.69 12.81
C SER A 14 2.24 7.61 13.78
N ARG A 15 2.00 7.87 15.03
CA ARG A 15 2.40 6.98 16.09
C ARG A 15 1.30 5.97 16.36
N ASN A 16 0.05 6.38 16.17
CA ASN A 16 -1.11 5.51 16.39
C ASN A 16 -0.94 4.21 15.60
N SER A 17 -0.61 3.13 16.30
CA SER A 17 -0.42 1.85 15.63
C SER A 17 -1.76 1.25 15.25
N LYS A 18 -2.84 1.89 15.68
CA LYS A 18 -4.17 1.44 15.31
C LYS A 18 -4.38 1.81 13.84
N GLU A 19 -3.58 2.76 13.39
CA GLU A 19 -3.60 3.23 12.02
C GLU A 19 -2.88 2.22 11.15
N LEU A 20 -1.63 1.92 11.52
CA LEU A 20 -0.81 0.99 10.82
C LEU A 20 -1.39 -0.43 10.90
N GLU A 21 -2.37 -0.62 11.79
CA GLU A 21 -3.02 -1.90 11.91
C GLU A 21 -4.18 -1.99 10.92
N THR A 22 -5.17 -1.08 11.01
CA THR A 22 -6.27 -1.08 10.05
C THR A 22 -5.75 -1.12 8.63
N LEU A 23 -4.93 -0.15 8.25
CA LEU A 23 -4.37 -0.14 6.92
C LEU A 23 -2.98 -0.75 6.85
N ILE A 24 -2.44 -0.69 5.64
CA ILE A 24 -1.13 -1.23 5.31
C ILE A 24 -0.60 -0.48 4.08
N CYS A 25 0.58 -0.85 3.59
CA CYS A 25 1.22 -0.16 2.48
C CYS A 25 1.99 -1.19 1.68
N LEU A 26 1.45 -1.60 0.56
CA LEU A 26 2.15 -2.61 -0.20
C LEU A 26 2.95 -2.01 -1.34
N PHE A 27 3.98 -2.73 -1.76
CA PHE A 27 4.88 -2.28 -2.81
C PHE A 27 4.72 -3.13 -4.08
N PRO A 28 3.62 -2.97 -4.84
CA PRO A 28 3.43 -3.70 -6.07
C PRO A 28 3.55 -2.83 -7.32
N LEU A 29 3.79 -1.54 -7.15
CA LEU A 29 3.92 -0.69 -8.32
C LEU A 29 5.39 -0.47 -8.68
N SER A 30 5.58 -0.38 -9.98
CA SER A 30 6.89 -0.20 -10.58
C SER A 30 6.84 0.93 -11.61
N ASP A 31 7.95 1.17 -12.29
CA ASP A 31 8.03 2.21 -13.31
C ASP A 31 7.09 1.87 -14.48
N LYS A 32 6.91 0.57 -14.68
CA LYS A 32 6.03 0.05 -15.75
C LYS A 32 4.58 0.22 -15.40
N VAL A 33 4.31 0.66 -14.19
CA VAL A 33 2.95 0.76 -13.73
C VAL A 33 2.49 2.19 -13.49
N SER A 34 1.18 2.32 -13.41
CA SER A 34 0.51 3.60 -13.21
C SER A 34 -0.22 3.61 -11.88
N PRO A 35 -0.25 4.77 -11.20
CA PRO A 35 -0.94 4.92 -9.91
C PRO A 35 -2.42 4.58 -10.02
N SER A 36 -3.05 5.03 -11.11
CA SER A 36 -4.45 4.77 -11.35
C SER A 36 -4.66 3.29 -11.66
N LEU A 37 -3.66 2.69 -12.30
CA LEU A 37 -3.69 1.28 -12.65
C LEU A 37 -3.80 0.44 -11.39
N ILE A 38 -3.11 0.90 -10.34
CA ILE A 38 -3.08 0.19 -9.08
C ILE A 38 -4.49 0.06 -8.49
N CYS A 39 -5.24 1.15 -8.54
CA CYS A 39 -6.59 1.18 -8.03
C CYS A 39 -7.47 0.27 -8.86
N GLN A 40 -7.30 0.32 -10.18
CA GLN A 40 -8.08 -0.55 -11.06
C GLN A 40 -7.85 -2.00 -10.63
N PHE A 41 -6.59 -2.40 -10.63
CA PHE A 41 -6.11 -3.71 -10.21
C PHE A 41 -6.57 -4.06 -8.80
N LEU A 42 -6.74 -3.04 -7.96
CA LEU A 42 -7.18 -3.28 -6.60
C LEU A 42 -8.64 -3.68 -6.65
N GLN A 43 -9.35 -2.99 -7.52
CA GLN A 43 -10.76 -3.25 -7.77
C GLN A 43 -10.88 -4.48 -8.66
N GLU A 44 -9.76 -4.82 -9.31
CA GLU A 44 -9.69 -5.97 -10.19
C GLU A 44 -9.61 -7.26 -9.38
N GLU A 45 -8.60 -7.31 -8.52
CA GLU A 45 -8.30 -8.49 -7.71
C GLU A 45 -9.02 -8.48 -6.36
N ILE A 46 -8.91 -7.37 -5.63
CA ILE A 46 -9.53 -7.25 -4.31
C ILE A 46 -11.00 -6.86 -4.46
N HIS A 47 -11.38 -6.51 -5.68
CA HIS A 47 -12.74 -6.10 -5.98
C HIS A 47 -13.15 -4.94 -5.08
N ILE A 48 -12.19 -4.08 -4.80
CA ILE A 48 -12.42 -2.93 -3.95
C ILE A 48 -13.43 -1.99 -4.60
N ASN A 49 -14.34 -1.54 -3.78
CA ASN A 49 -15.35 -0.60 -4.22
C ASN A 49 -15.33 0.59 -3.29
N GLU A 50 -16.17 1.58 -3.57
CA GLU A 50 -16.22 2.78 -2.77
C GLU A 50 -16.36 2.45 -1.26
N LYS A 51 -17.23 1.52 -0.91
CA LYS A 51 -17.44 1.14 0.49
C LYS A 51 -16.32 0.26 1.08
N ASP A 52 -15.70 -0.62 0.29
CA ASP A 52 -14.67 -1.52 0.83
C ASP A 52 -13.35 -0.83 1.09
N ILE A 53 -13.11 0.32 0.49
CA ILE A 53 -11.87 1.03 0.71
C ILE A 53 -12.16 2.31 1.48
N ARG A 54 -11.38 2.58 2.51
CA ARG A 54 -11.58 3.79 3.29
C ARG A 54 -11.01 4.96 2.49
N LYS A 55 -9.92 4.66 1.78
CA LYS A 55 -9.21 5.62 0.95
C LYS A 55 -8.01 4.91 0.31
N ILE A 56 -7.58 5.38 -0.86
CA ILE A 56 -6.44 4.79 -1.54
C ILE A 56 -5.44 5.89 -1.86
N LEU A 57 -4.35 5.92 -1.12
CA LEU A 57 -3.32 6.92 -1.38
C LEU A 57 -2.14 6.27 -2.06
N LEU A 58 -1.66 6.92 -3.13
CA LEU A 58 -0.56 6.39 -3.90
C LEU A 58 0.73 6.86 -3.28
N VAL A 59 1.63 5.94 -3.10
CA VAL A 59 2.89 6.19 -2.45
C VAL A 59 4.06 6.11 -3.46
N SER A 60 4.37 7.19 -4.17
CA SER A 60 5.43 7.17 -5.17
C SER A 60 6.78 7.76 -4.66
N ASP A 61 6.92 7.92 -3.35
CA ASP A 61 8.17 8.49 -2.80
C ASP A 61 9.04 7.39 -2.17
N PHE A 62 8.64 6.17 -2.47
CA PHE A 62 9.25 4.94 -1.93
C PHE A 62 8.40 3.76 -2.36
N ASN A 63 7.85 3.90 -3.57
CA ASN A 63 6.90 2.96 -4.17
C ASN A 63 6.09 2.16 -3.17
N GLY A 64 4.83 2.51 -3.04
CA GLY A 64 3.98 1.84 -2.12
C GLY A 64 2.53 2.15 -2.40
N ALA A 65 1.66 1.53 -1.65
CA ALA A 65 0.24 1.72 -1.78
C ALA A 65 -0.37 1.70 -0.39
N ILE A 66 -0.71 2.87 0.13
CA ILE A 66 -1.26 2.93 1.48
C ILE A 66 -2.78 2.89 1.39
N ILE A 67 -3.36 1.81 1.93
CA ILE A 67 -4.80 1.55 1.88
C ILE A 67 -5.33 1.01 3.18
N ILE A 68 -6.47 1.56 3.57
CA ILE A 68 -7.24 1.09 4.69
C ILE A 68 -8.43 0.35 4.10
N PHE A 69 -8.44 -0.98 3.99
CA PHE A 69 -9.65 -1.63 3.49
C PHE A 69 -10.80 -1.20 4.37
N ARG A 70 -10.92 -1.79 5.53
CA ARG A 70 -11.97 -1.43 6.45
C ARG A 70 -11.60 -1.81 7.88
N ASP A 71 -10.82 -2.87 8.03
CA ASP A 71 -10.40 -3.30 9.36
C ASP A 71 -9.03 -3.92 9.32
N SER A 72 -8.37 -3.82 10.46
CA SER A 72 -7.03 -4.33 10.67
C SER A 72 -6.90 -5.83 10.46
N LYS A 73 -7.94 -6.62 10.74
CA LYS A 73 -7.88 -8.06 10.59
C LYS A 73 -7.62 -8.50 9.14
N PHE A 74 -8.39 -7.97 8.21
CA PHE A 74 -8.28 -8.37 6.82
C PHE A 74 -7.07 -7.74 6.16
N ALA A 75 -6.76 -6.52 6.55
CA ALA A 75 -5.62 -5.79 6.01
C ALA A 75 -4.32 -6.56 6.19
N ALA A 76 -4.07 -6.97 7.43
CA ALA A 76 -2.85 -7.67 7.75
C ALA A 76 -2.92 -9.11 7.23
N LYS A 77 -4.12 -9.68 7.35
CA LYS A 77 -4.36 -11.03 6.88
C LYS A 77 -4.08 -11.12 5.39
N MET A 78 -4.55 -10.13 4.64
CA MET A 78 -4.39 -10.15 3.20
C MET A 78 -3.05 -9.56 2.83
N LEU A 79 -2.42 -8.86 3.75
CA LEU A 79 -1.10 -8.32 3.49
C LEU A 79 -0.13 -9.48 3.32
N MET A 80 -0.12 -10.37 4.30
CA MET A 80 0.75 -11.53 4.28
C MET A 80 0.26 -12.58 3.27
N ILE A 81 -1.06 -12.70 3.12
CA ILE A 81 -1.62 -13.68 2.20
C ILE A 81 -1.52 -13.22 0.73
N LEU A 82 -1.74 -11.94 0.49
CA LEU A 82 -1.73 -11.44 -0.87
C LEU A 82 -0.40 -10.84 -1.31
N ASN A 83 0.11 -9.85 -0.58
CA ASN A 83 1.33 -9.21 -1.03
C ASN A 83 2.63 -9.91 -0.65
N GLY A 84 3.48 -10.00 -1.66
CA GLY A 84 4.80 -10.62 -1.56
C GLY A 84 4.94 -11.70 -2.64
N SER A 85 4.11 -11.59 -3.68
CA SER A 85 4.06 -12.58 -4.76
C SER A 85 4.85 -12.11 -6.00
N GLN A 86 4.32 -12.38 -7.18
CA GLN A 86 5.01 -12.02 -8.42
C GLN A 86 4.04 -11.50 -9.47
N PHE A 87 4.45 -10.45 -10.15
CA PHE A 87 3.66 -9.82 -11.19
C PHE A 87 4.59 -9.04 -12.11
N GLN A 88 4.39 -9.18 -13.43
CA GLN A 88 5.21 -8.49 -14.43
C GLN A 88 6.65 -8.98 -14.38
N GLY A 89 6.83 -10.18 -13.84
CA GLY A 89 8.16 -10.77 -13.73
C GLY A 89 8.92 -10.26 -12.51
N LYS A 90 8.26 -9.43 -11.71
CA LYS A 90 8.85 -8.86 -10.51
C LYS A 90 8.06 -9.31 -9.29
N VAL A 91 8.63 -9.16 -8.10
CA VAL A 91 7.94 -9.54 -6.88
C VAL A 91 7.19 -8.35 -6.33
N ILE A 92 5.90 -8.53 -6.07
CA ILE A 92 5.09 -7.47 -5.51
C ILE A 92 5.00 -7.74 -4.02
N ARG A 93 5.52 -6.78 -3.23
CA ARG A 93 5.63 -6.91 -1.78
C ARG A 93 4.60 -6.12 -0.99
N SER A 94 4.65 -6.26 0.32
CA SER A 94 3.74 -5.60 1.25
C SER A 94 4.36 -5.27 2.58
N GLY A 95 3.83 -4.27 3.22
CA GLY A 95 4.27 -3.95 4.55
C GLY A 95 3.65 -2.66 4.98
N THR A 96 4.15 -2.03 6.00
CA THR A 96 3.60 -0.74 6.37
C THR A 96 4.64 0.36 6.18
N ILE A 97 4.72 1.34 7.06
CA ILE A 97 5.65 2.46 6.87
C ILE A 97 7.07 2.03 6.91
N ASN A 98 7.42 1.36 7.98
CA ASN A 98 8.77 0.96 8.18
C ASN A 98 9.20 0.02 7.07
N ASP A 99 8.27 -0.83 6.68
CA ASP A 99 8.50 -1.80 5.62
C ASP A 99 8.69 -1.08 4.28
N MET A 100 8.05 0.08 4.14
CA MET A 100 8.15 0.86 2.91
C MET A 100 9.51 1.51 2.88
N LYS A 101 9.89 2.07 4.01
CA LYS A 101 11.15 2.76 4.18
C LYS A 101 12.32 1.80 3.98
N ARG A 102 12.11 0.54 4.33
CA ARG A 102 13.14 -0.45 4.16
C ARG A 102 13.29 -0.83 2.71
N TYR A 103 12.16 -1.17 2.12
CA TYR A 103 12.10 -1.51 0.73
C TYR A 103 12.72 -0.38 -0.07
N TYR A 104 12.37 0.83 0.38
CA TYR A 104 12.86 2.05 -0.20
C TYR A 104 14.37 2.13 -0.16
N ASN A 105 14.96 1.75 0.97
CA ASN A 105 16.41 1.73 1.09
C ASN A 105 16.97 0.86 -0.04
N ASN A 106 16.39 -0.32 -0.20
CA ASN A 106 16.77 -1.24 -1.28
C ASN A 106 16.48 -0.60 -2.65
N GLN A 107 15.53 0.32 -2.70
CA GLN A 107 15.17 0.99 -3.95
C GLN A 107 16.22 2.05 -4.31
N GLN A 108 16.57 2.88 -3.34
CA GLN A 108 17.56 3.92 -3.54
C GLN A 108 18.91 3.34 -3.93
N ASN A 109 19.44 2.47 -3.08
CA ASN A 109 20.74 1.87 -3.33
C ASN A 109 20.60 0.42 -3.78
#